data_2M7A
#
_entry.id   2M7A
#
loop_
_entity.id
_entity.type
_entity.pdbx_description
1 polymer 'Uncharacterized protein'
2 non-polymer 'ZINC ION'
#
_entity_poly.entity_id   1
_entity_poly.type   'polypeptide(L)'
_entity_poly.pdbx_seq_one_letter_code
;GSMKRGVEMSIHDLCEDQEQWAMQTLMGSGVLARCRIHNDVILDSGNDASSAYKLGTYLYQKDNSCNLFNTLTEARDAIK
DAYESYCGIDDCPQCSKYIDD
;
_entity_poly.pdbx_strand_id   A
#
# COMPACT_ATOMS: atom_id res chain seq x y z
N GLU A 16 -12.21 -6.18 -9.44
CA GLU A 16 -11.27 -5.33 -8.72
C GLU A 16 -11.60 -5.32 -7.24
N ASP A 17 -10.59 -5.03 -6.44
CA ASP A 17 -10.75 -4.99 -4.99
C ASP A 17 -10.73 -3.53 -4.53
N GLN A 18 -11.55 -3.25 -3.52
CA GLN A 18 -11.63 -1.91 -2.98
C GLN A 18 -10.38 -1.59 -2.16
N GLU A 19 -10.05 -2.50 -1.25
CA GLU A 19 -8.89 -2.33 -0.39
C GLU A 19 -7.66 -2.02 -1.23
N GLN A 20 -7.62 -2.61 -2.42
CA GLN A 20 -6.51 -2.41 -3.33
C GLN A 20 -6.53 -0.98 -3.87
N TRP A 21 -7.73 -0.44 -4.00
CA TRP A 21 -7.90 0.91 -4.50
C TRP A 21 -7.26 1.88 -3.50
N ALA A 22 -7.48 1.57 -2.23
CA ALA A 22 -6.94 2.40 -1.16
C ALA A 22 -5.42 2.52 -1.33
N MET A 23 -4.79 1.38 -1.57
CA MET A 23 -3.35 1.33 -1.75
C MET A 23 -2.91 2.35 -2.79
N GLN A 24 -3.78 2.57 -3.77
CA GLN A 24 -3.48 3.53 -4.83
C GLN A 24 -2.80 4.77 -4.27
N THR A 25 -3.58 5.56 -3.56
CA THR A 25 -3.06 6.79 -2.96
C THR A 25 -2.21 6.45 -1.74
N LEU A 26 -2.81 5.74 -0.80
CA LEU A 26 -2.12 5.35 0.41
C LEU A 26 -0.67 5.01 0.08
N MET A 27 -0.51 3.95 -0.71
CA MET A 27 0.82 3.51 -1.11
C MET A 27 1.44 4.48 -2.12
N GLY A 28 0.56 5.12 -2.89
CA GLY A 28 1.01 6.06 -3.90
C GLY A 28 1.63 7.30 -3.25
N SER A 29 1.49 7.38 -1.93
CA SER A 29 2.03 8.50 -1.19
C SER A 29 3.56 8.50 -1.28
N GLY A 30 4.08 7.42 -1.83
CA GLY A 30 5.52 7.29 -1.97
C GLY A 30 6.11 6.43 -0.84
N VAL A 31 5.22 5.83 -0.07
CA VAL A 31 5.64 4.99 1.04
C VAL A 31 6.20 3.68 0.50
N LEU A 32 5.47 3.10 -0.45
CA LEU A 32 5.87 1.85 -1.05
C LEU A 32 6.42 2.12 -2.45
N ALA A 33 6.87 1.05 -3.11
CA ALA A 33 7.42 1.16 -4.44
C ALA A 33 6.65 0.23 -5.38
N ARG A 34 6.25 0.79 -6.52
CA ARG A 34 5.50 0.02 -7.51
C ARG A 34 6.20 0.09 -8.87
N CYS A 35 6.00 -0.96 -9.65
CA CYS A 35 6.61 -1.03 -10.97
C CYS A 35 5.64 -0.39 -11.97
N ARG A 36 6.20 0.39 -12.88
CA ARG A 36 5.41 1.06 -13.90
C ARG A 36 4.69 0.02 -14.77
N ILE A 37 5.26 -1.17 -14.80
CA ILE A 37 4.68 -2.25 -15.58
C ILE A 37 3.71 -3.05 -14.72
N HIS A 38 3.88 -2.90 -13.41
CA HIS A 38 3.02 -3.60 -12.47
C HIS A 38 2.36 -2.58 -11.52
N ASN A 39 1.09 -2.33 -11.76
CA ASN A 39 0.35 -1.39 -10.93
C ASN A 39 -0.43 -2.16 -9.87
N ASP A 40 -0.42 -3.47 -10.01
CA ASP A 40 -1.12 -4.33 -9.06
C ASP A 40 -0.10 -5.05 -8.18
N VAL A 41 1.12 -4.51 -8.18
CA VAL A 41 2.19 -5.08 -7.38
C VAL A 41 2.61 -4.09 -6.30
N ILE A 42 3.06 -4.63 -5.19
CA ILE A 42 3.48 -3.80 -4.07
C ILE A 42 4.91 -4.21 -3.67
N LEU A 43 5.79 -3.21 -3.63
CA LEU A 43 7.17 -3.45 -3.26
C LEU A 43 7.49 -2.67 -1.98
N ASP A 44 8.32 -3.29 -1.14
CA ASP A 44 8.71 -2.67 0.11
C ASP A 44 9.84 -1.66 -0.15
N SER A 45 9.70 -0.50 0.45
CA SER A 45 10.70 0.55 0.29
C SER A 45 11.45 0.76 1.61
N GLY A 46 10.68 0.76 2.69
CA GLY A 46 11.26 0.96 4.01
C GLY A 46 11.23 2.42 4.41
N ASN A 47 10.23 3.12 3.91
CA ASN A 47 10.06 4.54 4.21
C ASN A 47 9.09 4.70 5.37
N ASP A 48 8.93 5.94 5.80
CA ASP A 48 8.03 6.25 6.89
C ASP A 48 6.66 5.61 6.63
N ALA A 49 6.41 4.51 7.33
CA ALA A 49 5.14 3.80 7.17
C ALA A 49 4.04 4.55 7.90
N SER A 50 4.44 5.24 8.96
CA SER A 50 3.50 6.01 9.75
C SER A 50 2.68 6.94 8.84
N SER A 51 3.39 7.62 7.95
CA SER A 51 2.76 8.54 7.02
C SER A 51 1.76 7.78 6.14
N ALA A 52 2.20 6.62 5.66
CA ALA A 52 1.37 5.79 4.81
C ALA A 52 0.08 5.45 5.54
N TYR A 53 0.24 4.98 6.77
CA TYR A 53 -0.90 4.60 7.57
C TYR A 53 -1.90 5.76 7.69
N LYS A 54 -1.35 6.94 7.97
CA LYS A 54 -2.18 8.13 8.10
C LYS A 54 -2.90 8.40 6.78
N LEU A 55 -2.11 8.39 5.71
CA LEU A 55 -2.66 8.63 4.38
C LEU A 55 -3.75 7.60 4.09
N GLY A 56 -3.53 6.39 4.59
CA GLY A 56 -4.48 5.30 4.39
C GLY A 56 -5.80 5.61 5.09
N THR A 57 -5.70 6.02 6.34
CA THR A 57 -6.88 6.34 7.13
C THR A 57 -7.57 7.58 6.56
N TYR A 58 -6.76 8.49 6.04
CA TYR A 58 -7.28 9.72 5.47
C TYR A 58 -8.18 9.43 4.27
N LEU A 59 -7.65 8.64 3.35
CA LEU A 59 -8.39 8.28 2.15
C LEU A 59 -9.54 7.35 2.54
N TYR A 60 -9.18 6.32 3.30
CA TYR A 60 -10.16 5.34 3.74
C TYR A 60 -11.45 6.03 4.22
N GLN A 61 -11.27 6.99 5.11
CA GLN A 61 -12.40 7.73 5.65
C GLN A 61 -11.90 8.85 6.56
N LYS A 62 -12.66 9.93 6.57
CA LYS A 62 -12.32 11.08 7.40
C LYS A 62 -12.06 10.62 8.83
N ASP A 63 -11.75 11.58 9.69
CA ASP A 63 -11.48 11.29 11.08
C ASP A 63 -12.64 10.48 11.66
N ASN A 64 -12.42 9.17 11.73
CA ASN A 64 -13.44 8.27 12.26
C ASN A 64 -13.13 7.98 13.73
N SER A 65 -12.28 8.82 14.30
CA SER A 65 -11.90 8.66 15.70
C SER A 65 -13.15 8.56 16.58
N CYS A 66 -13.48 7.32 16.94
CA CYS A 66 -14.65 7.07 17.77
C CYS A 66 -14.31 5.95 18.75
N ASN A 67 -15.30 5.55 19.51
CA ASN A 67 -15.12 4.50 20.50
C ASN A 67 -14.63 3.23 19.79
N LEU A 68 -14.58 2.15 20.55
CA LEU A 68 -14.13 0.88 20.01
C LEU A 68 -14.85 0.61 18.69
N PHE A 69 -16.02 1.21 18.54
CA PHE A 69 -16.82 1.04 17.34
C PHE A 69 -15.92 0.99 16.10
N ASN A 70 -15.24 2.10 15.86
CA ASN A 70 -14.35 2.19 14.71
C ASN A 70 -12.94 1.81 15.14
N THR A 71 -12.38 0.83 14.42
CA THR A 71 -11.04 0.37 14.72
C THR A 71 -10.11 0.67 13.54
N LEU A 72 -9.08 1.44 13.82
CA LEU A 72 -8.11 1.81 12.80
C LEU A 72 -7.22 0.60 12.50
N THR A 73 -7.21 -0.32 13.43
CA THR A 73 -6.40 -1.53 13.29
C THR A 73 -6.68 -2.19 11.93
N GLU A 74 -7.91 -2.03 11.48
CA GLU A 74 -8.32 -2.60 10.20
C GLU A 74 -7.44 -2.07 9.08
N ALA A 75 -7.33 -0.76 9.03
CA ALA A 75 -6.53 -0.10 8.01
C ALA A 75 -5.06 -0.51 8.19
N ARG A 76 -4.58 -0.33 9.41
CA ARG A 76 -3.20 -0.67 9.74
C ARG A 76 -2.91 -2.12 9.33
N ASP A 77 -3.91 -2.96 9.51
CA ASP A 77 -3.77 -4.37 9.17
C ASP A 77 -3.82 -4.53 7.65
N ALA A 78 -4.54 -3.62 7.00
CA ALA A 78 -4.68 -3.65 5.56
C ALA A 78 -3.29 -3.45 4.92
N ILE A 79 -2.63 -2.39 5.36
CA ILE A 79 -1.31 -2.07 4.83
C ILE A 79 -0.28 -3.01 5.47
N LYS A 80 -0.50 -3.32 6.73
CA LYS A 80 0.39 -4.19 7.47
C LYS A 80 0.34 -5.60 6.85
N ASP A 81 -0.82 -5.92 6.31
CA ASP A 81 -1.02 -7.22 5.68
C ASP A 81 -0.36 -7.22 4.30
N ALA A 82 -0.70 -6.22 3.52
CA ALA A 82 -0.15 -6.10 2.18
C ALA A 82 1.36 -5.98 2.27
N TYR A 83 1.81 -5.13 3.18
CA TYR A 83 3.24 -4.91 3.37
C TYR A 83 3.94 -6.22 3.78
N GLU A 84 3.36 -6.87 4.78
CA GLU A 84 3.92 -8.12 5.27
C GLU A 84 3.73 -9.23 4.24
N SER A 85 2.72 -9.04 3.39
CA SER A 85 2.42 -10.02 2.36
C SER A 85 3.53 -10.01 1.30
N TYR A 86 3.88 -8.81 0.87
CA TYR A 86 4.92 -8.65 -0.14
C TYR A 86 6.28 -8.37 0.51
N CYS A 87 6.25 -8.23 1.83
CA CYS A 87 7.46 -7.95 2.58
C CYS A 87 8.52 -8.98 2.17
N GLY A 88 9.75 -8.48 2.03
CA GLY A 88 10.85 -9.34 1.65
C GLY A 88 11.21 -9.13 0.17
N ILE A 89 10.48 -8.23 -0.46
CA ILE A 89 10.71 -7.93 -1.87
C ILE A 89 10.92 -6.43 -2.03
N ASP A 90 12.08 -6.08 -2.56
CA ASP A 90 12.41 -4.68 -2.78
C ASP A 90 12.43 -4.39 -4.28
N ASP A 91 12.19 -5.44 -5.06
CA ASP A 91 12.17 -5.32 -6.51
C ASP A 91 11.29 -6.42 -7.10
N CYS A 92 10.39 -6.03 -7.98
CA CYS A 92 9.50 -6.97 -8.62
C CYS A 92 10.34 -8.06 -9.28
N PRO A 93 9.95 -9.34 -9.02
CA PRO A 93 10.66 -10.47 -9.58
C PRO A 93 10.34 -10.63 -11.07
N GLN A 94 9.22 -10.06 -11.46
CA GLN A 94 8.78 -10.14 -12.85
C GLN A 94 9.84 -9.52 -13.77
N CYS A 95 10.27 -8.32 -13.41
CA CYS A 95 11.27 -7.62 -14.19
C CYS A 95 12.57 -8.44 -14.18
N SER A 96 12.78 -9.11 -13.06
CA SER A 96 13.97 -9.95 -12.90
C SER A 96 13.74 -11.30 -13.56
N LYS A 97 12.48 -11.58 -13.86
CA LYS A 97 12.11 -12.84 -14.49
C LYS A 97 11.87 -12.61 -15.98
N TYR A 98 11.82 -11.33 -16.35
CA TYR A 98 11.60 -10.96 -17.74
C TYR A 98 12.66 -9.98 -18.22
N ILE A 99 12.52 -9.57 -19.48
CA ILE A 99 13.45 -8.64 -20.07
C ILE A 99 12.86 -7.23 -20.03
N ASP A 100 13.71 -6.27 -19.72
CA ASP A 100 13.29 -4.88 -19.66
C ASP A 100 13.58 -4.18 -20.98
N ASP A 101 12.53 -4.02 -21.77
CA ASP A 101 12.65 -3.37 -23.07
C ASP A 101 13.34 -2.02 -22.90
N GLU A 16 -9.80 -2.99 -9.59
CA GLU A 16 -10.58 -4.20 -9.53
C GLU A 16 -10.92 -4.55 -8.08
N ASP A 17 -10.60 -3.62 -7.18
CA ASP A 17 -10.86 -3.81 -5.77
C ASP A 17 -11.13 -2.45 -5.12
N GLN A 18 -11.99 -2.48 -4.12
CA GLN A 18 -12.34 -1.26 -3.40
C GLN A 18 -11.20 -0.83 -2.49
N GLU A 19 -10.65 -1.80 -1.78
CA GLU A 19 -9.55 -1.54 -0.86
C GLU A 19 -8.33 -1.05 -1.64
N GLN A 20 -8.16 -1.61 -2.83
CA GLN A 20 -7.03 -1.25 -3.68
C GLN A 20 -7.06 0.25 -3.97
N TRP A 21 -8.27 0.79 -4.03
CA TRP A 21 -8.44 2.20 -4.30
C TRP A 21 -7.60 2.99 -3.28
N ALA A 22 -7.62 2.51 -2.05
CA ALA A 22 -6.85 3.15 -1.00
C ALA A 22 -5.36 3.07 -1.31
N MET A 23 -4.94 1.86 -1.68
CA MET A 23 -3.54 1.64 -2.02
C MET A 23 -3.04 2.67 -3.03
N GLN A 24 -3.96 3.11 -3.88
CA GLN A 24 -3.62 4.10 -4.89
C GLN A 24 -2.82 5.24 -4.27
N THR A 25 -3.52 6.06 -3.51
CA THR A 25 -2.88 7.19 -2.86
C THR A 25 -2.05 6.72 -1.66
N LEU A 26 -2.69 5.96 -0.78
CA LEU A 26 -2.02 5.45 0.40
C LEU A 26 -0.59 5.06 0.03
N MET A 27 -0.48 4.06 -0.84
CA MET A 27 0.82 3.59 -1.28
C MET A 27 1.47 4.57 -2.24
N GLY A 28 0.62 5.28 -2.98
CA GLY A 28 1.10 6.25 -3.94
C GLY A 28 1.79 7.43 -3.24
N SER A 29 1.67 7.43 -1.92
CA SER A 29 2.26 8.48 -1.12
C SER A 29 3.79 8.44 -1.26
N GLY A 30 4.26 7.36 -1.86
CA GLY A 30 5.70 7.18 -2.06
C GLY A 30 6.29 6.29 -0.97
N VAL A 31 5.41 5.76 -0.13
CA VAL A 31 5.84 4.88 0.94
C VAL A 31 6.26 3.53 0.36
N LEU A 32 5.42 3.02 -0.51
CA LEU A 32 5.70 1.73 -1.15
C LEU A 32 6.26 1.97 -2.55
N ALA A 33 6.58 0.87 -3.21
CA ALA A 33 7.14 0.95 -4.56
C ALA A 33 6.28 0.10 -5.50
N ARG A 34 5.91 0.70 -6.62
CA ARG A 34 5.11 0.01 -7.62
C ARG A 34 5.79 0.05 -8.98
N CYS A 35 5.68 -1.06 -9.69
CA CYS A 35 6.28 -1.17 -11.02
C CYS A 35 5.25 -0.71 -12.04
N ARG A 36 5.74 0.08 -13.00
CA ARG A 36 4.88 0.61 -14.04
C ARG A 36 4.20 -0.54 -14.80
N ILE A 37 4.85 -1.71 -14.74
CA ILE A 37 4.31 -2.88 -15.41
C ILE A 37 3.44 -3.67 -14.43
N HIS A 38 3.65 -3.40 -13.15
CA HIS A 38 2.89 -4.07 -12.11
C HIS A 38 2.13 -3.03 -11.28
N ASN A 39 0.84 -2.96 -11.52
CA ASN A 39 -0.02 -2.02 -10.80
C ASN A 39 -0.70 -2.74 -9.64
N ASP A 40 -0.89 -4.04 -9.83
CA ASP A 40 -1.54 -4.85 -8.82
C ASP A 40 -0.47 -5.41 -7.87
N VAL A 41 0.76 -4.97 -8.08
CA VAL A 41 1.87 -5.41 -7.25
C VAL A 41 2.27 -4.30 -6.29
N ILE A 42 2.65 -4.70 -5.09
CA ILE A 42 3.05 -3.74 -4.07
C ILE A 42 4.44 -4.11 -3.56
N LEU A 43 5.35 -3.16 -3.66
CA LEU A 43 6.71 -3.36 -3.20
C LEU A 43 6.98 -2.48 -1.99
N ASP A 44 7.99 -2.89 -1.22
CA ASP A 44 8.36 -2.14 -0.02
C ASP A 44 9.49 -1.17 -0.36
N SER A 45 9.36 0.05 0.14
CA SER A 45 10.36 1.08 -0.11
C SER A 45 11.37 1.11 1.05
N GLY A 46 10.84 1.02 2.26
CA GLY A 46 11.67 1.04 3.45
C GLY A 46 11.63 2.42 4.12
N ASN A 47 10.48 3.06 4.01
CA ASN A 47 10.29 4.37 4.61
C ASN A 47 9.28 4.28 5.75
N ASP A 48 9.08 5.41 6.42
CA ASP A 48 8.16 5.46 7.53
C ASP A 48 6.78 5.00 7.06
N ALA A 49 6.44 3.78 7.46
CA ALA A 49 5.15 3.19 7.08
C ALA A 49 4.03 3.94 7.81
N SER A 50 4.40 4.56 8.92
CA SER A 50 3.45 5.31 9.72
C SER A 50 2.70 6.31 8.84
N SER A 51 3.46 6.96 7.96
CA SER A 51 2.89 7.94 7.06
C SER A 51 1.86 7.29 6.16
N ALA A 52 2.27 6.20 5.52
CA ALA A 52 1.39 5.48 4.62
C ALA A 52 0.08 5.16 5.34
N TYR A 53 0.21 4.77 6.60
CA TYR A 53 -0.95 4.45 7.41
C TYR A 53 -1.87 5.66 7.57
N LYS A 54 -1.24 6.79 7.91
CA LYS A 54 -1.98 8.02 8.09
C LYS A 54 -2.72 8.38 6.81
N LEU A 55 -2.00 8.29 5.70
CA LEU A 55 -2.57 8.60 4.40
C LEU A 55 -3.65 7.55 4.07
N GLY A 56 -3.40 6.33 4.52
CA GLY A 56 -4.34 5.25 4.27
C GLY A 56 -5.67 5.50 4.96
N THR A 57 -5.59 5.81 6.25
CA THR A 57 -6.78 6.08 7.03
C THR A 57 -7.45 7.37 6.56
N TYR A 58 -6.61 8.32 6.15
CA TYR A 58 -7.10 9.59 5.67
C TYR A 58 -8.03 9.41 4.47
N LEU A 59 -7.53 8.68 3.48
CA LEU A 59 -8.30 8.43 2.27
C LEU A 59 -9.45 7.47 2.60
N TYR A 60 -9.09 6.38 3.27
CA TYR A 60 -10.07 5.38 3.65
C TYR A 60 -11.31 6.04 4.27
N GLN A 61 -11.07 7.03 5.10
CA GLN A 61 -12.15 7.74 5.76
C GLN A 61 -13.26 6.78 6.16
N LYS A 62 -12.85 5.54 6.45
CA LYS A 62 -13.79 4.51 6.85
C LYS A 62 -14.80 5.11 7.84
N ASP A 63 -14.33 6.10 8.59
CA ASP A 63 -15.18 6.76 9.57
C ASP A 63 -15.04 8.27 9.42
N ASN A 64 -16.15 8.97 9.65
CA ASN A 64 -16.16 10.42 9.55
C ASN A 64 -16.30 11.02 10.95
N SER A 65 -16.71 10.18 11.89
CA SER A 65 -16.88 10.62 13.26
C SER A 65 -16.29 9.59 14.22
N CYS A 66 -15.84 10.07 15.36
CA CYS A 66 -15.25 9.21 16.36
C CYS A 66 -16.32 8.22 16.83
N ASN A 67 -16.07 6.94 16.57
CA ASN A 67 -16.99 5.90 16.95
C ASN A 67 -16.21 4.65 17.38
N LEU A 68 -16.82 3.87 18.25
CA LEU A 68 -16.19 2.65 18.74
C LEU A 68 -16.55 1.48 17.82
N PHE A 69 -17.15 1.83 16.69
CA PHE A 69 -17.56 0.83 15.72
C PHE A 69 -16.44 0.56 14.72
N ASN A 70 -16.05 1.61 14.01
CA ASN A 70 -14.99 1.50 13.02
C ASN A 70 -13.64 1.37 13.73
N THR A 71 -12.84 0.43 13.24
CA THR A 71 -11.53 0.19 13.82
C THR A 71 -10.44 0.52 12.80
N LEU A 72 -9.53 1.40 13.22
CA LEU A 72 -8.44 1.81 12.36
C LEU A 72 -7.49 0.62 12.15
N THR A 73 -7.57 -0.33 13.06
CA THR A 73 -6.74 -1.52 13.00
C THR A 73 -6.89 -2.20 11.63
N GLU A 74 -8.08 -2.09 11.08
CA GLU A 74 -8.38 -2.68 9.79
C GLU A 74 -7.45 -2.11 8.72
N ALA A 75 -7.39 -0.79 8.68
CA ALA A 75 -6.55 -0.10 7.71
C ALA A 75 -5.08 -0.44 7.98
N ARG A 76 -4.69 -0.25 9.23
CA ARG A 76 -3.32 -0.54 9.63
C ARG A 76 -2.96 -1.98 9.30
N ASP A 77 -3.95 -2.85 9.41
CA ASP A 77 -3.75 -4.27 9.13
C ASP A 77 -3.70 -4.46 7.61
N ALA A 78 -4.39 -3.59 6.90
CA ALA A 78 -4.43 -3.67 5.46
C ALA A 78 -3.03 -3.42 4.90
N ILE A 79 -2.44 -2.32 5.34
CA ILE A 79 -1.10 -1.95 4.90
C ILE A 79 -0.08 -2.84 5.59
N LYS A 80 -0.37 -3.17 6.84
CA LYS A 80 0.50 -4.02 7.62
C LYS A 80 0.49 -5.44 7.05
N ASP A 81 -0.64 -5.78 6.45
CA ASP A 81 -0.80 -7.11 5.86
C ASP A 81 -0.04 -7.15 4.53
N ALA A 82 -0.28 -6.15 3.70
CA ALA A 82 0.37 -6.07 2.41
C ALA A 82 1.88 -5.92 2.61
N TYR A 83 2.25 -5.00 3.49
CA TYR A 83 3.64 -4.75 3.79
C TYR A 83 4.34 -6.03 4.26
N GLU A 84 3.70 -6.69 5.22
CA GLU A 84 4.24 -7.93 5.77
C GLU A 84 4.04 -9.08 4.78
N SER A 85 3.05 -8.91 3.92
CA SER A 85 2.75 -9.92 2.91
C SER A 85 3.73 -9.82 1.75
N TYR A 86 4.24 -8.62 1.55
CA TYR A 86 5.18 -8.37 0.46
C TYR A 86 6.56 -8.00 1.02
N CYS A 87 6.64 -7.97 2.34
CA CYS A 87 7.88 -7.63 3.01
C CYS A 87 9.01 -8.42 2.35
N GLY A 88 10.15 -7.76 2.20
CA GLY A 88 11.31 -8.39 1.59
C GLY A 88 11.45 -7.98 0.13
N ILE A 89 10.30 -7.75 -0.50
CA ILE A 89 10.28 -7.35 -1.90
C ILE A 89 10.56 -5.85 -2.00
N ASP A 90 11.82 -5.51 -2.20
CA ASP A 90 12.22 -4.12 -2.31
C ASP A 90 11.95 -3.63 -3.73
N ASP A 91 12.17 -4.52 -4.68
CA ASP A 91 11.95 -4.20 -6.09
C ASP A 91 11.75 -5.49 -6.88
N CYS A 92 10.75 -5.47 -7.74
CA CYS A 92 10.44 -6.62 -8.57
C CYS A 92 11.73 -7.06 -9.28
N PRO A 93 12.26 -8.23 -8.84
CA PRO A 93 13.47 -8.77 -9.42
C PRO A 93 13.20 -9.37 -10.81
N GLN A 94 11.93 -9.57 -11.09
CA GLN A 94 11.52 -10.14 -12.36
C GLN A 94 11.93 -9.21 -13.51
N CYS A 95 11.83 -7.91 -13.23
CA CYS A 95 12.20 -6.91 -14.23
C CYS A 95 13.70 -6.97 -14.46
N SER A 96 14.43 -7.18 -13.38
CA SER A 96 15.88 -7.27 -13.44
C SER A 96 16.29 -8.54 -14.17
N LYS A 97 15.44 -9.56 -14.04
CA LYS A 97 15.71 -10.84 -14.68
C LYS A 97 15.15 -10.82 -16.10
N TYR A 98 14.24 -9.88 -16.33
CA TYR A 98 13.62 -9.75 -17.64
C TYR A 98 14.36 -8.74 -18.50
N ILE A 99 14.99 -9.25 -19.56
CA ILE A 99 15.74 -8.39 -20.46
C ILE A 99 14.78 -7.76 -21.47
N ASP A 100 15.28 -6.73 -22.15
CA ASP A 100 14.48 -6.04 -23.15
C ASP A 100 14.79 -6.60 -24.53
N ASP A 101 13.88 -7.43 -25.01
CA ASP A 101 14.04 -8.04 -26.32
C ASP A 101 13.80 -6.99 -27.40
N GLU A 16 -12.16 -7.37 -0.46
CA GLU A 16 -10.77 -7.80 -0.47
C GLU A 16 -9.98 -7.04 -1.53
N ASP A 17 -10.60 -6.90 -2.70
CA ASP A 17 -9.98 -6.19 -3.80
C ASP A 17 -10.07 -4.68 -3.55
N GLN A 18 -11.10 -4.29 -2.82
CA GLN A 18 -11.32 -2.89 -2.51
C GLN A 18 -10.11 -2.32 -1.77
N GLU A 19 -9.54 -3.16 -0.91
CA GLU A 19 -8.39 -2.76 -0.13
C GLU A 19 -7.31 -2.17 -1.05
N GLN A 20 -7.15 -2.80 -2.20
CA GLN A 20 -6.16 -2.35 -3.17
C GLN A 20 -6.49 -0.93 -3.64
N TRP A 21 -7.78 -0.62 -3.66
CA TRP A 21 -8.23 0.68 -4.09
C TRP A 21 -7.66 1.71 -3.11
N ALA A 22 -7.60 1.32 -1.85
CA ALA A 22 -7.08 2.21 -0.82
C ALA A 22 -5.57 2.36 -1.00
N MET A 23 -4.91 1.23 -1.20
CA MET A 23 -3.47 1.23 -1.39
C MET A 23 -3.05 2.24 -2.46
N GLN A 24 -3.99 2.54 -3.34
CA GLN A 24 -3.75 3.49 -4.41
C GLN A 24 -2.99 4.70 -3.88
N THR A 25 -3.71 5.53 -3.13
CA THR A 25 -3.12 6.73 -2.57
C THR A 25 -2.21 6.37 -1.38
N LEU A 26 -2.78 5.60 -0.47
CA LEU A 26 -2.04 5.18 0.72
C LEU A 26 -0.60 4.86 0.31
N MET A 27 -0.46 3.87 -0.56
CA MET A 27 0.85 3.46 -1.02
C MET A 27 1.46 4.51 -1.96
N GLY A 28 0.57 5.17 -2.70
CA GLY A 28 1.01 6.19 -3.64
C GLY A 28 1.67 7.36 -2.90
N SER A 29 1.52 7.35 -1.59
CA SER A 29 2.10 8.39 -0.76
C SER A 29 3.63 8.38 -0.87
N GLY A 30 4.12 7.33 -1.51
CA GLY A 30 5.55 7.17 -1.69
C GLY A 30 6.14 6.23 -0.64
N VAL A 31 5.25 5.66 0.17
CA VAL A 31 5.67 4.76 1.23
C VAL A 31 6.09 3.43 0.60
N LEU A 32 5.26 2.94 -0.31
CA LEU A 32 5.53 1.69 -0.99
C LEU A 32 6.09 1.97 -2.38
N ALA A 33 6.41 0.89 -3.09
CA ALA A 33 6.95 1.02 -4.43
C ALA A 33 6.10 0.19 -5.39
N ARG A 34 5.87 0.76 -6.56
CA ARG A 34 5.07 0.09 -7.58
C ARG A 34 5.86 -0.02 -8.89
N CYS A 35 6.13 -1.25 -9.28
CA CYS A 35 6.87 -1.50 -10.51
C CYS A 35 6.01 -1.04 -11.69
N ARG A 36 6.62 -0.23 -12.54
CA ARG A 36 5.92 0.28 -13.71
C ARG A 36 5.51 -0.87 -14.62
N ILE A 37 6.20 -1.99 -14.48
CA ILE A 37 5.92 -3.17 -15.28
C ILE A 37 4.68 -3.87 -14.72
N HIS A 38 4.38 -3.56 -13.46
CA HIS A 38 3.23 -4.16 -12.80
C HIS A 38 2.79 -3.26 -11.65
N ASN A 39 1.62 -2.66 -11.81
CA ASN A 39 1.08 -1.77 -10.79
C ASN A 39 0.24 -2.60 -9.81
N ASP A 40 0.03 -3.86 -10.16
CA ASP A 40 -0.74 -4.75 -9.32
C ASP A 40 0.19 -5.43 -8.31
N VAL A 41 1.39 -4.88 -8.21
CA VAL A 41 2.38 -5.42 -7.28
C VAL A 41 2.86 -4.31 -6.35
N ILE A 42 3.33 -4.72 -5.18
CA ILE A 42 3.82 -3.77 -4.20
C ILE A 42 5.27 -4.12 -3.83
N LEU A 43 6.07 -3.09 -3.66
CA LEU A 43 7.46 -3.27 -3.30
C LEU A 43 7.74 -2.60 -1.95
N ASP A 44 8.48 -3.30 -1.11
CA ASP A 44 8.82 -2.78 0.20
C ASP A 44 10.09 -1.94 0.10
N SER A 45 9.91 -0.63 0.16
CA SER A 45 11.04 0.28 0.07
C SER A 45 11.60 0.54 1.48
N GLY A 46 10.71 0.64 2.43
CA GLY A 46 11.10 0.88 3.81
C GLY A 46 10.88 2.35 4.20
N ASN A 47 10.32 3.10 3.26
CA ASN A 47 10.06 4.51 3.49
C ASN A 47 9.14 4.66 4.69
N ASP A 48 9.10 5.88 5.23
CA ASP A 48 8.27 6.16 6.38
C ASP A 48 6.83 5.74 6.09
N ALA A 49 6.42 4.65 6.73
CA ALA A 49 5.08 4.14 6.54
C ALA A 49 4.09 5.01 7.33
N SER A 50 4.65 5.84 8.20
CA SER A 50 3.83 6.71 9.02
C SER A 50 2.89 7.53 8.12
N SER A 51 3.48 8.14 7.10
CA SER A 51 2.71 8.95 6.17
C SER A 51 1.69 8.08 5.45
N ALA A 52 2.04 6.81 5.29
CA ALA A 52 1.15 5.87 4.62
C ALA A 52 -0.04 5.55 5.52
N TYR A 53 0.25 5.43 6.81
CA TYR A 53 -0.79 5.13 7.78
C TYR A 53 -1.71 6.34 7.98
N LYS A 54 -1.10 7.49 8.15
CA LYS A 54 -1.85 8.73 8.35
C LYS A 54 -2.70 8.99 7.12
N LEU A 55 -2.07 8.94 5.96
CA LEU A 55 -2.75 9.18 4.71
C LEU A 55 -3.73 8.02 4.44
N GLY A 56 -3.31 6.83 4.86
CA GLY A 56 -4.13 5.65 4.67
C GLY A 56 -5.48 5.79 5.39
N THR A 57 -5.39 6.10 6.68
CA THR A 57 -6.59 6.26 7.48
C THR A 57 -7.40 7.46 6.99
N TYR A 58 -6.68 8.49 6.56
CA TYR A 58 -7.31 9.70 6.06
C TYR A 58 -8.28 9.39 4.92
N LEU A 59 -7.76 8.63 3.96
CA LEU A 59 -8.57 8.24 2.81
C LEU A 59 -9.59 7.17 3.23
N TYR A 60 -9.09 6.16 3.91
CA TYR A 60 -9.93 5.07 4.37
C TYR A 60 -11.13 5.61 5.15
N GLN A 61 -10.90 6.71 5.85
CA GLN A 61 -11.94 7.33 6.65
C GLN A 61 -12.26 8.72 6.10
N LYS A 62 -13.46 8.83 5.54
CA LYS A 62 -13.90 10.11 4.98
C LYS A 62 -15.05 10.66 5.82
N ASP A 63 -14.96 11.94 6.12
CA ASP A 63 -15.98 12.61 6.92
C ASP A 63 -15.94 12.05 8.34
N ASN A 64 -14.73 11.92 8.86
CA ASN A 64 -14.55 11.41 10.21
C ASN A 64 -15.46 12.17 11.17
N SER A 65 -15.40 13.50 11.07
CA SER A 65 -16.21 14.35 11.92
C SER A 65 -15.94 14.03 13.39
N CYS A 66 -14.69 13.71 13.67
CA CYS A 66 -14.28 13.37 15.03
C CYS A 66 -15.21 12.27 15.55
N ASN A 67 -15.43 11.29 14.70
CA ASN A 67 -16.30 10.17 15.06
C ASN A 67 -15.46 8.90 15.14
N LEU A 68 -14.50 8.80 14.23
CA LEU A 68 -13.63 7.63 14.19
C LEU A 68 -14.47 6.37 14.08
N PHE A 69 -15.47 6.43 13.20
CA PHE A 69 -16.36 5.30 13.00
C PHE A 69 -15.58 4.07 12.52
N ASN A 70 -15.00 4.21 11.34
CA ASN A 70 -14.22 3.12 10.75
C ASN A 70 -12.96 2.90 11.58
N THR A 71 -12.72 1.63 11.90
CA THR A 71 -11.55 1.28 12.69
C THR A 71 -10.28 1.38 11.84
N LEU A 72 -9.28 2.03 12.41
CA LEU A 72 -8.01 2.21 11.71
C LEU A 72 -7.27 0.88 11.69
N THR A 73 -7.65 0.00 12.62
CA THR A 73 -7.02 -1.30 12.71
C THR A 73 -7.18 -2.07 11.39
N GLU A 74 -8.30 -1.82 10.73
CA GLU A 74 -8.59 -2.47 9.45
C GLU A 74 -7.63 -1.97 8.38
N ALA A 75 -7.53 -0.65 8.27
CA ALA A 75 -6.66 -0.04 7.28
C ALA A 75 -5.21 -0.49 7.54
N ARG A 76 -4.82 -0.39 8.81
CA ARG A 76 -3.47 -0.77 9.20
C ARG A 76 -3.24 -2.26 8.93
N ASP A 77 -4.32 -3.03 9.09
CA ASP A 77 -4.25 -4.46 8.87
C ASP A 77 -4.10 -4.74 7.37
N ALA A 78 -4.68 -3.84 6.58
CA ALA A 78 -4.62 -3.98 5.13
C ALA A 78 -3.18 -3.74 4.66
N ILE A 79 -2.63 -2.62 5.10
CA ILE A 79 -1.26 -2.27 4.73
C ILE A 79 -0.28 -3.19 5.47
N LYS A 80 -0.70 -3.63 6.65
CA LYS A 80 0.13 -4.51 7.45
C LYS A 80 0.22 -5.88 6.77
N ASP A 81 -0.91 -6.29 6.20
CA ASP A 81 -0.97 -7.57 5.52
C ASP A 81 -0.26 -7.46 4.16
N ALA A 82 -0.52 -6.35 3.48
CA ALA A 82 0.08 -6.11 2.18
C ALA A 82 1.60 -6.03 2.33
N TYR A 83 2.02 -5.20 3.27
CA TYR A 83 3.44 -5.01 3.53
C TYR A 83 4.10 -6.34 3.89
N GLU A 84 3.48 -7.04 4.84
CA GLU A 84 4.00 -8.32 5.29
C GLU A 84 3.80 -9.38 4.21
N SER A 85 2.82 -9.13 3.35
CA SER A 85 2.52 -10.05 2.27
C SER A 85 3.67 -10.10 1.28
N TYR A 86 4.13 -8.92 0.90
CA TYR A 86 5.24 -8.81 -0.04
C TYR A 86 6.55 -8.50 0.68
N CYS A 87 6.44 -8.33 2.00
CA CYS A 87 7.60 -8.05 2.81
C CYS A 87 8.76 -8.92 2.32
N GLY A 88 9.90 -8.28 2.10
CA GLY A 88 11.08 -8.98 1.64
C GLY A 88 11.37 -8.65 0.17
N ILE A 89 10.31 -8.27 -0.53
CA ILE A 89 10.44 -7.94 -1.94
C ILE A 89 10.33 -6.42 -2.11
N ASP A 90 11.45 -5.80 -2.44
CA ASP A 90 11.48 -4.37 -2.64
C ASP A 90 11.74 -4.05 -4.11
N ASP A 91 12.51 -4.93 -4.74
CA ASP A 91 12.83 -4.77 -6.15
C ASP A 91 12.85 -6.14 -6.83
N CYS A 92 12.47 -6.14 -8.10
CA CYS A 92 12.44 -7.37 -8.86
C CYS A 92 13.85 -7.66 -9.37
N PRO A 93 14.21 -8.97 -9.37
CA PRO A 93 15.52 -9.39 -9.83
C PRO A 93 15.62 -9.33 -11.36
N GLN A 94 14.49 -9.53 -12.00
CA GLN A 94 14.43 -9.50 -13.45
C GLN A 94 14.42 -8.05 -13.95
N CYS A 95 13.53 -7.27 -13.36
CA CYS A 95 13.39 -5.87 -13.73
C CYS A 95 14.76 -5.20 -13.55
N SER A 96 15.50 -5.68 -12.56
CA SER A 96 16.81 -5.14 -12.29
C SER A 96 17.86 -5.85 -13.15
N LYS A 97 17.60 -7.11 -13.44
CA LYS A 97 18.51 -7.90 -14.24
C LYS A 97 18.28 -7.58 -15.71
N TYR A 98 17.26 -6.77 -15.97
CA TYR A 98 16.93 -6.38 -17.33
C TYR A 98 17.95 -5.37 -17.86
N ILE A 99 17.70 -4.93 -19.09
CA ILE A 99 18.58 -3.97 -19.73
C ILE A 99 17.76 -2.79 -20.24
N ASP A 100 18.26 -1.59 -19.97
CA ASP A 100 17.58 -0.38 -20.39
C ASP A 100 18.18 0.09 -21.72
N ASP A 101 17.46 -0.18 -22.79
CA ASP A 101 17.91 0.22 -24.12
C ASP A 101 19.28 -0.37 -24.38
N GLU A 16 -7.41 -4.65 -9.54
CA GLU A 16 -8.52 -5.57 -9.66
C GLU A 16 -9.06 -5.93 -8.28
N ASP A 17 -8.33 -5.51 -7.26
CA ASP A 17 -8.72 -5.78 -5.88
C ASP A 17 -9.11 -4.47 -5.20
N GLN A 18 -10.12 -4.57 -4.34
CA GLN A 18 -10.60 -3.40 -3.63
C GLN A 18 -9.58 -2.98 -2.57
N GLU A 19 -8.94 -3.97 -1.97
CA GLU A 19 -7.94 -3.71 -0.95
C GLU A 19 -6.73 -2.98 -1.56
N GLN A 20 -6.27 -3.52 -2.67
CA GLN A 20 -5.13 -2.94 -3.36
C GLN A 20 -5.51 -1.59 -3.97
N TRP A 21 -6.72 -1.54 -4.51
CA TRP A 21 -7.23 -0.33 -5.13
C TRP A 21 -7.17 0.79 -4.09
N ALA A 22 -7.39 0.41 -2.84
CA ALA A 22 -7.38 1.37 -1.74
C ALA A 22 -5.95 1.88 -1.55
N MET A 23 -4.99 0.98 -1.74
CA MET A 23 -3.59 1.34 -1.60
C MET A 23 -3.21 2.48 -2.54
N GLN A 24 -4.09 2.72 -3.50
CA GLN A 24 -3.85 3.78 -4.47
C GLN A 24 -3.11 4.94 -3.81
N THR A 25 -3.88 5.82 -3.19
CA THR A 25 -3.31 6.98 -2.52
C THR A 25 -2.40 6.54 -1.37
N LEU A 26 -2.97 5.73 -0.49
CA LEU A 26 -2.21 5.23 0.65
C LEU A 26 -0.75 5.02 0.25
N MET A 27 -0.54 3.97 -0.54
CA MET A 27 0.80 3.65 -1.00
C MET A 27 1.35 4.74 -1.92
N GLY A 28 0.43 5.35 -2.67
CA GLY A 28 0.81 6.41 -3.59
C GLY A 28 1.49 7.56 -2.85
N SER A 29 1.32 7.55 -1.53
CA SER A 29 1.92 8.59 -0.71
C SER A 29 3.44 8.51 -0.79
N GLY A 30 3.92 7.42 -1.36
CA GLY A 30 5.36 7.22 -1.52
C GLY A 30 5.91 6.36 -0.38
N VAL A 31 5.01 5.62 0.25
CA VAL A 31 5.40 4.75 1.35
C VAL A 31 6.14 3.53 0.80
N LEU A 32 5.55 2.96 -0.24
CA LEU A 32 6.14 1.78 -0.87
C LEU A 32 6.62 2.15 -2.28
N ALA A 33 7.21 1.17 -2.95
CA ALA A 33 7.70 1.37 -4.30
C ALA A 33 6.99 0.42 -5.25
N ARG A 34 6.50 0.99 -6.34
CA ARG A 34 5.80 0.19 -7.34
C ARG A 34 6.43 0.40 -8.72
N CYS A 35 6.24 -0.59 -9.58
CA CYS A 35 6.78 -0.52 -10.93
C CYS A 35 5.74 0.13 -11.84
N ARG A 36 6.23 1.00 -12.71
CA ARG A 36 5.35 1.70 -13.64
C ARG A 36 4.64 0.70 -14.56
N ILE A 37 5.29 -0.44 -14.74
CA ILE A 37 4.73 -1.48 -15.59
C ILE A 37 3.89 -2.43 -14.74
N HIS A 38 4.14 -2.39 -13.44
CA HIS A 38 3.42 -3.24 -12.50
C HIS A 38 2.66 -2.37 -11.51
N ASN A 39 1.35 -2.28 -11.71
CA ASN A 39 0.51 -1.49 -10.85
C ASN A 39 -0.15 -2.41 -9.81
N ASP A 40 -0.05 -3.71 -10.06
CA ASP A 40 -0.64 -4.70 -9.17
C ASP A 40 0.48 -5.35 -8.36
N VAL A 41 1.63 -4.68 -8.33
CA VAL A 41 2.77 -5.20 -7.60
C VAL A 41 3.16 -4.19 -6.52
N ILE A 42 3.64 -4.72 -5.40
CA ILE A 42 4.06 -3.89 -4.28
C ILE A 42 5.49 -4.22 -3.90
N LEU A 43 6.30 -3.19 -3.78
CA LEU A 43 7.70 -3.36 -3.42
C LEU A 43 7.98 -2.63 -2.10
N ASP A 44 8.89 -3.20 -1.33
CA ASP A 44 9.26 -2.62 -0.05
C ASP A 44 10.41 -1.63 -0.25
N SER A 45 10.14 -0.38 0.10
CA SER A 45 11.15 0.66 -0.03
C SER A 45 11.85 0.88 1.31
N GLY A 46 11.04 0.96 2.36
CA GLY A 46 11.57 1.17 3.69
C GLY A 46 11.38 2.63 4.13
N ASN A 47 10.32 3.23 3.63
CA ASN A 47 10.01 4.62 3.95
C ASN A 47 9.08 4.64 5.18
N ASP A 48 8.87 5.86 5.68
CA ASP A 48 8.01 6.04 6.83
C ASP A 48 6.59 5.60 6.48
N ALA A 49 6.23 4.41 6.95
CA ALA A 49 4.91 3.86 6.70
C ALA A 49 3.87 4.71 7.41
N SER A 50 4.34 5.50 8.36
CA SER A 50 3.46 6.37 9.13
C SER A 50 2.62 7.22 8.18
N SER A 51 3.21 7.54 7.04
CA SER A 51 2.52 8.35 6.05
C SER A 51 1.44 7.52 5.35
N ALA A 52 1.73 6.23 5.19
CA ALA A 52 0.80 5.33 4.56
C ALA A 52 -0.39 5.08 5.49
N TYR A 53 -0.07 4.97 6.78
CA TYR A 53 -1.09 4.73 7.78
C TYR A 53 -1.95 5.98 7.99
N LYS A 54 -1.27 7.11 8.14
CA LYS A 54 -1.96 8.37 8.36
C LYS A 54 -2.79 8.70 7.12
N LEU A 55 -2.14 8.63 5.97
CA LEU A 55 -2.80 8.92 4.71
C LEU A 55 -3.79 7.81 4.38
N GLY A 56 -3.43 6.60 4.80
CA GLY A 56 -4.28 5.45 4.56
C GLY A 56 -5.63 5.60 5.28
N THR A 57 -5.54 5.91 6.57
CA THR A 57 -6.74 6.09 7.37
C THR A 57 -7.53 7.32 6.90
N TYR A 58 -6.79 8.35 6.53
CA TYR A 58 -7.40 9.59 6.07
C TYR A 58 -8.32 9.32 4.87
N LEU A 59 -7.78 8.60 3.89
CA LEU A 59 -8.54 8.29 2.70
C LEU A 59 -9.59 7.22 3.04
N TYR A 60 -9.14 6.18 3.72
CA TYR A 60 -10.02 5.10 4.11
C TYR A 60 -11.27 5.64 4.81
N GLN A 61 -11.09 6.77 5.47
CA GLN A 61 -12.19 7.41 6.18
C GLN A 61 -12.74 8.58 5.38
N LYS A 62 -11.94 9.64 5.31
CA LYS A 62 -12.34 10.83 4.57
C LYS A 62 -13.70 11.31 5.08
N ASP A 63 -13.83 11.32 6.41
CA ASP A 63 -15.05 11.75 7.04
C ASP A 63 -14.83 11.87 8.55
N ASN A 64 -15.60 12.77 9.16
CA ASN A 64 -15.49 12.98 10.59
C ASN A 64 -16.81 12.56 11.26
N SER A 65 -17.74 12.12 10.43
CA SER A 65 -19.04 11.69 10.93
C SER A 65 -18.98 10.21 11.31
N CYS A 66 -17.78 9.66 11.27
CA CYS A 66 -17.57 8.27 11.61
C CYS A 66 -17.86 8.09 13.09
N ASN A 67 -17.90 9.22 13.80
CA ASN A 67 -18.17 9.20 15.22
C ASN A 67 -17.04 8.46 15.94
N LEU A 68 -15.82 8.81 15.57
CA LEU A 68 -14.64 8.19 16.17
C LEU A 68 -14.90 6.69 16.32
N PHE A 69 -15.56 6.13 15.32
CA PHE A 69 -15.86 4.70 15.33
C PHE A 69 -14.91 3.93 14.41
N ASN A 70 -14.53 4.58 13.32
CA ASN A 70 -13.63 3.97 12.36
C ASN A 70 -12.33 3.57 13.07
N THR A 71 -11.95 2.31 12.85
CA THR A 71 -10.74 1.79 13.46
C THR A 71 -9.58 1.84 12.46
N LEU A 72 -8.55 2.58 12.85
CA LEU A 72 -7.37 2.72 12.02
C LEU A 72 -6.63 1.39 11.94
N THR A 73 -6.91 0.54 12.91
CA THR A 73 -6.29 -0.77 12.98
C THR A 73 -6.60 -1.57 11.70
N GLU A 74 -7.77 -1.30 11.15
CA GLU A 74 -8.20 -1.98 9.93
C GLU A 74 -7.34 -1.53 8.74
N ALA A 75 -7.07 -0.23 8.71
CA ALA A 75 -6.27 0.33 7.64
C ALA A 75 -4.81 -0.15 7.80
N ARG A 76 -4.30 0.05 8.99
CA ARG A 76 -2.92 -0.35 9.28
C ARG A 76 -2.78 -1.86 9.16
N ASP A 77 -3.87 -2.57 9.44
CA ASP A 77 -3.87 -4.01 9.36
C ASP A 77 -3.94 -4.45 7.89
N ALA A 78 -4.62 -3.63 7.09
CA ALA A 78 -4.76 -3.91 5.68
C ALA A 78 -3.39 -3.78 5.00
N ILE A 79 -2.75 -2.64 5.25
CA ILE A 79 -1.44 -2.39 4.67
C ILE A 79 -0.40 -3.30 5.34
N LYS A 80 -0.66 -3.61 6.59
CA LYS A 80 0.23 -4.47 7.35
C LYS A 80 0.16 -5.90 6.80
N ASP A 81 -1.03 -6.25 6.33
CA ASP A 81 -1.24 -7.59 5.78
C ASP A 81 -0.55 -7.67 4.41
N ALA A 82 -0.85 -6.70 3.57
CA ALA A 82 -0.27 -6.66 2.23
C ALA A 82 1.25 -6.56 2.35
N TYR A 83 1.69 -5.59 3.15
CA TYR A 83 3.11 -5.36 3.34
C TYR A 83 3.81 -6.66 3.77
N GLU A 84 3.22 -7.31 4.77
CA GLU A 84 3.78 -8.56 5.29
C GLU A 84 3.50 -9.70 4.30
N SER A 85 2.46 -9.51 3.50
CA SER A 85 2.08 -10.52 2.52
C SER A 85 3.00 -10.42 1.30
N TYR A 86 3.55 -9.24 1.10
CA TYR A 86 4.45 -9.01 -0.01
C TYR A 86 5.89 -8.79 0.47
N CYS A 87 6.03 -8.69 1.78
CA CYS A 87 7.33 -8.48 2.38
C CYS A 87 8.31 -9.51 1.78
N GLY A 88 9.52 -9.03 1.53
CA GLY A 88 10.55 -9.89 0.95
C GLY A 88 10.80 -9.55 -0.52
N ILE A 89 10.09 -8.52 -0.99
CA ILE A 89 10.22 -8.09 -2.36
C ILE A 89 10.67 -6.62 -2.39
N ASP A 90 11.95 -6.44 -2.69
CA ASP A 90 12.51 -5.10 -2.75
C ASP A 90 12.13 -4.44 -4.07
N ASP A 91 12.15 -5.26 -5.13
CA ASP A 91 11.80 -4.77 -6.45
C ASP A 91 11.36 -5.95 -7.33
N CYS A 92 10.46 -5.65 -8.25
CA CYS A 92 9.94 -6.67 -9.15
C CYS A 92 11.13 -7.40 -9.78
N PRO A 93 11.12 -8.75 -9.65
CA PRO A 93 12.19 -9.57 -10.20
C PRO A 93 12.06 -9.68 -11.72
N GLN A 94 10.85 -9.47 -12.19
CA GLN A 94 10.57 -9.55 -13.62
C GLN A 94 11.47 -8.57 -14.39
N CYS A 95 11.52 -7.35 -13.88
CA CYS A 95 12.34 -6.32 -14.50
C CYS A 95 13.80 -6.78 -14.48
N SER A 96 14.15 -7.48 -13.42
CA SER A 96 15.50 -7.99 -13.27
C SER A 96 15.67 -9.29 -14.05
N LYS A 97 14.53 -9.87 -14.42
CA LYS A 97 14.53 -11.11 -15.17
C LYS A 97 14.52 -10.80 -16.67
N TYR A 98 14.13 -9.58 -16.98
CA TYR A 98 14.05 -9.14 -18.37
C TYR A 98 14.79 -7.82 -18.56
N ILE A 99 14.76 -7.34 -19.80
CA ILE A 99 15.42 -6.08 -20.13
C ILE A 99 14.81 -4.96 -19.29
N ASP A 100 15.62 -3.92 -19.08
CA ASP A 100 15.17 -2.79 -18.29
C ASP A 100 14.67 -1.69 -19.24
N ASP A 101 13.36 -1.59 -19.33
CA ASP A 101 12.73 -0.61 -20.19
C ASP A 101 13.40 0.75 -19.96
N GLU A 16 -10.73 -7.40 -8.48
CA GLU A 16 -11.26 -8.41 -7.58
C GLU A 16 -10.93 -8.06 -6.13
N ASP A 17 -10.27 -6.91 -5.97
CA ASP A 17 -9.89 -6.45 -4.65
C ASP A 17 -9.95 -4.93 -4.61
N GLN A 18 -10.99 -4.42 -3.98
CA GLN A 18 -11.17 -2.98 -3.87
C GLN A 18 -10.08 -2.38 -2.98
N GLU A 19 -9.72 -3.12 -1.94
CA GLU A 19 -8.69 -2.68 -1.01
C GLU A 19 -7.45 -2.23 -1.78
N GLN A 20 -7.10 -3.02 -2.79
CA GLN A 20 -5.94 -2.71 -3.61
C GLN A 20 -6.06 -1.33 -4.22
N TRP A 21 -7.29 -0.95 -4.51
CA TRP A 21 -7.57 0.34 -5.11
C TRP A 21 -7.16 1.42 -4.09
N ALA A 22 -7.43 1.14 -2.82
CA ALA A 22 -7.10 2.06 -1.76
C ALA A 22 -5.58 2.26 -1.71
N MET A 23 -4.87 1.15 -1.85
CA MET A 23 -3.41 1.18 -1.84
C MET A 23 -2.87 2.24 -2.80
N GLN A 24 -3.71 2.61 -3.75
CA GLN A 24 -3.34 3.62 -4.73
C GLN A 24 -2.58 4.77 -4.06
N THR A 25 -3.35 5.68 -3.51
CA THR A 25 -2.77 6.84 -2.83
C THR A 25 -2.01 6.39 -1.58
N LEU A 26 -2.69 5.58 -0.77
CA LEU A 26 -2.09 5.07 0.46
C LEU A 26 -0.61 4.76 0.20
N MET A 27 -0.39 3.74 -0.61
CA MET A 27 0.97 3.32 -0.93
C MET A 27 1.62 4.31 -1.90
N GLY A 28 0.78 5.01 -2.64
CA GLY A 28 1.26 5.99 -3.60
C GLY A 28 1.86 7.21 -2.89
N SER A 29 1.68 7.24 -1.58
CA SER A 29 2.19 8.35 -0.78
C SER A 29 3.72 8.38 -0.86
N GLY A 30 4.27 7.33 -1.45
CA GLY A 30 5.71 7.23 -1.60
C GLY A 30 6.32 6.35 -0.49
N VAL A 31 5.42 5.74 0.29
CA VAL A 31 5.86 4.89 1.38
C VAL A 31 6.40 3.58 0.80
N LEU A 32 5.65 3.02 -0.14
CA LEU A 32 6.05 1.77 -0.77
C LEU A 32 6.64 2.08 -2.15
N ALA A 33 7.07 1.01 -2.82
CA ALA A 33 7.65 1.15 -4.14
C ALA A 33 6.88 0.26 -5.12
N ARG A 34 6.65 0.81 -6.31
CA ARG A 34 5.93 0.09 -7.33
C ARG A 34 6.75 0.04 -8.62
N CYS A 35 6.47 -0.97 -9.43
CA CYS A 35 7.18 -1.15 -10.69
C CYS A 35 6.47 -0.31 -11.76
N ARG A 36 7.27 0.39 -12.55
CA ARG A 36 6.74 1.22 -13.61
C ARG A 36 5.88 0.40 -14.56
N ILE A 37 6.09 -0.92 -14.51
CA ILE A 37 5.34 -1.82 -15.37
C ILE A 37 4.22 -2.47 -14.54
N HIS A 38 4.38 -2.42 -13.23
CA HIS A 38 3.40 -3.00 -12.34
C HIS A 38 2.80 -1.89 -11.46
N ASN A 39 1.58 -1.51 -11.80
CA ASN A 39 0.88 -0.47 -11.05
C ASN A 39 -0.07 -1.12 -10.05
N ASP A 40 -0.21 -2.43 -10.18
CA ASP A 40 -1.08 -3.18 -9.29
C ASP A 40 -0.24 -3.97 -8.29
N VAL A 41 1.04 -4.08 -8.61
CA VAL A 41 1.97 -4.81 -7.76
C VAL A 41 2.50 -3.86 -6.68
N ILE A 42 2.93 -4.46 -5.57
CA ILE A 42 3.46 -3.69 -4.47
C ILE A 42 4.87 -4.19 -4.14
N LEU A 43 5.74 -3.24 -3.84
CA LEU A 43 7.12 -3.57 -3.50
C LEU A 43 7.52 -2.81 -2.23
N ASP A 44 8.37 -3.45 -1.45
CA ASP A 44 8.85 -2.86 -0.22
C ASP A 44 9.86 -1.74 -0.53
N SER A 45 9.58 -0.57 0.00
CA SER A 45 10.45 0.58 -0.23
C SER A 45 11.31 0.83 1.01
N GLY A 46 10.63 0.94 2.14
CA GLY A 46 11.32 1.19 3.40
C GLY A 46 11.28 2.67 3.77
N ASN A 47 10.15 3.29 3.46
CA ASN A 47 9.97 4.70 3.75
C ASN A 47 9.03 4.86 4.94
N ASP A 48 8.94 6.09 5.44
CA ASP A 48 8.09 6.38 6.58
C ASP A 48 6.68 5.89 6.28
N ALA A 49 6.35 4.73 6.85
CA ALA A 49 5.04 4.15 6.66
C ALA A 49 4.00 4.95 7.47
N SER A 50 4.52 5.81 8.33
CA SER A 50 3.65 6.64 9.17
C SER A 50 2.73 7.48 8.29
N SER A 51 3.30 8.01 7.22
CA SER A 51 2.55 8.83 6.29
C SER A 51 1.61 7.96 5.45
N ALA A 52 2.00 6.70 5.31
CA ALA A 52 1.21 5.76 4.54
C ALA A 52 -0.06 5.41 5.32
N TYR A 53 0.14 5.04 6.58
CA TYR A 53 -0.97 4.68 7.44
C TYR A 53 -1.89 5.88 7.69
N LYS A 54 -1.26 7.03 7.91
CA LYS A 54 -2.00 8.26 8.16
C LYS A 54 -2.83 8.61 6.92
N LEU A 55 -2.14 8.61 5.78
CA LEU A 55 -2.79 8.93 4.52
C LEU A 55 -3.79 7.81 4.17
N GLY A 56 -3.48 6.61 4.62
CA GLY A 56 -4.33 5.47 4.37
C GLY A 56 -5.65 5.59 5.13
N THR A 57 -5.54 5.93 6.40
CA THR A 57 -6.72 6.09 7.24
C THR A 57 -7.58 7.25 6.75
N TYR A 58 -6.91 8.33 6.39
CA TYR A 58 -7.61 9.52 5.90
C TYR A 58 -8.36 9.20 4.60
N LEU A 59 -7.69 8.45 3.74
CA LEU A 59 -8.29 8.08 2.46
C LEU A 59 -9.32 6.97 2.69
N TYR A 60 -9.07 6.16 3.71
CA TYR A 60 -9.96 5.07 4.05
C TYR A 60 -11.22 5.59 4.75
N GLN A 61 -11.05 6.70 5.45
CA GLN A 61 -12.17 7.31 6.17
C GLN A 61 -12.79 8.42 5.33
N LYS A 62 -12.31 8.55 4.10
CA LYS A 62 -12.82 9.56 3.19
C LYS A 62 -13.91 8.94 2.31
N ASP A 63 -13.51 7.93 1.56
CA ASP A 63 -14.43 7.24 0.67
C ASP A 63 -15.66 6.78 1.46
N ASN A 64 -15.42 5.81 2.33
CA ASN A 64 -16.49 5.28 3.15
C ASN A 64 -15.89 4.43 4.27
N SER A 65 -16.77 3.97 5.16
CA SER A 65 -16.33 3.15 6.28
C SER A 65 -16.63 1.67 5.99
N CYS A 66 -15.65 0.84 6.31
CA CYS A 66 -15.79 -0.59 6.09
C CYS A 66 -16.93 -1.10 6.99
N ASN A 67 -17.15 -0.38 8.07
CA ASN A 67 -18.20 -0.75 9.01
C ASN A 67 -18.72 0.51 9.70
N LEU A 68 -19.76 0.32 10.50
CA LEU A 68 -20.36 1.42 11.23
C LEU A 68 -19.28 2.17 12.02
N PHE A 69 -18.33 1.39 12.52
CA PHE A 69 -17.23 1.95 13.30
C PHE A 69 -15.90 1.73 12.58
N ASN A 70 -15.30 2.85 12.19
CA ASN A 70 -14.02 2.80 11.50
C ASN A 70 -12.93 2.34 12.47
N THR A 71 -12.38 1.17 12.19
CA THR A 71 -11.34 0.61 13.02
C THR A 71 -9.95 0.89 12.43
N LEU A 72 -9.15 1.59 13.20
CA LEU A 72 -7.80 1.94 12.76
C LEU A 72 -6.97 0.66 12.62
N THR A 73 -7.18 -0.26 13.56
CA THR A 73 -6.47 -1.52 13.54
C THR A 73 -6.70 -2.25 12.22
N GLU A 74 -7.90 -2.09 11.69
CA GLU A 74 -8.26 -2.73 10.44
C GLU A 74 -7.50 -2.09 9.27
N ALA A 75 -7.32 -0.77 9.38
CA ALA A 75 -6.61 -0.03 8.34
C ALA A 75 -5.12 -0.41 8.39
N ARG A 76 -4.56 -0.31 9.58
CA ARG A 76 -3.15 -0.64 9.77
C ARG A 76 -2.90 -2.12 9.46
N ASP A 77 -3.94 -2.91 9.68
CA ASP A 77 -3.84 -4.35 9.43
C ASP A 77 -3.91 -4.60 7.92
N ALA A 78 -4.70 -3.78 7.25
CA ALA A 78 -4.85 -3.91 5.81
C ALA A 78 -3.54 -3.55 5.12
N ILE A 79 -2.94 -2.46 5.60
CA ILE A 79 -1.68 -1.99 5.05
C ILE A 79 -0.54 -2.90 5.54
N LYS A 80 -0.67 -3.31 6.79
CA LYS A 80 0.34 -4.18 7.39
C LYS A 80 0.25 -5.56 6.76
N ASP A 81 -0.95 -5.91 6.33
CA ASP A 81 -1.18 -7.21 5.70
C ASP A 81 -0.59 -7.20 4.29
N ALA A 82 -0.91 -6.14 3.56
CA ALA A 82 -0.41 -6.01 2.20
C ALA A 82 1.11 -5.84 2.22
N TYR A 83 1.57 -5.04 3.18
CA TYR A 83 2.99 -4.79 3.33
C TYR A 83 3.75 -6.09 3.63
N GLU A 84 3.29 -6.79 4.65
CA GLU A 84 3.91 -8.03 5.04
C GLU A 84 3.60 -9.13 4.03
N SER A 85 2.48 -8.96 3.34
CA SER A 85 2.06 -9.92 2.34
C SER A 85 3.04 -9.90 1.16
N TYR A 86 3.48 -8.70 0.81
CA TYR A 86 4.41 -8.53 -0.29
C TYR A 86 5.83 -8.31 0.22
N CYS A 87 5.93 -8.08 1.52
CA CYS A 87 7.22 -7.84 2.15
C CYS A 87 8.21 -8.86 1.59
N GLY A 88 9.43 -8.38 1.35
CA GLY A 88 10.48 -9.23 0.83
C GLY A 88 10.74 -8.93 -0.65
N ILE A 89 9.68 -8.52 -1.33
CA ILE A 89 9.78 -8.20 -2.74
C ILE A 89 9.90 -6.69 -2.91
N ASP A 90 11.13 -6.24 -3.14
CA ASP A 90 11.40 -4.83 -3.31
C ASP A 90 11.93 -4.59 -4.72
N ASP A 91 12.07 -5.68 -5.47
CA ASP A 91 12.58 -5.59 -6.83
C ASP A 91 12.13 -6.84 -7.60
N CYS A 92 11.60 -6.60 -8.79
CA CYS A 92 11.13 -7.68 -9.63
C CYS A 92 12.09 -7.82 -10.82
N PRO A 93 13.00 -8.81 -10.71
CA PRO A 93 13.97 -9.05 -11.76
C PRO A 93 13.32 -9.73 -12.97
N GLN A 94 12.11 -10.22 -12.75
CA GLN A 94 11.37 -10.89 -13.80
C GLN A 94 11.22 -9.98 -15.02
N CYS A 95 10.78 -8.76 -14.75
CA CYS A 95 10.59 -7.78 -15.81
C CYS A 95 11.96 -7.23 -16.21
N SER A 96 12.84 -7.16 -15.21
CA SER A 96 14.19 -6.65 -15.45
C SER A 96 14.92 -7.55 -16.44
N LYS A 97 14.58 -8.84 -16.39
CA LYS A 97 15.19 -9.80 -17.27
C LYS A 97 14.38 -9.89 -18.57
N TYR A 98 13.07 -9.72 -18.43
CA TYR A 98 12.18 -9.77 -19.58
C TYR A 98 12.69 -8.88 -20.72
N ILE A 99 13.17 -9.54 -21.76
CA ILE A 99 13.69 -8.82 -22.92
C ILE A 99 12.65 -7.80 -23.39
N ASP A 100 13.09 -6.56 -23.49
CA ASP A 100 12.22 -5.49 -23.93
C ASP A 100 12.40 -5.25 -25.43
N ASP A 101 11.46 -5.76 -26.20
CA ASP A 101 11.51 -5.62 -27.64
C ASP A 101 11.57 -4.14 -28.01
N GLU A 16 -13.49 -8.18 -4.69
CA GLU A 16 -13.39 -6.97 -5.50
C GLU A 16 -12.07 -6.25 -5.20
N ASP A 17 -11.67 -6.31 -3.94
CA ASP A 17 -10.44 -5.68 -3.51
C ASP A 17 -10.50 -4.18 -3.85
N GLN A 18 -11.64 -3.58 -3.52
CA GLN A 18 -11.84 -2.17 -3.78
C GLN A 18 -10.97 -1.33 -2.84
N GLU A 19 -10.88 -1.79 -1.60
CA GLU A 19 -10.08 -1.10 -0.60
C GLU A 19 -8.67 -0.86 -1.12
N GLN A 20 -8.18 -1.82 -1.89
CA GLN A 20 -6.84 -1.72 -2.46
C GLN A 20 -6.71 -0.44 -3.29
N TRP A 21 -7.82 -0.04 -3.87
CA TRP A 21 -7.85 1.17 -4.70
C TRP A 21 -7.33 2.33 -3.84
N ALA A 22 -7.83 2.39 -2.62
CA ALA A 22 -7.42 3.45 -1.70
C ALA A 22 -5.93 3.33 -1.42
N MET A 23 -5.45 2.09 -1.42
CA MET A 23 -4.04 1.83 -1.17
C MET A 23 -3.17 2.51 -2.22
N GLN A 24 -3.78 2.78 -3.37
CA GLN A 24 -3.07 3.43 -4.46
C GLN A 24 -2.40 4.71 -3.97
N THR A 25 -3.15 5.48 -3.19
CA THR A 25 -2.65 6.73 -2.66
C THR A 25 -1.69 6.46 -1.49
N LEU A 26 -2.26 5.90 -0.43
CA LEU A 26 -1.48 5.59 0.75
C LEU A 26 -0.08 5.11 0.33
N MET A 27 -0.07 4.11 -0.54
CA MET A 27 1.18 3.56 -1.03
C MET A 27 1.85 4.52 -2.03
N GLY A 28 1.01 5.20 -2.80
CA GLY A 28 1.50 6.14 -3.78
C GLY A 28 2.19 7.33 -3.11
N SER A 29 2.07 7.39 -1.79
CA SER A 29 2.67 8.45 -1.02
C SER A 29 4.20 8.39 -1.15
N GLY A 30 4.67 7.32 -1.76
CA GLY A 30 6.09 7.13 -1.96
C GLY A 30 6.67 6.21 -0.88
N VAL A 31 5.79 5.69 -0.05
CA VAL A 31 6.19 4.80 1.02
C VAL A 31 6.56 3.43 0.43
N LEU A 32 5.68 2.95 -0.45
CA LEU A 32 5.89 1.67 -1.09
C LEU A 32 6.44 1.90 -2.50
N ALA A 33 6.71 0.79 -3.18
CA ALA A 33 7.24 0.85 -4.53
C ALA A 33 6.33 0.04 -5.46
N ARG A 34 5.97 0.66 -6.57
CA ARG A 34 5.11 0.01 -7.55
C ARG A 34 5.77 0.02 -8.94
N CYS A 35 5.41 -0.96 -9.74
CA CYS A 35 5.95 -1.08 -11.08
C CYS A 35 5.04 -0.29 -12.03
N ARG A 36 5.68 0.45 -12.93
CA ARG A 36 4.94 1.25 -13.89
C ARG A 36 4.16 0.33 -14.85
N ILE A 37 4.47 -0.95 -14.76
CA ILE A 37 3.80 -1.92 -15.61
C ILE A 37 2.83 -2.75 -14.76
N HIS A 38 2.85 -2.48 -13.47
CA HIS A 38 1.98 -3.18 -12.54
C HIS A 38 1.51 -2.22 -11.44
N ASN A 39 0.22 -1.98 -11.43
CA ASN A 39 -0.38 -1.08 -10.44
C ASN A 39 -0.94 -1.92 -9.29
N ASP A 40 -0.94 -3.22 -9.48
CA ASP A 40 -1.46 -4.13 -8.47
C ASP A 40 -0.29 -4.69 -7.66
N VAL A 41 0.91 -4.38 -8.12
CA VAL A 41 2.12 -4.84 -7.44
C VAL A 41 2.47 -3.86 -6.33
N ILE A 42 2.77 -4.41 -5.16
CA ILE A 42 3.13 -3.60 -4.02
C ILE A 42 4.47 -4.08 -3.45
N LEU A 43 5.43 -3.18 -3.47
CA LEU A 43 6.76 -3.49 -2.96
C LEU A 43 7.02 -2.69 -1.69
N ASP A 44 7.90 -3.24 -0.85
CA ASP A 44 8.25 -2.59 0.40
C ASP A 44 9.53 -1.78 0.20
N SER A 45 9.52 -0.57 0.76
CA SER A 45 10.67 0.30 0.66
C SER A 45 11.39 0.38 2.02
N GLY A 46 10.58 0.44 3.07
CA GLY A 46 11.12 0.52 4.42
C GLY A 46 11.03 1.94 4.97
N ASN A 47 10.68 2.86 4.08
CA ASN A 47 10.55 4.25 4.46
C ASN A 47 9.43 4.39 5.50
N ASP A 48 9.37 5.57 6.10
CA ASP A 48 8.36 5.84 7.11
C ASP A 48 6.99 5.42 6.58
N ALA A 49 6.53 4.28 7.05
CA ALA A 49 5.24 3.76 6.64
C ALA A 49 4.12 4.53 7.35
N SER A 50 4.53 5.32 8.33
CA SER A 50 3.59 6.12 9.10
C SER A 50 2.90 7.13 8.18
N SER A 51 3.69 7.69 7.28
CA SER A 51 3.17 8.67 6.34
C SER A 51 2.07 8.05 5.48
N ALA A 52 2.42 6.95 4.83
CA ALA A 52 1.48 6.24 3.98
C ALA A 52 0.26 5.84 4.80
N TYR A 53 0.53 5.19 5.92
CA TYR A 53 -0.54 4.74 6.80
C TYR A 53 -1.48 5.90 7.15
N LYS A 54 -0.90 7.09 7.26
CA LYS A 54 -1.67 8.27 7.59
C LYS A 54 -2.61 8.60 6.42
N LEU A 55 -2.03 8.62 5.24
CA LEU A 55 -2.80 8.92 4.04
C LEU A 55 -3.93 7.91 3.90
N GLY A 56 -3.57 6.64 4.03
CA GLY A 56 -4.55 5.58 3.92
C GLY A 56 -5.57 5.64 5.07
N THR A 57 -5.07 6.03 6.23
CA THR A 57 -5.92 6.14 7.41
C THR A 57 -7.09 7.10 7.14
N TYR A 58 -6.74 8.28 6.64
CA TYR A 58 -7.75 9.28 6.34
C TYR A 58 -8.55 8.90 5.09
N LEU A 59 -7.86 8.22 4.18
CA LEU A 59 -8.49 7.79 2.93
C LEU A 59 -9.45 6.64 3.23
N TYR A 60 -9.16 5.92 4.31
CA TYR A 60 -9.98 4.79 4.71
C TYR A 60 -11.12 5.25 5.63
N GLN A 61 -10.83 6.28 6.40
CA GLN A 61 -11.81 6.81 7.33
C GLN A 61 -12.82 7.69 6.59
N LYS A 62 -12.55 7.90 5.31
CA LYS A 62 -13.42 8.72 4.48
C LYS A 62 -14.45 7.81 3.80
N ASP A 63 -15.71 8.16 4.00
CA ASP A 63 -16.80 7.40 3.42
C ASP A 63 -17.99 8.33 3.17
N ASN A 64 -18.67 8.08 2.06
CA ASN A 64 -19.82 8.89 1.70
C ASN A 64 -21.07 8.34 2.41
N SER A 65 -21.15 7.02 2.46
CA SER A 65 -22.27 6.36 3.11
C SER A 65 -22.25 6.65 4.62
N CYS A 66 -21.21 6.15 5.27
CA CYS A 66 -21.05 6.34 6.70
C CYS A 66 -22.22 5.64 7.40
N ASN A 67 -22.60 4.49 6.85
CA ASN A 67 -23.70 3.71 7.41
C ASN A 67 -23.15 2.78 8.50
N LEU A 68 -21.88 2.44 8.36
CA LEU A 68 -21.23 1.56 9.31
C LEU A 68 -19.84 2.11 9.65
N PHE A 69 -19.60 2.27 10.94
CA PHE A 69 -18.33 2.79 11.41
C PHE A 69 -17.21 1.76 11.21
N ASN A 70 -16.35 2.05 10.24
CA ASN A 70 -15.25 1.15 9.95
C ASN A 70 -14.08 1.47 10.89
N THR A 71 -13.47 0.40 11.40
CA THR A 71 -12.34 0.55 12.31
C THR A 71 -11.06 0.82 11.53
N LEU A 72 -10.21 1.65 12.12
CA LEU A 72 -8.94 2.00 11.49
C LEU A 72 -8.00 0.80 11.57
N THR A 73 -8.19 -0.01 12.60
CA THR A 73 -7.37 -1.18 12.80
C THR A 73 -7.36 -2.06 11.53
N GLU A 74 -8.55 -2.19 10.94
CA GLU A 74 -8.69 -2.99 9.74
C GLU A 74 -7.75 -2.48 8.65
N ALA A 75 -7.79 -1.18 8.42
CA ALA A 75 -6.94 -0.57 7.42
C ALA A 75 -5.48 -0.86 7.75
N ARG A 76 -5.11 -0.56 8.99
CA ARG A 76 -3.75 -0.78 9.44
C ARG A 76 -3.33 -2.22 9.16
N ASP A 77 -4.30 -3.11 9.25
CA ASP A 77 -4.05 -4.52 9.00
C ASP A 77 -3.90 -4.77 7.50
N ALA A 78 -4.63 -3.97 6.73
CA ALA A 78 -4.59 -4.08 5.29
C ALA A 78 -3.19 -3.70 4.79
N ILE A 79 -2.74 -2.54 5.24
CA ILE A 79 -1.43 -2.07 4.84
C ILE A 79 -0.34 -2.91 5.53
N LYS A 80 -0.56 -3.17 6.81
CA LYS A 80 0.38 -3.96 7.58
C LYS A 80 0.46 -5.36 7.00
N ASP A 81 -0.66 -5.81 6.46
CA ASP A 81 -0.73 -7.14 5.86
C ASP A 81 -0.03 -7.11 4.50
N ALA A 82 -0.23 -6.01 3.78
CA ALA A 82 0.38 -5.85 2.47
C ALA A 82 1.90 -5.82 2.62
N TYR A 83 2.36 -4.98 3.53
CA TYR A 83 3.79 -4.83 3.79
C TYR A 83 4.39 -6.17 4.26
N GLU A 84 3.69 -6.79 5.20
CA GLU A 84 4.14 -8.06 5.74
C GLU A 84 3.92 -9.18 4.74
N SER A 85 2.96 -8.95 3.84
CA SER A 85 2.65 -9.94 2.83
C SER A 85 3.75 -9.97 1.76
N TYR A 86 4.12 -8.78 1.31
CA TYR A 86 5.16 -8.66 0.30
C TYR A 86 6.50 -8.30 0.94
N CYS A 87 6.50 -8.24 2.26
CA CYS A 87 7.71 -7.92 3.01
C CYS A 87 8.83 -8.84 2.52
N GLY A 88 10.00 -8.26 2.36
CA GLY A 88 11.15 -9.01 1.90
C GLY A 88 11.43 -8.77 0.42
N ILE A 89 10.58 -7.94 -0.18
CA ILE A 89 10.72 -7.61 -1.59
C ILE A 89 10.80 -6.09 -1.75
N ASP A 90 11.94 -5.65 -2.27
CA ASP A 90 12.15 -4.23 -2.47
C ASP A 90 12.24 -3.94 -3.97
N ASP A 91 12.13 -5.01 -4.75
CA ASP A 91 12.20 -4.89 -6.19
C ASP A 91 11.04 -5.67 -6.81
N CYS A 92 10.60 -5.19 -7.97
CA CYS A 92 9.49 -5.83 -8.68
C CYS A 92 9.89 -7.29 -8.96
N PRO A 93 9.15 -8.21 -8.30
CA PRO A 93 9.42 -9.63 -8.48
C PRO A 93 8.89 -10.13 -9.83
N GLN A 94 7.77 -9.57 -10.23
CA GLN A 94 7.16 -9.94 -11.49
C GLN A 94 8.12 -9.67 -12.65
N CYS A 95 8.89 -8.60 -12.50
CA CYS A 95 9.86 -8.24 -13.52
C CYS A 95 11.00 -9.24 -13.48
N SER A 96 11.31 -9.69 -12.27
CA SER A 96 12.39 -10.65 -12.09
C SER A 96 11.93 -12.04 -12.54
N LYS A 97 10.63 -12.21 -12.58
CA LYS A 97 10.04 -13.48 -12.99
C LYS A 97 9.87 -13.49 -14.52
N TYR A 98 9.65 -12.30 -15.06
CA TYR A 98 9.47 -12.15 -16.49
C TYR A 98 10.73 -11.58 -17.15
N ILE A 99 11.32 -12.38 -18.02
CA ILE A 99 12.52 -11.97 -18.73
C ILE A 99 12.14 -11.36 -20.07
N ASP A 100 13.01 -10.49 -20.56
CA ASP A 100 12.78 -9.83 -21.84
C ASP A 100 13.50 -10.59 -22.94
N ASP A 101 12.73 -11.37 -23.69
CA ASP A 101 13.28 -12.16 -24.78
C ASP A 101 13.66 -11.22 -25.93
N GLU A 16 -10.49 -1.28 -9.74
CA GLU A 16 -11.32 -2.47 -9.74
C GLU A 16 -11.92 -2.72 -8.36
N ASP A 17 -11.04 -2.98 -7.41
CA ASP A 17 -11.47 -3.24 -6.04
C ASP A 17 -11.39 -1.93 -5.24
N GLN A 18 -12.17 -1.89 -4.17
CA GLN A 18 -12.20 -0.71 -3.31
C GLN A 18 -10.87 -0.53 -2.61
N GLU A 19 -10.42 -1.60 -1.96
CA GLU A 19 -9.16 -1.58 -1.24
C GLU A 19 -8.02 -1.18 -2.19
N GLN A 20 -8.01 -1.81 -3.35
CA GLN A 20 -6.99 -1.53 -4.34
C GLN A 20 -7.03 -0.05 -4.75
N TRP A 21 -8.24 0.47 -4.84
CA TRP A 21 -8.43 1.87 -5.21
C TRP A 21 -7.78 2.74 -4.14
N ALA A 22 -7.82 2.24 -2.91
CA ALA A 22 -7.24 2.97 -1.79
C ALA A 22 -5.71 2.85 -1.85
N MET A 23 -5.25 1.64 -2.14
CA MET A 23 -3.83 1.37 -2.23
C MET A 23 -3.15 2.35 -3.20
N GLN A 24 -3.98 2.95 -4.05
CA GLN A 24 -3.47 3.90 -5.02
C GLN A 24 -2.61 4.97 -4.34
N THR A 25 -3.30 5.97 -3.79
CA THR A 25 -2.61 7.05 -3.10
C THR A 25 -1.70 6.49 -1.99
N LEU A 26 -2.31 5.67 -1.14
CA LEU A 26 -1.57 5.07 -0.04
C LEU A 26 -0.19 4.66 -0.53
N MET A 27 -0.17 3.94 -1.63
CA MET A 27 1.08 3.47 -2.21
C MET A 27 1.88 4.64 -2.80
N GLY A 28 1.15 5.60 -3.35
CA GLY A 28 1.76 6.76 -3.96
C GLY A 28 2.34 7.69 -2.88
N SER A 29 2.01 7.38 -1.64
CA SER A 29 2.49 8.17 -0.52
C SER A 29 4.02 8.11 -0.45
N GLY A 30 4.57 7.09 -1.10
CA GLY A 30 6.01 6.91 -1.12
C GLY A 30 6.45 5.92 -0.04
N VAL A 31 5.46 5.33 0.61
CA VAL A 31 5.72 4.37 1.67
C VAL A 31 6.21 3.05 1.03
N LEU A 32 5.49 2.63 0.01
CA LEU A 32 5.83 1.41 -0.69
C LEU A 32 6.60 1.74 -1.97
N ALA A 33 7.00 0.70 -2.68
CA ALA A 33 7.73 0.87 -3.91
C ALA A 33 7.01 0.14 -5.04
N ARG A 34 6.90 0.82 -6.17
CA ARG A 34 6.23 0.24 -7.33
C ARG A 34 7.17 0.22 -8.53
N CYS A 35 6.95 -0.77 -9.40
CA CYS A 35 7.77 -0.91 -10.59
C CYS A 35 7.22 0.02 -11.67
N ARG A 36 8.13 0.77 -12.27
CA ARG A 36 7.76 1.70 -13.32
C ARG A 36 7.12 0.95 -14.49
N ILE A 37 7.30 -0.36 -14.49
CA ILE A 37 6.76 -1.20 -15.55
C ILE A 37 5.49 -1.89 -15.03
N HIS A 38 5.29 -1.80 -13.72
CA HIS A 38 4.13 -2.41 -13.10
C HIS A 38 3.48 -1.42 -12.13
N ASN A 39 2.33 -0.91 -12.53
CA ASN A 39 1.61 0.05 -11.71
C ASN A 39 0.55 -0.69 -10.89
N ASP A 40 0.39 -1.97 -11.19
CA ASP A 40 -0.58 -2.80 -10.50
C ASP A 40 0.16 -3.78 -9.59
N VAL A 41 1.37 -3.39 -9.21
CA VAL A 41 2.20 -4.23 -8.35
C VAL A 41 2.53 -3.46 -7.07
N ILE A 42 2.74 -4.22 -6.00
CA ILE A 42 3.06 -3.63 -4.72
C ILE A 42 4.38 -4.21 -4.21
N LEU A 43 5.35 -3.32 -4.02
CA LEU A 43 6.66 -3.74 -3.54
C LEU A 43 6.96 -3.02 -2.21
N ASP A 44 7.81 -3.66 -1.41
CA ASP A 44 8.18 -3.11 -0.13
C ASP A 44 9.35 -2.13 -0.32
N SER A 45 9.18 -0.95 0.25
CA SER A 45 10.21 0.07 0.16
C SER A 45 10.94 0.21 1.50
N GLY A 46 10.15 0.42 2.55
CA GLY A 46 10.70 0.58 3.88
C GLY A 46 10.75 2.05 4.29
N ASN A 47 9.73 2.78 3.86
CA ASN A 47 9.64 4.20 4.17
C ASN A 47 8.66 4.41 5.31
N ASP A 48 8.54 5.66 5.73
CA ASP A 48 7.64 6.00 6.81
C ASP A 48 6.26 5.37 6.55
N ALA A 49 5.99 4.31 7.31
CA ALA A 49 4.73 3.61 7.16
C ALA A 49 3.62 4.41 7.84
N SER A 50 4.04 5.27 8.76
CA SER A 50 3.10 6.11 9.49
C SER A 50 2.30 6.98 8.52
N SER A 51 2.99 7.45 7.49
CA SER A 51 2.37 8.29 6.48
C SER A 51 1.31 7.49 5.73
N ALA A 52 1.67 6.27 5.39
CA ALA A 52 0.77 5.39 4.66
C ALA A 52 -0.49 5.16 5.50
N TYR A 53 -0.26 4.78 6.75
CA TYR A 53 -1.37 4.51 7.66
C TYR A 53 -2.32 5.72 7.73
N LYS A 54 -1.73 6.89 7.88
CA LYS A 54 -2.52 8.11 7.95
C LYS A 54 -3.32 8.28 6.66
N LEU A 55 -2.62 8.14 5.55
CA LEU A 55 -3.25 8.28 4.24
C LEU A 55 -4.37 7.24 4.12
N GLY A 56 -4.20 6.13 4.83
CA GLY A 56 -5.18 5.06 4.80
C GLY A 56 -6.43 5.45 5.59
N THR A 57 -6.20 6.02 6.77
CA THR A 57 -7.28 6.45 7.63
C THR A 57 -8.10 7.56 6.95
N TYR A 58 -7.40 8.38 6.19
CA TYR A 58 -8.04 9.48 5.49
C TYR A 58 -8.89 8.97 4.32
N LEU A 59 -8.26 8.16 3.48
CA LEU A 59 -8.94 7.60 2.34
C LEU A 59 -10.12 6.74 2.81
N TYR A 60 -9.82 5.86 3.76
CA TYR A 60 -10.84 4.98 4.31
C TYR A 60 -11.97 5.79 4.96
N GLN A 61 -11.57 6.74 5.80
CA GLN A 61 -12.53 7.58 6.49
C GLN A 61 -12.17 9.06 6.30
N LYS A 62 -13.18 9.83 5.93
CA LYS A 62 -12.98 11.26 5.70
C LYS A 62 -12.74 11.95 7.05
N ASP A 63 -12.68 13.26 7.00
CA ASP A 63 -12.45 14.05 8.20
C ASP A 63 -13.47 13.65 9.27
N ASN A 64 -14.71 13.49 8.83
CA ASN A 64 -15.78 13.11 9.73
C ASN A 64 -16.46 11.85 9.19
N SER A 65 -17.26 11.24 10.06
CA SER A 65 -17.99 10.03 9.68
C SER A 65 -19.14 9.78 10.66
N CYS A 66 -19.98 8.83 10.31
CA CYS A 66 -21.12 8.49 11.13
C CYS A 66 -20.62 7.71 12.35
N ASN A 67 -19.78 6.73 12.07
CA ASN A 67 -19.22 5.90 13.13
C ASN A 67 -18.49 6.80 14.14
N LEU A 68 -18.72 6.50 15.41
CA LEU A 68 -18.10 7.27 16.47
C LEU A 68 -16.64 7.57 16.10
N PHE A 69 -15.97 6.55 15.62
CA PHE A 69 -14.57 6.68 15.22
C PHE A 69 -14.11 5.47 14.42
N ASN A 70 -13.22 5.73 13.47
CA ASN A 70 -12.69 4.67 12.62
C ASN A 70 -11.46 4.05 13.31
N THR A 71 -11.39 2.73 13.25
CA THR A 71 -10.29 2.01 13.85
C THR A 71 -9.06 2.07 12.93
N LEU A 72 -8.00 2.63 13.46
CA LEU A 72 -6.76 2.76 12.70
C LEU A 72 -6.09 1.39 12.60
N THR A 73 -6.48 0.50 13.51
CA THR A 73 -5.93 -0.85 13.53
C THR A 73 -6.29 -1.59 12.25
N GLU A 74 -7.46 -1.26 11.72
CA GLU A 74 -7.93 -1.89 10.49
C GLU A 74 -7.02 -1.51 9.32
N ALA A 75 -6.81 -0.21 9.18
CA ALA A 75 -5.97 0.30 8.11
C ALA A 75 -4.54 -0.22 8.30
N ARG A 76 -4.02 0.01 9.49
CA ARG A 76 -2.68 -0.42 9.81
C ARG A 76 -2.52 -1.92 9.55
N ASP A 77 -3.62 -2.64 9.74
CA ASP A 77 -3.62 -4.08 9.53
C ASP A 77 -3.67 -4.37 8.03
N ALA A 78 -4.30 -3.45 7.30
CA ALA A 78 -4.42 -3.60 5.86
C ALA A 78 -3.02 -3.50 5.23
N ILE A 79 -2.34 -2.41 5.56
CA ILE A 79 -1.01 -2.19 5.02
C ILE A 79 -0.03 -3.17 5.67
N LYS A 80 -0.32 -3.52 6.91
CA LYS A 80 0.51 -4.45 7.65
C LYS A 80 0.42 -5.83 7.00
N ASP A 81 -0.76 -6.13 6.48
CA ASP A 81 -0.99 -7.41 5.83
C ASP A 81 -0.33 -7.40 4.45
N ALA A 82 -0.63 -6.35 3.70
CA ALA A 82 -0.08 -6.22 2.36
C ALA A 82 1.45 -6.21 2.44
N TYR A 83 1.96 -5.39 3.34
CA TYR A 83 3.40 -5.29 3.53
C TYR A 83 4.01 -6.65 3.87
N GLU A 84 3.40 -7.30 4.84
CA GLU A 84 3.87 -8.61 5.27
C GLU A 84 3.58 -9.66 4.20
N SER A 85 2.59 -9.36 3.38
CA SER A 85 2.22 -10.26 2.30
C SER A 85 3.28 -10.24 1.20
N TYR A 86 3.66 -9.03 0.82
CA TYR A 86 4.66 -8.86 -0.22
C TYR A 86 6.05 -8.66 0.38
N CYS A 87 6.09 -8.65 1.71
CA CYS A 87 7.34 -8.48 2.42
C CYS A 87 8.40 -9.37 1.76
N GLY A 88 9.48 -8.73 1.34
CA GLY A 88 10.57 -9.45 0.69
C GLY A 88 10.60 -9.17 -0.81
N ILE A 89 9.54 -8.52 -1.27
CA ILE A 89 9.43 -8.19 -2.68
C ILE A 89 9.44 -6.67 -2.85
N ASP A 90 10.62 -6.16 -3.19
CA ASP A 90 10.78 -4.72 -3.39
C ASP A 90 11.00 -4.44 -4.87
N ASP A 91 11.58 -5.42 -5.55
CA ASP A 91 11.85 -5.28 -6.97
C ASP A 91 12.00 -6.68 -7.59
N CYS A 92 11.64 -6.76 -8.86
CA CYS A 92 11.73 -8.01 -9.59
C CYS A 92 13.11 -8.10 -10.25
N PRO A 93 13.67 -9.34 -10.24
CA PRO A 93 14.99 -9.56 -10.83
C PRO A 93 14.89 -9.57 -12.36
N GLN A 94 13.68 -9.74 -12.85
CA GLN A 94 13.45 -9.77 -14.29
C GLN A 94 13.52 -8.34 -14.86
N CYS A 95 12.76 -7.46 -14.24
CA CYS A 95 12.72 -6.07 -14.68
C CYS A 95 14.00 -5.38 -14.18
N SER A 96 14.46 -5.82 -13.02
CA SER A 96 15.66 -5.25 -12.44
C SER A 96 16.88 -5.65 -13.26
N LYS A 97 16.85 -6.87 -13.77
CA LYS A 97 17.94 -7.38 -14.58
C LYS A 97 17.83 -6.80 -15.99
N TYR A 98 16.60 -6.62 -16.43
CA TYR A 98 16.35 -6.07 -17.75
C TYR A 98 16.72 -4.60 -17.82
N ILE A 99 17.80 -4.33 -18.53
CA ILE A 99 18.27 -2.96 -18.69
C ILE A 99 19.01 -2.83 -20.02
N ASP A 100 18.70 -1.75 -20.73
CA ASP A 100 19.32 -1.50 -22.02
C ASP A 100 20.52 -0.55 -21.83
N ASP A 101 21.70 -1.14 -21.86
CA ASP A 101 22.92 -0.37 -21.69
C ASP A 101 23.61 -0.21 -23.04
N GLU A 16 -8.96 -5.04 -7.99
CA GLU A 16 -10.05 -6.01 -7.97
C GLU A 16 -10.83 -5.90 -6.66
N ASP A 17 -10.29 -5.08 -5.76
CA ASP A 17 -10.92 -4.88 -4.47
C ASP A 17 -10.99 -3.38 -4.16
N GLN A 18 -12.02 -2.99 -3.44
CA GLN A 18 -12.21 -1.60 -3.07
C GLN A 18 -11.06 -1.13 -2.18
N GLU A 19 -10.73 -1.96 -1.21
CA GLU A 19 -9.65 -1.65 -0.28
C GLU A 19 -8.39 -1.26 -1.06
N GLN A 20 -8.14 -1.98 -2.14
CA GLN A 20 -6.97 -1.73 -2.96
C GLN A 20 -7.01 -0.29 -3.49
N TRP A 21 -8.21 0.19 -3.75
CA TRP A 21 -8.39 1.54 -4.25
C TRP A 21 -7.86 2.52 -3.20
N ALA A 22 -8.02 2.12 -1.95
CA ALA A 22 -7.56 2.94 -0.84
C ALA A 22 -6.03 2.95 -0.82
N MET A 23 -5.47 1.76 -0.93
CA MET A 23 -4.01 1.62 -0.93
C MET A 23 -3.38 2.40 -2.07
N GLN A 24 -4.20 2.69 -3.07
CA GLN A 24 -3.73 3.43 -4.23
C GLN A 24 -2.90 4.64 -3.79
N THR A 25 -3.60 5.63 -3.26
CA THR A 25 -2.94 6.84 -2.80
C THR A 25 -2.09 6.55 -1.57
N LEU A 26 -2.73 5.94 -0.58
CA LEU A 26 -2.05 5.60 0.65
C LEU A 26 -0.60 5.18 0.34
N MET A 27 -0.49 4.10 -0.41
CA MET A 27 0.82 3.59 -0.79
C MET A 27 1.50 4.53 -1.80
N GLY A 28 0.68 5.19 -2.58
CA GLY A 28 1.19 6.13 -3.58
C GLY A 28 1.90 7.31 -2.93
N SER A 29 1.70 7.42 -1.62
CA SER A 29 2.32 8.50 -0.86
C SER A 29 3.85 8.35 -0.90
N GLY A 30 4.29 7.21 -1.40
CA GLY A 30 5.72 6.94 -1.49
C GLY A 30 6.18 6.07 -0.33
N VAL A 31 5.21 5.51 0.38
CA VAL A 31 5.51 4.66 1.52
C VAL A 31 6.04 3.31 1.02
N LEU A 32 5.34 2.77 0.03
CA LEU A 32 5.72 1.49 -0.54
C LEU A 32 6.50 1.73 -1.83
N ALA A 33 6.93 0.63 -2.43
CA ALA A 33 7.70 0.71 -3.68
C ALA A 33 6.87 0.10 -4.81
N ARG A 34 6.79 0.84 -5.90
CA ARG A 34 6.03 0.37 -7.06
C ARG A 34 6.93 0.37 -8.31
N CYS A 35 6.64 -0.55 -9.20
CA CYS A 35 7.40 -0.66 -10.44
C CYS A 35 6.73 0.21 -11.49
N ARG A 36 7.56 0.92 -12.25
CA ARG A 36 7.06 1.79 -13.30
C ARG A 36 6.56 0.96 -14.50
N ILE A 37 6.75 -0.34 -14.38
CA ILE A 37 6.32 -1.25 -15.44
C ILE A 37 4.99 -1.88 -15.06
N HIS A 38 4.68 -1.81 -13.77
CA HIS A 38 3.43 -2.37 -13.27
C HIS A 38 3.06 -1.69 -11.96
N ASN A 39 1.92 -1.01 -11.99
CA ASN A 39 1.44 -0.29 -10.81
C ASN A 39 0.48 -1.20 -10.04
N ASP A 40 0.13 -2.32 -10.66
CA ASP A 40 -0.78 -3.27 -10.06
C ASP A 40 0.00 -4.21 -9.14
N VAL A 41 1.27 -3.87 -8.95
CA VAL A 41 2.14 -4.68 -8.10
C VAL A 41 2.61 -3.84 -6.91
N ILE A 42 2.76 -4.50 -5.77
CA ILE A 42 3.19 -3.83 -4.56
C ILE A 42 4.47 -4.50 -4.05
N LEU A 43 5.48 -3.67 -3.84
CA LEU A 43 6.76 -4.16 -3.35
C LEU A 43 7.09 -3.49 -2.02
N ASP A 44 7.57 -4.30 -1.09
CA ASP A 44 7.94 -3.79 0.22
C ASP A 44 9.15 -2.88 0.11
N SER A 45 8.98 -1.64 0.55
CA SER A 45 10.05 -0.66 0.50
C SER A 45 10.79 -0.63 1.84
N GLY A 46 10.02 -0.43 2.90
CA GLY A 46 10.59 -0.37 4.23
C GLY A 46 10.78 1.08 4.70
N ASN A 47 9.91 1.94 4.18
CA ASN A 47 9.95 3.35 4.53
C ASN A 47 8.89 3.65 5.59
N ASP A 48 8.89 4.89 6.05
CA ASP A 48 7.93 5.31 7.06
C ASP A 48 6.51 5.05 6.56
N ALA A 49 5.90 4.05 7.15
CA ALA A 49 4.53 3.68 6.78
C ALA A 49 3.56 4.69 7.37
N SER A 50 4.08 5.51 8.26
CA SER A 50 3.27 6.54 8.91
C SER A 50 2.51 7.36 7.86
N SER A 51 3.18 7.55 6.72
CA SER A 51 2.59 8.31 5.64
C SER A 51 1.36 7.59 5.09
N ALA A 52 1.53 6.31 4.83
CA ALA A 52 0.44 5.50 4.31
C ALA A 52 -0.63 5.33 5.40
N TYR A 53 -0.17 5.37 6.64
CA TYR A 53 -1.08 5.22 7.77
C TYR A 53 -2.02 6.43 7.88
N LYS A 54 -1.44 7.61 7.70
CA LYS A 54 -2.21 8.84 7.77
C LYS A 54 -3.05 8.98 6.50
N LEU A 55 -2.40 8.82 5.36
CA LEU A 55 -3.07 8.93 4.09
C LEU A 55 -4.06 7.77 3.93
N GLY A 56 -3.74 6.67 4.59
CA GLY A 56 -4.58 5.49 4.54
C GLY A 56 -5.87 5.70 5.33
N THR A 57 -5.69 6.06 6.59
CA THR A 57 -6.82 6.30 7.47
C THR A 57 -7.72 7.39 6.89
N TYR A 58 -7.08 8.39 6.32
CA TYR A 58 -7.81 9.50 5.72
C TYR A 58 -8.60 9.06 4.49
N LEU A 59 -7.93 8.25 3.67
CA LEU A 59 -8.54 7.74 2.46
C LEU A 59 -9.58 6.66 2.82
N TYR A 60 -9.36 6.06 3.98
CA TYR A 60 -10.26 5.02 4.45
C TYR A 60 -11.44 5.62 5.22
N GLN A 61 -11.20 6.79 5.80
CA GLN A 61 -12.23 7.48 6.55
C GLN A 61 -12.10 9.00 6.38
N LYS A 62 -12.95 9.54 5.52
CA LYS A 62 -12.94 10.96 5.26
C LYS A 62 -14.23 11.59 5.79
N ASP A 63 -15.32 10.85 5.62
CA ASP A 63 -16.62 11.32 6.07
C ASP A 63 -17.40 10.15 6.67
N ASN A 64 -18.56 10.46 7.19
CA ASN A 64 -19.42 9.45 7.79
C ASN A 64 -18.73 8.88 9.03
N SER A 65 -18.23 9.78 9.86
CA SER A 65 -17.54 9.39 11.08
C SER A 65 -17.86 10.37 12.21
N CYS A 66 -18.72 9.94 13.11
CA CYS A 66 -19.12 10.78 14.23
C CYS A 66 -18.12 10.55 15.37
N ASN A 67 -17.95 9.28 15.71
CA ASN A 67 -17.04 8.91 16.78
C ASN A 67 -15.80 8.24 16.18
N LEU A 68 -14.88 7.88 17.05
CA LEU A 68 -13.64 7.24 16.62
C LEU A 68 -13.90 5.73 16.47
N PHE A 69 -15.15 5.35 16.62
CA PHE A 69 -15.53 3.95 16.50
C PHE A 69 -14.73 3.25 15.39
N ASN A 70 -14.53 3.98 14.31
CA ASN A 70 -13.79 3.45 13.17
C ASN A 70 -12.40 3.03 13.64
N THR A 71 -12.12 1.74 13.46
CA THR A 71 -10.83 1.20 13.86
C THR A 71 -9.81 1.38 12.73
N LEU A 72 -8.74 2.10 13.06
CA LEU A 72 -7.69 2.36 12.09
C LEU A 72 -6.88 1.08 11.88
N THR A 73 -6.97 0.18 12.85
CA THR A 73 -6.26 -1.07 12.78
C THR A 73 -6.53 -1.78 11.46
N GLU A 74 -7.74 -1.56 10.95
CA GLU A 74 -8.13 -2.16 9.69
C GLU A 74 -7.21 -1.70 8.56
N ALA A 75 -7.04 -0.39 8.47
CA ALA A 75 -6.18 0.19 7.45
C ALA A 75 -4.74 -0.26 7.69
N ARG A 76 -4.28 -0.07 8.92
CA ARG A 76 -2.93 -0.46 9.27
C ARG A 76 -2.73 -1.96 9.05
N ASP A 77 -3.82 -2.70 9.19
CA ASP A 77 -3.78 -4.14 9.02
C ASP A 77 -3.70 -4.46 7.53
N ALA A 78 -4.34 -3.61 6.73
CA ALA A 78 -4.35 -3.80 5.29
C ALA A 78 -2.93 -3.62 4.75
N ILE A 79 -2.32 -2.51 5.14
CA ILE A 79 -0.97 -2.20 4.69
C ILE A 79 0.02 -3.15 5.39
N LYS A 80 -0.24 -3.39 6.67
CA LYS A 80 0.61 -4.27 7.45
C LYS A 80 0.68 -5.64 6.78
N ASP A 81 -0.50 -6.16 6.44
CA ASP A 81 -0.59 -7.45 5.80
C ASP A 81 -0.01 -7.35 4.38
N ALA A 82 -0.20 -6.18 3.78
CA ALA A 82 0.31 -5.95 2.44
C ALA A 82 1.83 -6.10 2.43
N TYR A 83 2.46 -5.47 3.42
CA TYR A 83 3.90 -5.54 3.54
C TYR A 83 4.37 -6.93 3.96
N GLU A 84 3.60 -7.53 4.85
CA GLU A 84 3.93 -8.86 5.33
C GLU A 84 3.78 -9.89 4.20
N SER A 85 2.87 -9.59 3.28
CA SER A 85 2.64 -10.47 2.15
C SER A 85 3.69 -10.22 1.07
N TYR A 86 3.89 -8.95 0.77
CA TYR A 86 4.86 -8.57 -0.24
C TYR A 86 6.22 -8.26 0.38
N CYS A 87 6.39 -8.72 1.62
CA CYS A 87 7.62 -8.50 2.34
C CYS A 87 8.72 -9.32 1.66
N GLY A 88 9.83 -8.65 1.40
CA GLY A 88 10.97 -9.29 0.75
C GLY A 88 11.12 -8.79 -0.70
N ILE A 89 9.99 -8.48 -1.30
CA ILE A 89 9.99 -8.01 -2.68
C ILE A 89 9.96 -6.47 -2.67
N ASP A 90 11.12 -5.89 -2.90
CA ASP A 90 11.25 -4.45 -2.93
C ASP A 90 11.54 -3.99 -4.36
N ASP A 91 12.05 -4.93 -5.15
CA ASP A 91 12.38 -4.64 -6.54
C ASP A 91 12.42 -5.95 -7.32
N CYS A 92 12.09 -5.85 -8.61
CA CYS A 92 12.08 -7.01 -9.48
C CYS A 92 13.52 -7.26 -9.94
N PRO A 93 13.87 -8.57 -10.03
CA PRO A 93 15.21 -8.97 -10.46
C PRO A 93 15.37 -8.78 -11.97
N GLN A 94 14.26 -8.92 -12.69
CA GLN A 94 14.27 -8.77 -14.13
C GLN A 94 14.29 -7.28 -14.50
N CYS A 95 13.37 -6.54 -13.89
CA CYS A 95 13.27 -5.12 -14.15
C CYS A 95 14.63 -4.48 -13.85
N SER A 96 15.30 -5.04 -12.86
CA SER A 96 16.60 -4.53 -12.46
C SER A 96 17.69 -5.13 -13.36
N LYS A 97 17.49 -6.38 -13.71
CA LYS A 97 18.45 -7.08 -14.56
C LYS A 97 18.40 -6.49 -15.97
N TYR A 98 17.33 -5.75 -16.23
CA TYR A 98 17.14 -5.13 -17.53
C TYR A 98 18.01 -3.88 -17.68
N ILE A 99 19.03 -4.00 -18.51
CA ILE A 99 19.94 -2.90 -18.74
C ILE A 99 19.25 -1.85 -19.62
N ASP A 100 19.49 -0.59 -19.28
CA ASP A 100 18.90 0.51 -20.03
C ASP A 100 19.91 1.00 -21.07
N ASP A 101 19.67 0.60 -22.31
CA ASP A 101 20.54 1.00 -23.40
C ASP A 101 20.79 2.51 -23.34
N GLU A 16 -12.37 -7.09 -2.48
CA GLU A 16 -11.01 -6.83 -2.05
C GLU A 16 -10.34 -5.81 -2.99
N ASP A 17 -11.09 -5.42 -4.01
CA ASP A 17 -10.60 -4.48 -4.99
C ASP A 17 -10.68 -3.06 -4.39
N GLN A 18 -11.53 -2.92 -3.40
CA GLN A 18 -11.71 -1.64 -2.73
C GLN A 18 -10.49 -1.32 -1.85
N GLU A 19 -9.92 -2.38 -1.29
CA GLU A 19 -8.75 -2.23 -0.44
C GLU A 19 -7.53 -1.83 -1.26
N GLN A 20 -7.31 -2.58 -2.33
CA GLN A 20 -6.18 -2.31 -3.21
C GLN A 20 -6.30 -0.92 -3.82
N TRP A 21 -7.54 -0.50 -4.03
CA TRP A 21 -7.80 0.81 -4.61
C TRP A 21 -7.36 1.87 -3.59
N ALA A 22 -7.51 1.52 -2.33
CA ALA A 22 -7.14 2.43 -1.25
C ALA A 22 -5.63 2.67 -1.30
N MET A 23 -4.90 1.58 -1.50
CA MET A 23 -3.45 1.67 -1.57
C MET A 23 -3.01 2.72 -2.59
N GLN A 24 -3.92 3.06 -3.47
CA GLN A 24 -3.65 4.04 -4.50
C GLN A 24 -2.80 5.18 -3.93
N THR A 25 -3.46 6.07 -3.21
CA THR A 25 -2.78 7.20 -2.59
C THR A 25 -1.95 6.75 -1.39
N LEU A 26 -2.61 6.05 -0.48
CA LEU A 26 -1.96 5.55 0.71
C LEU A 26 -0.53 5.10 0.34
N MET A 27 -0.48 4.08 -0.51
CA MET A 27 0.79 3.55 -0.95
C MET A 27 1.49 4.49 -1.92
N GLY A 28 0.67 5.25 -2.65
CA GLY A 28 1.20 6.20 -3.62
C GLY A 28 1.94 7.33 -2.92
N SER A 29 1.83 7.35 -1.61
CA SER A 29 2.49 8.38 -0.81
C SER A 29 4.01 8.27 -0.98
N GLY A 30 4.43 7.20 -1.62
CA GLY A 30 5.85 6.97 -1.85
C GLY A 30 6.42 6.00 -0.81
N VAL A 31 5.53 5.46 0.01
CA VAL A 31 5.94 4.52 1.04
C VAL A 31 6.31 3.18 0.40
N LEU A 32 5.46 2.74 -0.51
CA LEU A 32 5.68 1.48 -1.21
C LEU A 32 6.15 1.77 -2.63
N ALA A 33 6.42 0.70 -3.36
CA ALA A 33 6.89 0.81 -4.72
C ALA A 33 5.93 0.04 -5.65
N ARG A 34 5.52 0.71 -6.70
CA ARG A 34 4.61 0.11 -7.67
C ARG A 34 5.20 0.20 -9.08
N CYS A 35 5.18 -0.93 -9.77
CA CYS A 35 5.70 -0.99 -11.12
C CYS A 35 4.56 -0.69 -12.09
N ARG A 36 4.86 0.15 -13.06
CA ARG A 36 3.87 0.54 -14.05
C ARG A 36 3.35 -0.70 -14.78
N ILE A 37 4.18 -1.74 -14.81
CA ILE A 37 3.81 -2.98 -15.47
C ILE A 37 3.09 -3.89 -14.46
N HIS A 38 3.29 -3.59 -13.19
CA HIS A 38 2.67 -4.35 -12.13
C HIS A 38 1.84 -3.42 -11.24
N ASN A 39 0.52 -3.49 -11.43
CA ASN A 39 -0.38 -2.66 -10.65
C ASN A 39 -0.90 -3.47 -9.46
N ASP A 40 -0.92 -4.78 -9.64
CA ASP A 40 -1.41 -5.67 -8.59
C ASP A 40 -0.21 -6.14 -7.76
N VAL A 41 0.88 -5.41 -7.87
CA VAL A 41 2.09 -5.74 -7.13
C VAL A 41 2.47 -4.57 -6.23
N ILE A 42 2.83 -4.91 -5.00
CA ILE A 42 3.21 -3.90 -4.03
C ILE A 42 4.59 -4.24 -3.45
N LEU A 43 5.50 -3.29 -3.57
CA LEU A 43 6.85 -3.47 -3.07
C LEU A 43 7.05 -2.61 -1.81
N ASP A 44 7.81 -3.16 -0.88
CA ASP A 44 8.09 -2.45 0.37
C ASP A 44 9.54 -1.98 0.37
N SER A 45 9.70 -0.68 0.54
CA SER A 45 11.03 -0.09 0.56
C SER A 45 11.51 0.06 2.01
N GLY A 46 10.56 0.33 2.89
CA GLY A 46 10.87 0.50 4.30
C GLY A 46 10.88 1.98 4.68
N ASN A 47 10.07 2.74 3.97
CA ASN A 47 9.98 4.18 4.23
C ASN A 47 9.01 4.42 5.39
N ASP A 48 8.91 5.68 5.77
CA ASP A 48 8.02 6.06 6.87
C ASP A 48 6.63 5.46 6.64
N ALA A 49 6.36 4.40 7.37
CA ALA A 49 5.07 3.73 7.26
C ALA A 49 4.01 4.54 7.98
N SER A 50 4.45 5.26 9.00
CA SER A 50 3.55 6.09 9.77
C SER A 50 2.78 7.04 8.86
N SER A 51 3.52 7.63 7.93
CA SER A 51 2.92 8.56 6.98
C SER A 51 1.87 7.84 6.12
N ALA A 52 2.29 6.71 5.57
CA ALA A 52 1.40 5.93 4.73
C ALA A 52 0.12 5.60 5.51
N TYR A 53 0.32 5.21 6.77
CA TYR A 53 -0.81 4.87 7.62
C TYR A 53 -1.78 6.05 7.74
N LYS A 54 -1.21 7.22 7.99
CA LYS A 54 -2.02 8.42 8.14
C LYS A 54 -2.80 8.66 6.85
N LEU A 55 -2.08 8.61 5.73
CA LEU A 55 -2.70 8.82 4.43
C LEU A 55 -3.74 7.73 4.19
N GLY A 56 -3.46 6.54 4.72
CA GLY A 56 -4.36 5.42 4.57
C GLY A 56 -5.66 5.65 5.35
N THR A 57 -5.50 6.10 6.58
CA THR A 57 -6.66 6.36 7.43
C THR A 57 -7.51 7.49 6.83
N TYR A 58 -6.84 8.43 6.19
CA TYR A 58 -7.51 9.56 5.58
C TYR A 58 -8.37 9.10 4.40
N LEU A 59 -7.74 8.35 3.50
CA LEU A 59 -8.43 7.84 2.33
C LEU A 59 -9.54 6.88 2.77
N TYR A 60 -9.16 5.95 3.63
CA TYR A 60 -10.10 4.96 4.13
C TYR A 60 -11.21 5.63 4.92
N GLN A 61 -10.87 6.76 5.53
CA GLN A 61 -11.84 7.51 6.33
C GLN A 61 -11.89 8.96 5.87
N LYS A 62 -12.89 9.27 5.06
CA LYS A 62 -13.08 10.61 4.54
C LYS A 62 -14.11 11.35 5.39
N ASP A 63 -15.10 10.59 5.86
CA ASP A 63 -16.15 11.16 6.67
C ASP A 63 -15.60 11.46 8.07
N ASN A 64 -16.06 12.57 8.63
CA ASN A 64 -15.63 12.99 9.94
C ASN A 64 -16.80 12.94 10.91
N SER A 65 -17.98 12.66 10.36
CA SER A 65 -19.18 12.58 11.14
C SER A 65 -19.07 11.43 12.15
N CYS A 66 -18.22 10.48 11.82
CA CYS A 66 -18.01 9.32 12.68
C CYS A 66 -19.36 8.64 12.90
N ASN A 67 -20.20 8.72 11.89
CA ASN A 67 -21.52 8.11 11.96
C ASN A 67 -21.39 6.67 12.48
N LEU A 68 -20.53 5.92 11.83
CA LEU A 68 -20.31 4.53 12.22
C LEU A 68 -18.87 4.37 12.72
N PHE A 69 -18.73 3.55 13.75
CA PHE A 69 -17.42 3.31 14.33
C PHE A 69 -16.50 2.60 13.33
N ASN A 70 -15.58 3.38 12.76
CA ASN A 70 -14.64 2.85 11.79
C ASN A 70 -13.42 2.29 12.53
N THR A 71 -12.90 1.19 12.00
CA THR A 71 -11.74 0.55 12.58
C THR A 71 -10.47 0.89 11.79
N LEU A 72 -9.53 1.52 12.47
CA LEU A 72 -8.28 1.89 11.83
C LEU A 72 -7.43 0.64 11.62
N THR A 73 -7.54 -0.28 12.55
CA THR A 73 -6.78 -1.52 12.47
C THR A 73 -7.00 -2.19 11.11
N GLU A 74 -8.19 -1.99 10.58
CA GLU A 74 -8.55 -2.57 9.29
C GLU A 74 -7.61 -2.05 8.20
N ALA A 75 -7.46 -0.73 8.16
CA ALA A 75 -6.60 -0.10 7.18
C ALA A 75 -5.15 -0.47 7.48
N ARG A 76 -4.76 -0.25 8.73
CA ARG A 76 -3.40 -0.54 9.16
C ARG A 76 -3.08 -2.03 8.91
N ASP A 77 -4.13 -2.84 8.98
CA ASP A 77 -3.97 -4.26 8.76
C ASP A 77 -3.79 -4.54 7.27
N ALA A 78 -4.53 -3.79 6.46
CA ALA A 78 -4.46 -3.94 5.02
C ALA A 78 -3.03 -3.67 4.56
N ILE A 79 -2.50 -2.53 4.99
CA ILE A 79 -1.14 -2.15 4.62
C ILE A 79 -0.16 -3.06 5.33
N LYS A 80 -0.31 -3.13 6.65
CA LYS A 80 0.57 -3.97 7.46
C LYS A 80 0.64 -5.37 6.84
N ASP A 81 -0.48 -5.79 6.28
CA ASP A 81 -0.55 -7.11 5.66
C ASP A 81 0.14 -7.07 4.30
N ALA A 82 0.01 -5.93 3.63
CA ALA A 82 0.62 -5.75 2.33
C ALA A 82 2.14 -5.78 2.48
N TYR A 83 2.62 -5.11 3.53
CA TYR A 83 4.05 -5.06 3.79
C TYR A 83 4.57 -6.41 4.29
N GLU A 84 3.80 -7.01 5.19
CA GLU A 84 4.17 -8.30 5.75
C GLU A 84 3.95 -9.41 4.71
N SER A 85 3.05 -9.13 3.78
CA SER A 85 2.74 -10.10 2.74
C SER A 85 3.86 -10.12 1.70
N TYR A 86 4.25 -8.93 1.27
CA TYR A 86 5.31 -8.80 0.28
C TYR A 86 6.64 -8.45 0.95
N CYS A 87 6.64 -8.48 2.27
CA CYS A 87 7.83 -8.16 3.04
C CYS A 87 8.98 -9.02 2.50
N GLY A 88 10.13 -8.37 2.34
CA GLY A 88 11.31 -9.06 1.83
C GLY A 88 11.55 -8.71 0.35
N ILE A 89 10.67 -7.89 -0.17
CA ILE A 89 10.77 -7.48 -1.57
C ILE A 89 10.76 -5.95 -1.65
N ASP A 90 11.87 -5.40 -2.13
CA ASP A 90 12.00 -3.97 -2.26
C ASP A 90 12.00 -3.59 -3.74
N ASP A 91 11.91 -4.62 -4.58
CA ASP A 91 11.90 -4.41 -6.02
C ASP A 91 11.24 -5.62 -6.70
N CYS A 92 10.45 -5.33 -7.71
CA CYS A 92 9.77 -6.38 -8.45
C CYS A 92 10.82 -7.23 -9.16
N PRO A 93 10.83 -8.55 -8.82
CA PRO A 93 11.78 -9.47 -9.42
C PRO A 93 11.39 -9.81 -10.86
N GLN A 94 10.12 -9.55 -11.17
CA GLN A 94 9.61 -9.83 -12.50
C GLN A 94 10.42 -9.07 -13.55
N CYS A 95 10.65 -7.79 -13.27
CA CYS A 95 11.42 -6.96 -14.18
C CYS A 95 12.79 -7.61 -14.40
N SER A 96 13.27 -8.26 -13.35
CA SER A 96 14.56 -8.93 -13.42
C SER A 96 14.44 -10.20 -14.26
N LYS A 97 13.30 -10.86 -14.13
CA LYS A 97 13.06 -12.08 -14.88
C LYS A 97 12.74 -11.74 -16.34
N TYR A 98 12.41 -10.48 -16.55
CA TYR A 98 12.09 -10.00 -17.90
C TYR A 98 13.08 -8.91 -18.34
N ILE A 99 12.84 -8.41 -19.54
CA ILE A 99 13.69 -7.38 -20.10
C ILE A 99 13.03 -6.02 -19.88
N ASP A 100 13.86 -5.00 -19.70
CA ASP A 100 13.38 -3.65 -19.47
C ASP A 100 13.38 -2.90 -20.81
N ASP A 101 12.18 -2.78 -21.38
CA ASP A 101 12.03 -2.08 -22.65
C ASP A 101 12.79 -2.85 -23.74
N GLU A 16 -11.34 -7.96 -3.12
CA GLU A 16 -11.87 -7.03 -4.11
C GLU A 16 -10.80 -6.02 -4.51
N ASP A 17 -11.11 -5.24 -5.53
CA ASP A 17 -10.19 -4.23 -6.03
C ASP A 17 -10.43 -2.92 -5.28
N GLN A 18 -11.20 -3.01 -4.21
CA GLN A 18 -11.52 -1.84 -3.40
C GLN A 18 -10.27 -1.36 -2.66
N GLU A 19 -9.55 -2.31 -2.07
CA GLU A 19 -8.35 -2.00 -1.33
C GLU A 19 -7.23 -1.58 -2.29
N GLN A 20 -7.23 -2.21 -3.45
CA GLN A 20 -6.22 -1.91 -4.46
C GLN A 20 -6.28 -0.43 -4.85
N TRP A 21 -7.48 0.01 -5.20
CA TRP A 21 -7.69 1.39 -5.60
C TRP A 21 -7.18 2.29 -4.46
N ALA A 22 -7.33 1.79 -3.24
CA ALA A 22 -6.90 2.52 -2.07
C ALA A 22 -5.37 2.62 -2.07
N MET A 23 -4.74 1.49 -2.39
CA MET A 23 -3.29 1.43 -2.43
C MET A 23 -2.72 2.57 -3.26
N GLN A 24 -3.49 2.98 -4.27
CA GLN A 24 -3.08 4.06 -5.14
C GLN A 24 -2.38 5.17 -4.34
N THR A 25 -3.19 5.91 -3.60
CA THR A 25 -2.67 7.00 -2.79
C THR A 25 -1.92 6.44 -1.58
N LEU A 26 -2.61 5.61 -0.82
CA LEU A 26 -2.02 5.00 0.37
C LEU A 26 -0.56 4.67 0.09
N MET A 27 -0.35 3.73 -0.82
CA MET A 27 0.99 3.32 -1.19
C MET A 27 1.68 4.38 -2.04
N GLY A 28 0.86 5.18 -2.69
CA GLY A 28 1.38 6.24 -3.55
C GLY A 28 2.08 7.33 -2.72
N SER A 29 1.94 7.20 -1.41
CA SER A 29 2.55 8.16 -0.50
C SER A 29 4.07 8.14 -0.67
N GLY A 30 4.55 7.12 -1.37
CA GLY A 30 5.97 6.97 -1.61
C GLY A 30 6.61 6.01 -0.61
N VAL A 31 5.75 5.45 0.24
CA VAL A 31 6.22 4.51 1.26
C VAL A 31 6.57 3.19 0.59
N LEU A 32 5.67 2.73 -0.28
CA LEU A 32 5.88 1.49 -0.99
C LEU A 32 6.48 1.77 -2.36
N ALA A 33 6.76 0.70 -3.09
CA ALA A 33 7.35 0.82 -4.42
C ALA A 33 6.54 -0.03 -5.40
N ARG A 34 6.30 0.54 -6.56
CA ARG A 34 5.56 -0.15 -7.60
C ARG A 34 6.37 -0.20 -8.90
N CYS A 35 6.16 -1.27 -9.65
CA CYS A 35 6.86 -1.44 -10.92
C CYS A 35 6.27 -0.48 -11.93
N ARG A 36 7.15 0.13 -12.71
CA ARG A 36 6.72 1.08 -13.72
C ARG A 36 6.02 0.35 -14.87
N ILE A 37 6.03 -0.97 -14.79
CA ILE A 37 5.40 -1.78 -15.80
C ILE A 37 4.04 -2.26 -15.29
N HIS A 38 3.85 -2.14 -13.99
CA HIS A 38 2.61 -2.55 -13.37
C HIS A 38 2.45 -1.84 -12.02
N ASN A 39 1.28 -1.22 -11.85
CA ASN A 39 1.00 -0.49 -10.62
C ASN A 39 0.17 -1.39 -9.69
N ASP A 40 -0.24 -2.53 -10.23
CA ASP A 40 -1.03 -3.48 -9.46
C ASP A 40 -0.11 -4.29 -8.56
N VAL A 41 1.18 -3.97 -8.63
CA VAL A 41 2.17 -4.65 -7.83
C VAL A 41 2.54 -3.79 -6.62
N ILE A 42 2.89 -4.47 -5.53
CA ILE A 42 3.26 -3.78 -4.31
C ILE A 42 4.64 -4.25 -3.86
N LEU A 43 5.51 -3.29 -3.61
CA LEU A 43 6.86 -3.61 -3.16
C LEU A 43 7.18 -2.79 -1.91
N ASP A 44 8.21 -3.22 -1.21
CA ASP A 44 8.64 -2.55 0.01
C ASP A 44 9.80 -1.61 -0.31
N SER A 45 9.72 -0.41 0.25
CA SER A 45 10.75 0.60 0.02
C SER A 45 11.62 0.75 1.28
N GLY A 46 10.93 0.84 2.42
CA GLY A 46 11.61 0.99 3.69
C GLY A 46 11.56 2.44 4.16
N ASN A 47 10.44 3.09 3.88
CA ASN A 47 10.26 4.48 4.27
C ASN A 47 9.19 4.56 5.36
N ASP A 48 9.13 5.72 6.01
CA ASP A 48 8.16 5.94 7.07
C ASP A 48 6.77 5.56 6.56
N ALA A 49 6.35 4.36 6.95
CA ALA A 49 5.05 3.87 6.54
C ALA A 49 3.96 4.64 7.28
N SER A 50 4.39 5.40 8.27
CA SER A 50 3.47 6.19 9.07
C SER A 50 2.67 7.13 8.17
N SER A 51 3.38 7.73 7.23
CA SER A 51 2.76 8.65 6.29
C SER A 51 1.68 7.92 5.47
N ALA A 52 2.12 6.84 4.84
CA ALA A 52 1.22 6.05 4.02
C ALA A 52 -0.01 5.66 4.84
N TYR A 53 0.25 5.26 6.08
CA TYR A 53 -0.82 4.86 6.98
C TYR A 53 -1.68 6.06 7.38
N LYS A 54 -1.05 7.22 7.37
CA LYS A 54 -1.73 8.45 7.73
C LYS A 54 -2.72 8.81 6.63
N LEU A 55 -2.23 8.82 5.40
CA LEU A 55 -3.05 9.15 4.25
C LEU A 55 -4.00 7.97 3.97
N GLY A 56 -3.54 6.78 4.32
CA GLY A 56 -4.33 5.58 4.11
C GLY A 56 -5.54 5.54 5.03
N THR A 57 -5.27 5.72 6.32
CA THR A 57 -6.32 5.71 7.32
C THR A 57 -7.29 6.88 7.08
N TYR A 58 -6.72 8.04 6.80
CA TYR A 58 -7.50 9.23 6.56
C TYR A 58 -8.46 9.02 5.38
N LEU A 59 -7.91 8.53 4.29
CA LEU A 59 -8.69 8.28 3.09
C LEU A 59 -9.65 7.12 3.35
N TYR A 60 -9.18 6.16 4.14
CA TYR A 60 -9.98 5.00 4.47
C TYR A 60 -11.22 5.40 5.27
N GLN A 61 -11.02 6.33 6.20
CA GLN A 61 -12.11 6.80 7.03
C GLN A 61 -11.89 8.28 7.40
N LYS A 62 -12.95 9.05 7.26
CA LYS A 62 -12.90 10.47 7.57
C LYS A 62 -12.79 10.64 9.10
N ASP A 63 -11.97 11.60 9.50
CA ASP A 63 -11.78 11.89 10.91
C ASP A 63 -13.12 12.32 11.53
N ASN A 64 -14.02 12.74 10.64
CA ASN A 64 -15.33 13.19 11.09
C ASN A 64 -16.05 12.04 11.81
N SER A 65 -15.93 10.86 11.23
CA SER A 65 -16.55 9.68 11.80
C SER A 65 -15.96 9.38 13.18
N CYS A 66 -16.82 8.95 14.08
CA CYS A 66 -16.40 8.64 15.44
C CYS A 66 -15.64 7.31 15.41
N ASN A 67 -15.74 6.63 14.27
CA ASN A 67 -15.07 5.36 14.10
C ASN A 67 -15.70 4.33 15.03
N LEU A 68 -17.03 4.33 15.06
CA LEU A 68 -17.76 3.41 15.91
C LEU A 68 -18.09 2.15 15.12
N PHE A 69 -18.35 2.34 13.83
CA PHE A 69 -18.68 1.22 12.96
C PHE A 69 -17.42 0.66 12.31
N ASN A 70 -16.61 1.55 11.75
CA ASN A 70 -15.37 1.14 11.11
C ASN A 70 -14.24 1.19 12.13
N THR A 71 -13.33 0.23 12.00
CA THR A 71 -12.18 0.15 12.89
C THR A 71 -10.90 0.56 12.17
N LEU A 72 -10.16 1.47 12.79
CA LEU A 72 -8.92 1.95 12.21
C LEU A 72 -7.89 0.82 12.21
N THR A 73 -8.00 -0.04 13.21
CA THR A 73 -7.08 -1.16 13.34
C THR A 73 -7.15 -2.04 12.09
N GLU A 74 -8.34 -2.10 11.51
CA GLU A 74 -8.55 -2.90 10.31
C GLU A 74 -7.63 -2.40 9.18
N ALA A 75 -7.68 -1.09 8.96
CA ALA A 75 -6.87 -0.48 7.92
C ALA A 75 -5.40 -0.70 8.24
N ARG A 76 -5.05 -0.46 9.50
CA ARG A 76 -3.68 -0.62 9.94
C ARG A 76 -3.17 -2.02 9.59
N ASP A 77 -4.02 -3.01 9.83
CA ASP A 77 -3.66 -4.38 9.54
C ASP A 77 -3.75 -4.62 8.03
N ALA A 78 -4.67 -3.90 7.40
CA ALA A 78 -4.85 -4.03 5.96
C ALA A 78 -3.55 -3.68 5.25
N ILE A 79 -3.01 -2.52 5.61
CA ILE A 79 -1.77 -2.06 5.02
C ILE A 79 -0.61 -2.90 5.54
N LYS A 80 -0.53 -2.98 6.86
CA LYS A 80 0.53 -3.76 7.51
C LYS A 80 0.53 -5.18 6.94
N ASP A 81 -0.66 -5.62 6.53
CA ASP A 81 -0.81 -6.95 5.97
C ASP A 81 -0.20 -6.98 4.57
N ALA A 82 -0.58 -5.99 3.77
CA ALA A 82 -0.08 -5.90 2.40
C ALA A 82 1.44 -5.81 2.43
N TYR A 83 1.94 -4.97 3.32
CA TYR A 83 3.38 -4.77 3.46
C TYR A 83 4.07 -6.08 3.84
N GLU A 84 3.50 -6.73 4.84
CA GLU A 84 4.06 -8.00 5.33
C GLU A 84 3.82 -9.09 4.29
N SER A 85 2.80 -8.90 3.48
CA SER A 85 2.46 -9.86 2.44
C SER A 85 3.56 -9.89 1.38
N TYR A 86 3.95 -8.71 0.93
CA TYR A 86 4.98 -8.58 -0.09
C TYR A 86 6.34 -8.28 0.55
N CYS A 87 6.32 -8.11 1.87
CA CYS A 87 7.54 -7.82 2.60
C CYS A 87 8.61 -8.82 2.18
N GLY A 88 9.83 -8.33 2.07
CA GLY A 88 10.95 -9.17 1.67
C GLY A 88 11.31 -8.94 0.20
N ILE A 89 10.58 -8.01 -0.41
CA ILE A 89 10.81 -7.70 -1.81
C ILE A 89 11.05 -6.20 -1.96
N ASP A 90 12.26 -5.85 -2.36
CA ASP A 90 12.64 -4.46 -2.55
C ASP A 90 12.49 -4.09 -4.03
N ASP A 91 12.37 -5.13 -4.85
CA ASP A 91 12.24 -4.93 -6.28
C ASP A 91 11.44 -6.08 -6.89
N CYS A 92 10.43 -5.73 -7.66
CA CYS A 92 9.59 -6.73 -8.30
C CYS A 92 10.49 -7.73 -9.02
N PRO A 93 10.59 -8.95 -8.43
CA PRO A 93 11.40 -10.00 -9.01
C PRO A 93 10.73 -10.61 -10.24
N GLN A 94 9.43 -10.36 -10.35
CA GLN A 94 8.66 -10.88 -11.47
C GLN A 94 9.27 -10.41 -12.79
N CYS A 95 9.92 -9.26 -12.73
CA CYS A 95 10.54 -8.69 -13.91
C CYS A 95 11.84 -9.45 -14.18
N SER A 96 12.47 -9.88 -13.10
CA SER A 96 13.72 -10.62 -13.21
C SER A 96 13.43 -12.12 -13.30
N LYS A 97 12.17 -12.47 -13.09
CA LYS A 97 11.75 -13.86 -13.15
C LYS A 97 11.22 -14.16 -14.56
N TYR A 98 10.61 -13.15 -15.16
CA TYR A 98 10.06 -13.28 -16.49
C TYR A 98 10.71 -12.31 -17.47
N ILE A 99 10.24 -12.35 -18.71
CA ILE A 99 10.78 -11.49 -19.74
C ILE A 99 10.46 -10.03 -19.39
N ASP A 100 11.31 -9.14 -19.86
CA ASP A 100 11.13 -7.73 -19.61
C ASP A 100 10.41 -7.08 -20.79
N ASP A 101 9.12 -6.84 -20.60
CA ASP A 101 8.30 -6.24 -21.65
C ASP A 101 8.56 -6.96 -22.97
N GLU A 16 -7.68 -6.76 -8.08
CA GLU A 16 -7.64 -8.00 -7.32
C GLU A 16 -8.54 -7.89 -6.09
N ASP A 17 -8.39 -6.78 -5.37
CA ASP A 17 -9.19 -6.55 -4.19
C ASP A 17 -9.50 -5.06 -4.06
N GLN A 18 -10.51 -4.75 -3.26
CA GLN A 18 -10.92 -3.38 -3.05
C GLN A 18 -9.84 -2.61 -2.29
N GLU A 19 -9.30 -3.27 -1.27
CA GLU A 19 -8.26 -2.67 -0.46
C GLU A 19 -7.08 -2.26 -1.32
N GLN A 20 -6.64 -3.19 -2.17
CA GLN A 20 -5.52 -2.94 -3.06
C GLN A 20 -5.80 -1.70 -3.92
N TRP A 21 -7.07 -1.50 -4.21
CA TRP A 21 -7.47 -0.37 -5.03
C TRP A 21 -7.30 0.91 -4.20
N ALA A 22 -7.79 0.84 -2.97
CA ALA A 22 -7.68 1.97 -2.07
C ALA A 22 -6.21 2.36 -1.91
N MET A 23 -5.35 1.37 -2.03
CA MET A 23 -3.92 1.59 -1.91
C MET A 23 -3.44 2.67 -2.89
N GLN A 24 -4.27 2.91 -3.89
CA GLN A 24 -3.95 3.92 -4.89
C GLN A 24 -3.26 5.12 -4.24
N THR A 25 -4.00 5.79 -3.38
CA THR A 25 -3.48 6.95 -2.67
C THR A 25 -2.57 6.52 -1.53
N LEU A 26 -3.14 5.75 -0.62
CA LEU A 26 -2.40 5.27 0.53
C LEU A 26 -0.95 5.00 0.12
N MET A 27 -0.80 4.03 -0.76
CA MET A 27 0.52 3.66 -1.25
C MET A 27 1.06 4.71 -2.22
N GLY A 28 0.14 5.31 -2.96
CA GLY A 28 0.50 6.34 -3.93
C GLY A 28 1.30 7.46 -3.26
N SER A 29 1.21 7.50 -1.94
CA SER A 29 1.91 8.52 -1.17
C SER A 29 3.43 8.38 -1.38
N GLY A 30 3.81 7.25 -1.95
CA GLY A 30 5.21 6.98 -2.20
C GLY A 30 5.86 6.27 -1.01
N VAL A 31 5.01 5.65 -0.20
CA VAL A 31 5.48 4.93 0.98
C VAL A 31 6.16 3.63 0.53
N LEU A 32 5.50 2.93 -0.38
CA LEU A 32 6.02 1.67 -0.89
C LEU A 32 6.69 1.92 -2.25
N ALA A 33 7.24 0.85 -2.80
CA ALA A 33 7.91 0.94 -4.08
C ALA A 33 7.11 0.16 -5.13
N ARG A 34 7.00 0.76 -6.30
CA ARG A 34 6.26 0.14 -7.40
C ARG A 34 7.14 0.03 -8.64
N CYS A 35 7.15 -1.17 -9.21
CA CYS A 35 7.95 -1.42 -10.40
C CYS A 35 7.37 -0.59 -11.55
N ARG A 36 8.26 0.17 -12.18
CA ARG A 36 7.85 1.02 -13.30
C ARG A 36 7.29 0.16 -14.43
N ILE A 37 7.56 -1.13 -14.35
CA ILE A 37 7.09 -2.06 -15.37
C ILE A 37 5.68 -2.53 -15.00
N HIS A 38 5.35 -2.36 -13.73
CA HIS A 38 4.04 -2.76 -13.24
C HIS A 38 3.72 -2.02 -11.94
N ASN A 39 2.67 -1.20 -11.99
CA ASN A 39 2.27 -0.43 -10.83
C ASN A 39 1.20 -1.21 -10.06
N ASP A 40 0.75 -2.29 -10.66
CA ASP A 40 -0.27 -3.14 -10.05
C ASP A 40 0.40 -4.07 -9.03
N VAL A 41 1.70 -3.88 -8.87
CA VAL A 41 2.46 -4.69 -7.93
C VAL A 41 2.87 -3.84 -6.73
N ILE A 42 3.10 -4.50 -5.62
CA ILE A 42 3.51 -3.81 -4.40
C ILE A 42 4.82 -4.41 -3.89
N LEU A 43 5.85 -3.58 -3.91
CA LEU A 43 7.16 -4.02 -3.45
C LEU A 43 7.54 -3.25 -2.18
N ASP A 44 8.14 -3.97 -1.24
CA ASP A 44 8.56 -3.38 0.01
C ASP A 44 9.53 -2.23 -0.27
N SER A 45 9.22 -1.07 0.29
CA SER A 45 10.05 0.10 0.11
C SER A 45 11.08 0.18 1.25
N GLY A 46 10.57 0.13 2.47
CA GLY A 46 11.43 0.21 3.64
C GLY A 46 11.38 1.60 4.27
N ASN A 47 10.66 2.49 3.60
CA ASN A 47 10.53 3.86 4.08
C ASN A 47 9.44 3.91 5.16
N ASP A 48 9.41 5.04 5.86
CA ASP A 48 8.42 5.24 6.91
C ASP A 48 7.03 4.94 6.36
N ALA A 49 6.48 3.82 6.82
CA ALA A 49 5.15 3.41 6.38
C ALA A 49 4.11 4.26 7.10
N SER A 50 4.56 4.98 8.12
CA SER A 50 3.67 5.84 8.88
C SER A 50 2.91 6.78 7.94
N SER A 51 3.58 7.14 6.85
CA SER A 51 2.98 8.03 5.87
C SER A 51 1.76 7.35 5.21
N ALA A 52 1.97 6.09 4.83
CA ALA A 52 0.92 5.33 4.20
C ALA A 52 -0.22 5.12 5.19
N TYR A 53 0.15 5.01 6.45
CA TYR A 53 -0.83 4.82 7.51
C TYR A 53 -1.65 6.09 7.75
N LYS A 54 -0.93 7.21 7.80
CA LYS A 54 -1.57 8.50 8.03
C LYS A 54 -2.48 8.81 6.84
N LEU A 55 -1.91 8.70 5.66
CA LEU A 55 -2.66 8.98 4.44
C LEU A 55 -3.66 7.86 4.19
N GLY A 56 -3.30 6.67 4.65
CA GLY A 56 -4.15 5.51 4.49
C GLY A 56 -5.45 5.66 5.29
N THR A 57 -5.28 6.04 6.55
CA THR A 57 -6.41 6.23 7.43
C THR A 57 -7.24 7.44 7.00
N TYR A 58 -6.52 8.47 6.55
CA TYR A 58 -7.16 9.69 6.11
C TYR A 58 -8.13 9.42 4.96
N LEU A 59 -7.66 8.63 4.00
CA LEU A 59 -8.47 8.28 2.85
C LEU A 59 -9.50 7.23 3.25
N TYR A 60 -9.01 6.20 3.91
CA TYR A 60 -9.87 5.12 4.36
C TYR A 60 -11.07 5.66 5.14
N GLN A 61 -10.80 6.68 5.94
CA GLN A 61 -11.85 7.30 6.74
C GLN A 61 -12.30 8.62 6.10
N LYS A 62 -13.59 8.68 5.81
CA LYS A 62 -14.15 9.87 5.19
C LYS A 62 -15.68 9.83 5.33
N ASP A 63 -16.31 10.92 4.90
CA ASP A 63 -17.76 11.01 4.96
C ASP A 63 -18.23 10.56 6.35
N ASN A 64 -17.38 10.78 7.34
CA ASN A 64 -17.70 10.41 8.70
C ASN A 64 -19.08 10.97 9.06
N SER A 65 -20.02 10.05 9.25
CA SER A 65 -21.38 10.44 9.60
C SER A 65 -21.70 9.98 11.02
N CYS A 66 -20.75 9.26 11.61
CA CYS A 66 -20.92 8.77 12.97
C CYS A 66 -22.07 7.75 12.96
N ASN A 67 -22.19 7.05 11.85
CA ASN A 67 -23.23 6.05 11.71
C ASN A 67 -22.71 4.69 12.19
N LEU A 68 -21.57 4.30 11.64
CA LEU A 68 -20.96 3.03 12.01
C LEU A 68 -19.47 3.25 12.26
N PHE A 69 -19.08 3.06 13.51
CA PHE A 69 -17.69 3.23 13.90
C PHE A 69 -16.79 2.24 13.16
N ASN A 70 -15.89 2.79 12.35
CA ASN A 70 -14.98 1.97 11.57
C ASN A 70 -13.70 1.73 12.39
N THR A 71 -13.27 0.48 12.40
CA THR A 71 -12.08 0.10 13.13
C THR A 71 -10.83 0.50 12.35
N LEU A 72 -10.01 1.34 13.00
CA LEU A 72 -8.78 1.80 12.38
C LEU A 72 -7.78 0.64 12.31
N THR A 73 -7.82 -0.20 13.32
CA THR A 73 -6.94 -1.35 13.38
C THR A 73 -7.00 -2.15 12.08
N GLU A 74 -8.20 -2.20 11.51
CA GLU A 74 -8.42 -2.92 10.28
C GLU A 74 -7.55 -2.36 9.16
N ALA A 75 -7.59 -1.03 9.03
CA ALA A 75 -6.81 -0.36 8.02
C ALA A 75 -5.32 -0.64 8.26
N ARG A 76 -4.89 -0.41 9.49
CA ARG A 76 -3.50 -0.64 9.86
C ARG A 76 -3.08 -2.06 9.50
N ASP A 77 -4.03 -2.99 9.67
CA ASP A 77 -3.77 -4.38 9.37
C ASP A 77 -3.76 -4.58 7.85
N ALA A 78 -4.54 -3.76 7.17
CA ALA A 78 -4.63 -3.83 5.72
C ALA A 78 -3.28 -3.39 5.11
N ILE A 79 -2.70 -2.37 5.72
CA ILE A 79 -1.43 -1.86 5.26
C ILE A 79 -0.31 -2.77 5.74
N LYS A 80 -0.41 -3.19 6.99
CA LYS A 80 0.58 -4.06 7.59
C LYS A 80 0.51 -5.43 6.91
N ASP A 81 -0.67 -5.76 6.43
CA ASP A 81 -0.88 -7.04 5.76
C ASP A 81 -0.29 -6.98 4.35
N ALA A 82 -0.67 -5.93 3.64
CA ALA A 82 -0.18 -5.75 2.28
C ALA A 82 1.34 -5.58 2.30
N TYR A 83 1.80 -4.84 3.31
CA TYR A 83 3.23 -4.60 3.46
C TYR A 83 3.96 -5.88 3.89
N GLU A 84 3.46 -6.47 4.96
CA GLU A 84 4.05 -7.70 5.49
C GLU A 84 3.88 -8.84 4.49
N SER A 85 2.86 -8.70 3.64
CA SER A 85 2.58 -9.71 2.64
C SER A 85 3.55 -9.58 1.47
N TYR A 86 3.70 -8.35 1.00
CA TYR A 86 4.60 -8.07 -0.10
C TYR A 86 5.98 -7.66 0.40
N CYS A 87 6.15 -7.74 1.70
CA CYS A 87 7.42 -7.37 2.32
C CYS A 87 8.45 -8.43 1.95
N GLY A 88 9.67 -7.97 1.72
CA GLY A 88 10.75 -8.86 1.35
C GLY A 88 11.13 -8.70 -0.12
N ILE A 89 10.27 -8.01 -0.84
CA ILE A 89 10.49 -7.78 -2.26
C ILE A 89 10.41 -6.28 -2.55
N ASP A 90 11.58 -5.67 -2.69
CA ASP A 90 11.65 -4.24 -2.98
C ASP A 90 11.84 -4.03 -4.47
N ASP A 91 12.33 -5.07 -5.13
CA ASP A 91 12.57 -5.02 -6.57
C ASP A 91 12.61 -6.43 -7.13
N CYS A 92 12.21 -6.55 -8.39
CA CYS A 92 12.19 -7.84 -9.06
C CYS A 92 13.61 -8.17 -9.49
N PRO A 93 13.95 -9.48 -9.37
CA PRO A 93 15.28 -9.96 -9.74
C PRO A 93 15.43 -10.01 -11.26
N GLN A 94 14.31 -10.24 -11.93
CA GLN A 94 14.31 -10.32 -13.38
C GLN A 94 14.36 -8.92 -13.99
N CYS A 95 13.62 -8.00 -13.36
CA CYS A 95 13.56 -6.63 -13.83
C CYS A 95 14.98 -6.04 -13.74
N SER A 96 15.67 -6.40 -12.67
CA SER A 96 17.02 -5.92 -12.45
C SER A 96 18.01 -6.71 -13.32
N LYS A 97 17.68 -7.98 -13.52
CA LYS A 97 18.53 -8.84 -14.32
C LYS A 97 18.46 -8.41 -15.78
N TYR A 98 17.35 -7.77 -16.12
CA TYR A 98 17.15 -7.30 -17.48
C TYR A 98 17.31 -5.78 -17.56
N ILE A 99 18.40 -5.37 -18.22
CA ILE A 99 18.69 -3.95 -18.37
C ILE A 99 18.74 -3.61 -19.85
N ASP A 100 18.15 -2.47 -20.19
CA ASP A 100 18.13 -2.02 -21.57
C ASP A 100 19.28 -1.03 -21.80
N ASP A 101 20.32 -1.53 -22.44
CA ASP A 101 21.50 -0.72 -22.72
C ASP A 101 21.47 -0.29 -24.19
N GLU A 16 -13.21 -8.59 -6.49
CA GLU A 16 -13.52 -7.19 -6.26
C GLU A 16 -12.24 -6.41 -5.97
N ASP A 17 -11.41 -6.97 -5.10
CA ASP A 17 -10.17 -6.33 -4.73
C ASP A 17 -10.41 -4.84 -4.49
N GLN A 18 -11.55 -4.55 -3.89
CA GLN A 18 -11.90 -3.17 -3.59
C GLN A 18 -10.93 -2.57 -2.58
N GLU A 19 -10.66 -3.33 -1.54
CA GLU A 19 -9.74 -2.88 -0.50
C GLU A 19 -8.42 -2.41 -1.13
N GLN A 20 -8.04 -3.08 -2.21
CA GLN A 20 -6.80 -2.74 -2.89
C GLN A 20 -6.91 -1.33 -3.48
N TRP A 21 -8.12 -0.96 -3.85
CA TRP A 21 -8.36 0.35 -4.43
C TRP A 21 -7.80 1.40 -3.46
N ALA A 22 -7.87 1.08 -2.18
CA ALA A 22 -7.37 1.98 -1.15
C ALA A 22 -5.87 2.21 -1.36
N MET A 23 -5.15 1.11 -1.52
CA MET A 23 -3.72 1.17 -1.73
C MET A 23 -3.38 2.17 -2.85
N GLN A 24 -4.35 2.37 -3.73
CA GLN A 24 -4.15 3.29 -4.85
C GLN A 24 -3.37 4.53 -4.39
N THR A 25 -4.07 5.42 -3.71
CA THR A 25 -3.45 6.63 -3.21
C THR A 25 -2.34 6.30 -2.23
N LEU A 26 -2.64 5.39 -1.32
CA LEU A 26 -1.68 4.97 -0.32
C LEU A 26 -0.29 4.85 -0.97
N MET A 27 -0.12 3.80 -1.75
CA MET A 27 1.13 3.56 -2.43
C MET A 27 1.53 4.77 -3.29
N GLY A 28 0.51 5.41 -3.84
CA GLY A 28 0.74 6.59 -4.68
C GLY A 28 1.33 7.74 -3.86
N SER A 29 1.20 7.62 -2.55
CA SER A 29 1.71 8.65 -1.66
C SER A 29 3.24 8.70 -1.76
N GLY A 30 3.82 7.61 -2.22
CA GLY A 30 5.26 7.51 -2.36
C GLY A 30 5.88 6.81 -1.15
N VAL A 31 5.04 6.15 -0.38
CA VAL A 31 5.49 5.43 0.79
C VAL A 31 6.23 4.17 0.36
N LEU A 32 5.61 3.44 -0.56
CA LEU A 32 6.20 2.20 -1.05
C LEU A 32 6.72 2.43 -2.48
N ALA A 33 7.31 1.39 -3.04
CA ALA A 33 7.86 1.47 -4.38
C ALA A 33 7.10 0.48 -5.28
N ARG A 34 6.83 0.93 -6.50
CA ARG A 34 6.13 0.10 -7.45
C ARG A 34 6.94 -0.04 -8.74
N CYS A 35 6.68 -1.12 -9.46
CA CYS A 35 7.38 -1.37 -10.71
C CYS A 35 6.98 -0.29 -11.71
N ARG A 36 7.97 0.18 -12.45
CA ARG A 36 7.73 1.21 -13.45
C ARG A 36 6.96 0.64 -14.64
N ILE A 37 6.76 -0.67 -14.59
CA ILE A 37 6.04 -1.35 -15.65
C ILE A 37 4.63 -1.72 -15.16
N HIS A 38 4.49 -1.73 -13.84
CA HIS A 38 3.22 -2.06 -13.23
C HIS A 38 3.10 -1.37 -11.88
N ASN A 39 2.01 -0.63 -11.71
CA ASN A 39 1.77 0.08 -10.48
C ASN A 39 0.83 -0.73 -9.59
N ASP A 40 0.31 -1.81 -10.16
CA ASP A 40 -0.60 -2.68 -9.44
C ASP A 40 0.21 -3.61 -8.53
N VAL A 41 1.51 -3.41 -8.55
CA VAL A 41 2.40 -4.22 -7.73
C VAL A 41 2.89 -3.38 -6.54
N ILE A 42 3.27 -4.09 -5.49
CA ILE A 42 3.75 -3.43 -4.28
C ILE A 42 5.15 -3.94 -3.95
N LEU A 43 6.05 -3.01 -3.71
CA LEU A 43 7.42 -3.35 -3.39
C LEU A 43 7.91 -2.46 -2.24
N ASP A 44 8.68 -3.07 -1.35
CA ASP A 44 9.21 -2.34 -0.20
C ASP A 44 10.07 -1.18 -0.70
N SER A 45 9.81 0.00 -0.14
CA SER A 45 10.55 1.19 -0.51
C SER A 45 11.69 1.43 0.48
N GLY A 46 11.49 0.94 1.70
CA GLY A 46 12.48 1.10 2.74
C GLY A 46 12.29 2.43 3.49
N ASN A 47 11.08 2.95 3.41
CA ASN A 47 10.74 4.19 4.07
C ASN A 47 9.71 3.93 5.16
N ASP A 48 9.58 4.89 6.06
CA ASP A 48 8.64 4.78 7.16
C ASP A 48 7.24 4.49 6.60
N ALA A 49 6.74 3.32 6.93
CA ALA A 49 5.42 2.91 6.47
C ALA A 49 4.36 3.73 7.21
N SER A 50 4.78 4.31 8.32
CA SER A 50 3.87 5.12 9.13
C SER A 50 3.18 6.17 8.26
N SER A 51 3.92 6.64 7.25
CA SER A 51 3.39 7.63 6.35
C SER A 51 2.18 7.09 5.60
N ALA A 52 2.38 5.95 4.95
CA ALA A 52 1.31 5.32 4.21
C ALA A 52 0.15 5.02 5.14
N TYR A 53 0.49 4.56 6.34
CA TYR A 53 -0.52 4.24 7.34
C TYR A 53 -1.44 5.43 7.59
N LYS A 54 -0.81 6.60 7.71
CA LYS A 54 -1.56 7.82 7.95
C LYS A 54 -2.43 8.14 6.74
N LEU A 55 -1.82 8.00 5.56
CA LEU A 55 -2.53 8.27 4.32
C LEU A 55 -3.70 7.30 4.18
N GLY A 56 -3.49 6.10 4.70
CA GLY A 56 -4.51 5.07 4.64
C GLY A 56 -5.62 5.33 5.66
N THR A 57 -5.21 5.74 6.84
CA THR A 57 -6.15 6.04 7.91
C THR A 57 -7.08 7.18 7.50
N TYR A 58 -6.52 8.13 6.77
CA TYR A 58 -7.28 9.27 6.31
C TYR A 58 -8.23 8.88 5.17
N LEU A 59 -7.65 8.24 4.17
CA LEU A 59 -8.43 7.81 3.01
C LEU A 59 -9.55 6.88 3.48
N TYR A 60 -9.17 5.90 4.29
CA TYR A 60 -10.13 4.95 4.82
C TYR A 60 -11.20 5.65 5.65
N GLN A 61 -10.73 6.45 6.61
CA GLN A 61 -11.64 7.17 7.48
C GLN A 61 -11.92 8.57 6.90
N LYS A 62 -13.10 8.70 6.33
CA LYS A 62 -13.51 9.96 5.74
C LYS A 62 -15.02 10.15 5.92
N ASP A 63 -15.36 11.02 6.85
CA ASP A 63 -16.77 11.29 7.13
C ASP A 63 -16.87 12.53 8.02
N ASN A 64 -18.10 13.03 8.14
CA ASN A 64 -18.35 14.21 8.95
C ASN A 64 -18.99 13.79 10.27
N SER A 65 -19.37 12.52 10.33
CA SER A 65 -19.99 11.99 11.53
C SER A 65 -19.21 10.76 12.02
N CYS A 66 -19.61 10.29 13.21
CA CYS A 66 -18.96 9.13 13.79
C CYS A 66 -19.76 7.89 13.43
N ASN A 67 -20.62 8.05 12.42
CA ASN A 67 -21.46 6.96 11.97
C ASN A 67 -20.61 5.97 11.16
N LEU A 68 -19.39 6.39 10.86
CA LEU A 68 -18.47 5.57 10.10
C LEU A 68 -18.35 4.20 10.77
N PHE A 69 -18.48 3.16 9.95
CA PHE A 69 -18.39 1.81 10.45
C PHE A 69 -17.00 1.22 10.21
N ASN A 70 -16.27 1.87 9.31
CA ASN A 70 -14.92 1.43 8.98
C ASN A 70 -14.05 1.50 10.23
N THR A 71 -13.36 0.40 10.50
CA THR A 71 -12.49 0.32 11.66
C THR A 71 -11.06 0.75 11.29
N LEU A 72 -10.46 1.51 12.20
CA LEU A 72 -9.11 1.99 11.99
C LEU A 72 -8.14 0.81 12.01
N THR A 73 -8.35 -0.07 12.99
CA THR A 73 -7.51 -1.25 13.13
C THR A 73 -7.43 -2.02 11.81
N GLU A 74 -8.53 -1.97 11.07
CA GLU A 74 -8.60 -2.66 9.80
C GLU A 74 -7.76 -1.92 8.75
N ALA A 75 -7.69 -0.61 8.91
CA ALA A 75 -6.93 0.22 8.00
C ALA A 75 -5.44 -0.06 8.18
N ARG A 76 -5.00 0.01 9.43
CA ARG A 76 -3.61 -0.23 9.75
C ARG A 76 -3.25 -1.68 9.48
N ASP A 77 -4.23 -2.55 9.68
CA ASP A 77 -4.02 -3.97 9.46
C ASP A 77 -4.03 -4.26 7.97
N ALA A 78 -4.80 -3.46 7.24
CA ALA A 78 -4.91 -3.61 5.80
C ALA A 78 -3.57 -3.24 5.15
N ILE A 79 -3.02 -2.13 5.62
CA ILE A 79 -1.74 -1.65 5.09
C ILE A 79 -0.62 -2.53 5.64
N LYS A 80 -0.75 -2.89 6.90
CA LYS A 80 0.25 -3.73 7.56
C LYS A 80 0.18 -5.14 6.98
N ASP A 81 -1.02 -5.51 6.55
CA ASP A 81 -1.24 -6.82 5.99
C ASP A 81 -0.56 -6.91 4.61
N ALA A 82 -0.84 -5.92 3.79
CA ALA A 82 -0.27 -5.87 2.45
C ALA A 82 1.24 -5.70 2.56
N TYR A 83 1.65 -4.73 3.37
CA TYR A 83 3.05 -4.47 3.57
C TYR A 83 3.77 -5.69 4.14
N GLU A 84 3.14 -6.28 5.15
CA GLU A 84 3.72 -7.45 5.80
C GLU A 84 3.55 -8.69 4.90
N SER A 85 2.54 -8.61 4.02
CA SER A 85 2.27 -9.71 3.11
C SER A 85 3.27 -9.68 1.94
N TYR A 86 3.80 -8.49 1.69
CA TYR A 86 4.75 -8.31 0.61
C TYR A 86 6.14 -7.98 1.16
N CYS A 87 6.19 -7.78 2.47
CA CYS A 87 7.45 -7.45 3.13
C CYS A 87 8.52 -8.43 2.65
N GLY A 88 9.71 -7.90 2.44
CA GLY A 88 10.82 -8.71 1.99
C GLY A 88 11.06 -8.52 0.49
N ILE A 89 10.01 -8.11 -0.20
CA ILE A 89 10.09 -7.89 -1.63
C ILE A 89 10.51 -6.44 -1.90
N ASP A 90 11.46 -6.28 -2.80
CA ASP A 90 11.96 -4.97 -3.15
C ASP A 90 11.65 -4.69 -4.62
N ASP A 91 11.79 -5.73 -5.43
CA ASP A 91 11.53 -5.61 -6.86
C ASP A 91 11.02 -6.94 -7.39
N CYS A 92 10.04 -6.86 -8.27
CA CYS A 92 9.45 -8.05 -8.87
C CYS A 92 10.51 -8.71 -9.76
N PRO A 93 10.58 -10.07 -9.68
CA PRO A 93 11.53 -10.82 -10.47
C PRO A 93 11.09 -10.90 -11.92
N GLN A 94 9.80 -10.71 -12.14
CA GLN A 94 9.24 -10.76 -13.47
C GLN A 94 9.93 -9.73 -14.38
N CYS A 95 10.50 -8.72 -13.73
CA CYS A 95 11.19 -7.67 -14.45
C CYS A 95 12.54 -8.21 -14.92
N SER A 96 13.14 -9.04 -14.07
CA SER A 96 14.43 -9.63 -14.38
C SER A 96 14.24 -10.87 -15.25
N LYS A 97 13.01 -11.36 -15.28
CA LYS A 97 12.68 -12.53 -16.07
C LYS A 97 12.28 -12.09 -17.48
N TYR A 98 11.66 -10.91 -17.55
CA TYR A 98 11.22 -10.37 -18.83
C TYR A 98 11.71 -8.94 -19.01
N ILE A 99 12.24 -8.68 -20.20
CA ILE A 99 12.75 -7.36 -20.52
C ILE A 99 11.59 -6.37 -20.59
N ASP A 100 11.94 -5.09 -20.47
CA ASP A 100 10.95 -4.04 -20.51
C ASP A 100 10.84 -3.49 -21.94
N ASP A 101 9.79 -3.91 -22.63
CA ASP A 101 9.57 -3.48 -24.00
C ASP A 101 9.64 -1.95 -24.06
N GLU A 16 -11.97 -6.48 -9.35
CA GLU A 16 -10.99 -6.10 -8.35
C GLU A 16 -11.69 -5.81 -7.02
N ASP A 17 -10.87 -5.62 -5.99
CA ASP A 17 -11.38 -5.34 -4.66
C ASP A 17 -11.17 -3.85 -4.35
N GLN A 18 -12.02 -3.34 -3.47
CA GLN A 18 -11.93 -1.94 -3.08
C GLN A 18 -10.63 -1.68 -2.32
N GLU A 19 -10.24 -2.68 -1.52
CA GLU A 19 -9.02 -2.57 -0.74
C GLU A 19 -7.85 -2.15 -1.63
N GLN A 20 -7.68 -2.88 -2.72
CA GLN A 20 -6.60 -2.59 -3.66
C GLN A 20 -6.71 -1.15 -4.15
N TRP A 21 -7.94 -0.70 -4.34
CA TRP A 21 -8.19 0.65 -4.80
C TRP A 21 -7.64 1.62 -3.74
N ALA A 22 -7.74 1.20 -2.50
CA ALA A 22 -7.26 2.02 -1.39
C ALA A 22 -5.74 2.10 -1.45
N MET A 23 -5.12 0.95 -1.60
CA MET A 23 -3.66 0.88 -1.68
C MET A 23 -3.12 1.86 -2.72
N GLN A 24 -3.89 2.04 -3.78
CA GLN A 24 -3.50 2.95 -4.84
C GLN A 24 -2.83 4.20 -4.25
N THR A 25 -3.67 5.15 -3.85
CA THR A 25 -3.17 6.38 -3.28
C THR A 25 -2.38 6.09 -1.99
N LEU A 26 -3.05 5.40 -1.07
CA LEU A 26 -2.42 5.06 0.20
C LEU A 26 -0.93 4.81 -0.03
N MET A 27 -0.63 3.70 -0.68
CA MET A 27 0.74 3.32 -0.95
C MET A 27 1.33 4.22 -2.05
N GLY A 28 0.44 4.83 -2.81
CA GLY A 28 0.86 5.71 -3.90
C GLY A 28 1.44 7.01 -3.36
N SER A 29 1.31 7.18 -2.05
CA SER A 29 1.83 8.38 -1.40
C SER A 29 3.35 8.44 -1.55
N GLY A 30 3.91 7.35 -2.05
CA GLY A 30 5.34 7.27 -2.25
C GLY A 30 6.02 6.52 -1.10
N VAL A 31 5.19 5.91 -0.26
CA VAL A 31 5.69 5.17 0.88
C VAL A 31 6.31 3.86 0.40
N LEU A 32 5.59 3.19 -0.49
CA LEU A 32 6.06 1.92 -1.03
C LEU A 32 6.69 2.17 -2.41
N ALA A 33 7.19 1.10 -2.99
CA ALA A 33 7.83 1.18 -4.30
C ALA A 33 7.13 0.22 -5.26
N ARG A 34 6.78 0.75 -6.42
CA ARG A 34 6.11 -0.05 -7.43
C ARG A 34 6.86 0.04 -8.77
N CYS A 35 6.69 -1.00 -9.57
CA CYS A 35 7.34 -1.05 -10.87
C CYS A 35 6.41 -0.40 -11.91
N ARG A 36 7.00 0.38 -12.78
CA ARG A 36 6.24 1.06 -13.83
C ARG A 36 5.48 0.03 -14.67
N ILE A 37 6.02 -1.18 -14.70
CA ILE A 37 5.41 -2.25 -15.47
C ILE A 37 4.49 -3.06 -14.56
N HIS A 38 4.68 -2.89 -13.26
CA HIS A 38 3.88 -3.59 -12.28
C HIS A 38 3.13 -2.58 -11.41
N ASN A 39 1.83 -2.46 -11.68
CA ASN A 39 1.00 -1.54 -10.94
C ASN A 39 0.25 -2.32 -9.85
N ASP A 40 0.26 -3.63 -9.98
CA ASP A 40 -0.41 -4.49 -9.02
C ASP A 40 0.61 -5.03 -8.03
N VAL A 41 1.88 -4.90 -8.40
CA VAL A 41 2.96 -5.37 -7.55
C VAL A 41 3.28 -4.31 -6.50
N ILE A 42 3.55 -4.78 -5.29
CA ILE A 42 3.87 -3.87 -4.20
C ILE A 42 5.21 -4.29 -3.57
N LEU A 43 6.14 -3.35 -3.56
CA LEU A 43 7.46 -3.61 -3.00
C LEU A 43 7.69 -2.68 -1.80
N ASP A 44 8.58 -3.11 -0.92
CA ASP A 44 8.90 -2.33 0.26
C ASP A 44 10.02 -1.34 -0.07
N SER A 45 9.71 -0.07 0.11
CA SER A 45 10.68 0.98 -0.16
C SER A 45 11.42 1.37 1.12
N GLY A 46 10.76 1.13 2.24
CA GLY A 46 11.33 1.45 3.53
C GLY A 46 11.01 2.88 3.95
N ASN A 47 10.40 3.60 3.01
CA ASN A 47 10.04 4.99 3.27
C ASN A 47 9.20 5.07 4.54
N ASP A 48 8.95 6.30 4.97
CA ASP A 48 8.16 6.54 6.17
C ASP A 48 6.82 5.81 6.04
N ALA A 49 6.67 4.77 6.85
CA ALA A 49 5.44 3.99 6.83
C ALA A 49 4.31 4.80 7.48
N SER A 50 4.72 5.69 8.37
CA SER A 50 3.76 6.53 9.06
C SER A 50 2.96 7.36 8.05
N SER A 51 3.64 7.76 6.98
CA SER A 51 3.01 8.54 5.93
C SER A 51 1.96 7.70 5.22
N ALA A 52 2.35 6.48 4.87
CA ALA A 52 1.47 5.57 4.18
C ALA A 52 0.20 5.37 5.00
N TYR A 53 0.40 5.17 6.30
CA TYR A 53 -0.72 4.97 7.20
C TYR A 53 -1.45 6.29 7.49
N LYS A 54 -0.70 7.38 7.36
CA LYS A 54 -1.24 8.70 7.60
C LYS A 54 -2.32 9.00 6.55
N LEU A 55 -1.95 8.80 5.30
CA LEU A 55 -2.86 9.05 4.20
C LEU A 55 -3.92 7.94 4.17
N GLY A 56 -3.46 6.73 4.43
CA GLY A 56 -4.36 5.58 4.44
C GLY A 56 -5.51 5.79 5.43
N THR A 57 -5.11 6.11 6.66
CA THR A 57 -6.10 6.33 7.71
C THR A 57 -6.91 7.60 7.43
N TYR A 58 -6.25 8.56 6.81
CA TYR A 58 -6.90 9.83 6.48
C TYR A 58 -8.08 9.59 5.53
N LEU A 59 -7.83 8.80 4.50
CA LEU A 59 -8.86 8.50 3.52
C LEU A 59 -9.82 7.46 4.11
N TYR A 60 -9.24 6.40 4.64
CA TYR A 60 -10.03 5.33 5.23
C TYR A 60 -11.06 5.89 6.22
N GLN A 61 -10.56 6.65 7.17
CA GLN A 61 -11.42 7.26 8.17
C GLN A 61 -12.46 8.16 7.51
N LYS A 62 -11.98 8.98 6.60
CA LYS A 62 -12.86 9.90 5.89
C LYS A 62 -12.54 9.84 4.39
N ASP A 63 -13.57 9.52 3.61
CA ASP A 63 -13.41 9.42 2.17
C ASP A 63 -14.12 10.61 1.51
N ASN A 64 -14.02 10.66 0.19
CA ASN A 64 -14.64 11.72 -0.58
C ASN A 64 -16.06 11.32 -0.96
N SER A 65 -17.02 11.89 -0.24
CA SER A 65 -18.42 11.59 -0.49
C SER A 65 -18.70 10.11 -0.21
N CYS A 66 -18.23 9.66 0.94
CA CYS A 66 -18.42 8.27 1.35
C CYS A 66 -18.48 8.22 2.87
N ASN A 67 -18.85 7.05 3.37
CA ASN A 67 -18.95 6.86 4.81
C ASN A 67 -17.83 5.93 5.27
N LEU A 68 -17.81 5.67 6.57
CA LEU A 68 -16.78 4.81 7.15
C LEU A 68 -17.45 3.84 8.13
N PHE A 69 -17.43 2.57 7.76
CA PHE A 69 -18.02 1.54 8.58
C PHE A 69 -16.95 0.57 9.10
N ASN A 70 -15.81 0.57 8.42
CA ASN A 70 -14.71 -0.29 8.80
C ASN A 70 -13.86 0.41 9.86
N THR A 71 -13.36 -0.38 10.80
CA THR A 71 -12.55 0.14 11.88
C THR A 71 -11.15 0.49 11.36
N LEU A 72 -10.38 1.17 12.20
CA LEU A 72 -9.03 1.56 11.84
C LEU A 72 -8.13 0.32 11.87
N THR A 73 -8.45 -0.59 12.78
CA THR A 73 -7.67 -1.81 12.92
C THR A 73 -7.53 -2.51 11.56
N GLU A 74 -8.58 -2.40 10.77
CA GLU A 74 -8.59 -3.00 9.45
C GLU A 74 -7.70 -2.20 8.48
N ALA A 75 -7.63 -0.90 8.75
CA ALA A 75 -6.83 -0.02 7.92
C ALA A 75 -5.35 -0.32 8.13
N ARG A 76 -4.95 -0.35 9.39
CA ARG A 76 -3.57 -0.62 9.74
C ARG A 76 -3.20 -2.06 9.37
N ASP A 77 -4.17 -2.95 9.56
CA ASP A 77 -3.97 -4.36 9.25
C ASP A 77 -4.01 -4.54 7.72
N ALA A 78 -4.79 -3.70 7.08
CA ALA A 78 -4.92 -3.76 5.63
C ALA A 78 -3.58 -3.39 4.99
N ILE A 79 -2.99 -2.32 5.49
CA ILE A 79 -1.71 -1.86 4.97
C ILE A 79 -0.60 -2.76 5.50
N LYS A 80 -0.77 -3.20 6.75
CA LYS A 80 0.21 -4.06 7.38
C LYS A 80 0.16 -5.45 6.73
N ASP A 81 -1.03 -5.79 6.23
CA ASP A 81 -1.22 -7.08 5.59
C ASP A 81 -0.58 -7.05 4.20
N ALA A 82 -0.89 -6.00 3.46
CA ALA A 82 -0.34 -5.85 2.12
C ALA A 82 1.18 -5.70 2.20
N TYR A 83 1.60 -4.80 3.08
CA TYR A 83 3.02 -4.56 3.27
C TYR A 83 3.75 -5.84 3.66
N GLU A 84 3.25 -6.47 4.71
CA GLU A 84 3.85 -7.70 5.21
C GLU A 84 3.61 -8.84 4.21
N SER A 85 2.55 -8.68 3.43
CA SER A 85 2.20 -9.69 2.44
C SER A 85 3.31 -9.79 1.39
N TYR A 86 3.74 -8.64 0.90
CA TYR A 86 4.79 -8.59 -0.10
C TYR A 86 6.14 -8.29 0.54
N CYS A 87 6.09 -7.94 1.83
CA CYS A 87 7.31 -7.64 2.56
C CYS A 87 8.37 -8.68 2.21
N GLY A 88 9.60 -8.21 2.09
CA GLY A 88 10.70 -9.10 1.76
C GLY A 88 11.11 -8.95 0.29
N ILE A 89 10.45 -8.00 -0.38
CA ILE A 89 10.73 -7.74 -1.78
C ILE A 89 11.04 -6.26 -1.97
N ASP A 90 12.31 -5.99 -2.22
CA ASP A 90 12.76 -4.62 -2.43
C ASP A 90 12.96 -4.37 -3.92
N ASP A 91 12.76 -5.43 -4.70
CA ASP A 91 12.91 -5.33 -6.14
C ASP A 91 12.13 -6.47 -6.80
N CYS A 92 11.32 -6.10 -7.78
CA CYS A 92 10.52 -7.07 -8.51
C CYS A 92 11.47 -8.05 -9.21
N PRO A 93 11.26 -9.36 -8.91
CA PRO A 93 12.09 -10.40 -9.50
C PRO A 93 11.70 -10.63 -10.97
N GLN A 94 10.55 -10.10 -11.34
CA GLN A 94 10.07 -10.24 -12.71
C GLN A 94 11.02 -9.55 -13.68
N CYS A 95 11.42 -8.33 -13.32
CA CYS A 95 12.32 -7.56 -14.15
C CYS A 95 13.65 -8.32 -14.24
N SER A 96 14.00 -8.95 -13.13
CA SER A 96 15.25 -9.71 -13.07
C SER A 96 15.04 -11.09 -13.68
N LYS A 97 13.78 -11.47 -13.82
CA LYS A 97 13.44 -12.75 -14.39
C LYS A 97 13.51 -12.67 -15.92
N TYR A 98 13.17 -11.51 -16.43
CA TYR A 98 13.20 -11.28 -17.87
C TYR A 98 14.57 -11.63 -18.45
N ILE A 99 14.60 -12.72 -19.20
CA ILE A 99 15.84 -13.17 -19.81
C ILE A 99 15.55 -13.65 -21.23
N ASP A 100 16.57 -13.55 -22.08
CA ASP A 100 16.44 -13.96 -23.46
C ASP A 100 16.96 -15.39 -23.62
N ASP A 101 16.02 -16.32 -23.71
CA ASP A 101 16.37 -17.72 -23.86
C ASP A 101 16.89 -17.96 -25.28
N GLU A 16 -6.77 -5.83 -7.45
CA GLU A 16 -7.99 -6.18 -8.16
C GLU A 16 -9.14 -6.36 -7.18
N ASP A 17 -8.80 -6.40 -5.90
CA ASP A 17 -9.80 -6.57 -4.86
C ASP A 17 -10.16 -5.19 -4.28
N GLN A 18 -11.09 -5.21 -3.35
CA GLN A 18 -11.53 -3.98 -2.70
C GLN A 18 -10.38 -3.33 -1.94
N GLU A 19 -9.73 -4.14 -1.11
CA GLU A 19 -8.60 -3.67 -0.33
C GLU A 19 -7.58 -2.97 -1.23
N GLN A 20 -7.45 -3.49 -2.44
CA GLN A 20 -6.52 -2.92 -3.40
C GLN A 20 -6.96 -1.52 -3.80
N TRP A 21 -8.28 -1.32 -3.81
CA TRP A 21 -8.83 -0.02 -4.17
C TRP A 21 -8.20 1.03 -3.27
N ALA A 22 -8.03 0.67 -2.01
CA ALA A 22 -7.44 1.57 -1.04
C ALA A 22 -5.93 1.70 -1.31
N MET A 23 -5.34 0.58 -1.66
CA MET A 23 -3.91 0.54 -1.95
C MET A 23 -3.55 1.54 -3.05
N GLN A 24 -4.58 1.99 -3.76
CA GLN A 24 -4.39 2.95 -4.84
C GLN A 24 -3.52 4.10 -4.37
N THR A 25 -4.18 5.15 -3.89
CA THR A 25 -3.48 6.32 -3.40
C THR A 25 -2.37 5.92 -2.44
N LEU A 26 -2.71 5.01 -1.53
CA LEU A 26 -1.75 4.53 -0.55
C LEU A 26 -0.39 4.34 -1.23
N MET A 27 -0.34 3.36 -2.12
CA MET A 27 0.89 3.06 -2.84
C MET A 27 1.38 4.27 -3.61
N GLY A 28 0.42 5.09 -4.03
CA GLY A 28 0.75 6.30 -4.79
C GLY A 28 1.25 7.41 -3.86
N SER A 29 1.13 7.15 -2.56
CA SER A 29 1.57 8.11 -1.58
C SER A 29 3.08 8.31 -1.68
N GLY A 30 3.75 7.29 -2.18
CA GLY A 30 5.20 7.34 -2.34
C GLY A 30 5.90 6.69 -1.14
N VAL A 31 5.10 6.07 -0.30
CA VAL A 31 5.63 5.41 0.88
C VAL A 31 6.34 4.12 0.47
N LEU A 32 5.67 3.37 -0.39
CA LEU A 32 6.22 2.11 -0.88
C LEU A 32 6.94 2.36 -2.20
N ALA A 33 7.53 1.29 -2.73
CA ALA A 33 8.25 1.38 -3.99
C ALA A 33 7.44 0.70 -5.08
N ARG A 34 7.28 1.40 -6.19
CA ARG A 34 6.54 0.87 -7.31
C ARG A 34 7.38 0.91 -8.59
N CYS A 35 7.08 0.00 -9.50
CA CYS A 35 7.80 -0.07 -10.75
C CYS A 35 7.09 0.81 -11.78
N ARG A 36 7.88 1.56 -12.52
CA ARG A 36 7.34 2.44 -13.53
C ARG A 36 6.89 1.65 -14.76
N ILE A 37 7.08 0.34 -14.67
CA ILE A 37 6.69 -0.54 -15.75
C ILE A 37 5.39 -1.26 -15.39
N HIS A 38 5.15 -1.34 -14.08
CA HIS A 38 3.95 -2.00 -13.58
C HIS A 38 3.70 -1.56 -12.13
N ASN A 39 2.62 -0.82 -11.95
CA ASN A 39 2.25 -0.34 -10.62
C ASN A 39 1.61 -1.47 -9.84
N ASP A 40 1.40 -2.59 -10.53
CA ASP A 40 0.79 -3.74 -9.90
C ASP A 40 1.83 -4.46 -9.03
N VAL A 41 3.02 -3.89 -8.99
CA VAL A 41 4.10 -4.45 -8.21
C VAL A 41 4.35 -3.57 -6.98
N ILE A 42 4.34 -4.21 -5.83
CA ILE A 42 4.56 -3.49 -4.58
C ILE A 42 5.87 -3.98 -3.95
N LEU A 43 6.72 -3.02 -3.62
CA LEU A 43 8.00 -3.34 -3.01
C LEU A 43 8.14 -2.58 -1.68
N ASP A 44 8.80 -3.22 -0.74
CA ASP A 44 9.00 -2.63 0.58
C ASP A 44 10.28 -1.79 0.55
N SER A 45 10.10 -0.49 0.76
CA SER A 45 11.23 0.43 0.76
C SER A 45 11.88 0.45 2.14
N GLY A 46 11.07 0.18 3.15
CA GLY A 46 11.55 0.17 4.52
C GLY A 46 11.34 1.52 5.20
N ASN A 47 10.87 2.47 4.40
CA ASN A 47 10.63 3.82 4.91
C ASN A 47 9.47 3.78 5.91
N ASP A 48 9.35 4.86 6.67
CA ASP A 48 8.29 4.96 7.67
C ASP A 48 6.95 4.65 7.01
N ALA A 49 6.47 3.44 7.27
CA ALA A 49 5.19 3.01 6.71
C ALA A 49 4.06 3.77 7.40
N SER A 50 4.39 4.36 8.54
CA SER A 50 3.42 5.11 9.31
C SER A 50 2.73 6.15 8.42
N SER A 51 3.49 6.65 7.45
CA SER A 51 2.98 7.64 6.52
C SER A 51 1.82 7.05 5.71
N ALA A 52 2.10 5.92 5.08
CA ALA A 52 1.10 5.25 4.26
C ALA A 52 -0.12 4.95 5.13
N TYR A 53 0.15 4.57 6.38
CA TYR A 53 -0.93 4.26 7.31
C TYR A 53 -1.78 5.49 7.60
N LYS A 54 -1.10 6.59 7.88
CA LYS A 54 -1.79 7.83 8.18
C LYS A 54 -2.67 8.23 6.99
N LEU A 55 -2.06 8.23 5.82
CA LEU A 55 -2.77 8.59 4.60
C LEU A 55 -3.84 7.53 4.32
N GLY A 56 -3.55 6.31 4.76
CA GLY A 56 -4.47 5.20 4.56
C GLY A 56 -5.76 5.42 5.36
N THR A 57 -5.58 5.72 6.64
CA THR A 57 -6.71 5.93 7.52
C THR A 57 -7.49 7.20 7.09
N TYR A 58 -6.74 8.16 6.59
CA TYR A 58 -7.33 9.41 6.14
C TYR A 58 -8.30 9.17 4.98
N LEU A 59 -7.81 8.47 3.97
CA LEU A 59 -8.61 8.16 2.81
C LEU A 59 -9.71 7.16 3.19
N TYR A 60 -9.28 6.10 3.86
CA TYR A 60 -10.20 5.07 4.30
C TYR A 60 -11.47 5.68 4.90
N GLN A 61 -11.26 6.59 5.84
CA GLN A 61 -12.38 7.26 6.49
C GLN A 61 -11.96 8.67 6.94
N LYS A 62 -12.80 9.62 6.59
CA LYS A 62 -12.53 11.01 6.94
C LYS A 62 -13.20 11.33 8.28
N ASP A 63 -12.37 11.62 9.26
CA ASP A 63 -12.88 11.95 10.59
C ASP A 63 -13.62 13.28 10.54
N ASN A 64 -14.94 13.19 10.57
CA ASN A 64 -15.77 14.38 10.52
C ASN A 64 -16.37 14.63 11.91
N SER A 65 -16.67 13.53 12.59
CA SER A 65 -17.24 13.61 13.92
C SER A 65 -16.82 12.40 14.76
N CYS A 66 -16.88 12.58 16.07
CA CYS A 66 -16.49 11.51 16.98
C CYS A 66 -17.67 10.53 17.09
N ASN A 67 -17.44 9.46 17.82
CA ASN A 67 -18.47 8.44 18.01
C ASN A 67 -18.75 7.75 16.68
N LEU A 68 -17.68 7.49 15.94
CA LEU A 68 -17.81 6.84 14.65
C LEU A 68 -17.42 5.37 14.79
N PHE A 69 -16.87 5.04 15.95
CA PHE A 69 -16.45 3.67 16.22
C PHE A 69 -15.48 3.18 15.14
N ASN A 70 -14.63 4.08 14.68
CA ASN A 70 -13.66 3.75 13.65
C ASN A 70 -12.37 3.28 14.32
N THR A 71 -11.97 2.06 13.96
CA THR A 71 -10.76 1.48 14.52
C THR A 71 -9.57 1.72 13.58
N LEU A 72 -8.58 2.42 14.12
CA LEU A 72 -7.39 2.73 13.34
C LEU A 72 -6.58 1.45 13.13
N THR A 73 -6.83 0.48 13.99
CA THR A 73 -6.14 -0.80 13.90
C THR A 73 -6.50 -1.52 12.61
N GLU A 74 -7.77 -1.41 12.24
CA GLU A 74 -8.25 -2.05 11.03
C GLU A 74 -7.46 -1.56 9.81
N ALA A 75 -7.37 -0.24 9.70
CA ALA A 75 -6.64 0.37 8.60
C ALA A 75 -5.18 -0.10 8.64
N ARG A 76 -4.58 0.07 9.81
CA ARG A 76 -3.19 -0.33 9.99
C ARG A 76 -3.00 -1.79 9.59
N ASP A 77 -4.04 -2.58 9.81
CA ASP A 77 -4.00 -3.98 9.47
C ASP A 77 -4.14 -4.16 7.96
N ALA A 78 -4.88 -3.23 7.36
CA ALA A 78 -5.10 -3.26 5.92
C ALA A 78 -3.78 -3.01 5.21
N ILE A 79 -3.12 -1.93 5.62
CA ILE A 79 -1.84 -1.56 5.02
C ILE A 79 -0.77 -2.56 5.48
N LYS A 80 -0.87 -2.97 6.73
CA LYS A 80 0.08 -3.91 7.29
C LYS A 80 -0.14 -5.29 6.67
N ASP A 81 -1.38 -5.53 6.27
CA ASP A 81 -1.73 -6.80 5.64
C ASP A 81 -1.13 -6.86 4.23
N ALA A 82 -1.35 -5.78 3.49
CA ALA A 82 -0.85 -5.70 2.13
C ALA A 82 0.68 -5.68 2.16
N TYR A 83 1.21 -4.78 2.98
CA TYR A 83 2.66 -4.64 3.10
C TYR A 83 3.29 -5.96 3.59
N GLU A 84 2.56 -6.63 4.48
CA GLU A 84 3.04 -7.89 5.02
C GLU A 84 2.94 -9.00 3.97
N SER A 85 1.86 -8.95 3.20
CA SER A 85 1.62 -9.93 2.16
C SER A 85 2.76 -9.88 1.14
N TYR A 86 3.17 -8.67 0.80
CA TYR A 86 4.24 -8.47 -0.15
C TYR A 86 5.59 -8.31 0.55
N CYS A 87 5.51 -8.14 1.86
CA CYS A 87 6.72 -7.98 2.66
C CYS A 87 7.70 -9.09 2.28
N GLY A 88 8.98 -8.73 2.26
CA GLY A 88 10.02 -9.68 1.92
C GLY A 88 10.59 -9.40 0.53
N ILE A 89 10.11 -8.31 -0.07
CA ILE A 89 10.56 -7.92 -1.39
C ILE A 89 11.19 -6.52 -1.31
N ASP A 90 12.50 -6.48 -1.50
CA ASP A 90 13.22 -5.23 -1.46
C ASP A 90 13.20 -4.58 -2.85
N ASP A 91 13.65 -5.35 -3.83
CA ASP A 91 13.69 -4.87 -5.20
C ASP A 91 12.90 -5.82 -6.09
N CYS A 92 12.00 -5.24 -6.87
CA CYS A 92 11.17 -6.04 -7.77
C CYS A 92 12.09 -6.92 -8.61
N PRO A 93 12.08 -8.25 -8.27
CA PRO A 93 12.90 -9.20 -8.98
C PRO A 93 12.31 -9.52 -10.37
N GLN A 94 11.03 -9.25 -10.50
CA GLN A 94 10.34 -9.48 -11.75
C GLN A 94 11.03 -8.74 -12.90
N CYS A 95 11.65 -7.62 -12.53
CA CYS A 95 12.34 -6.80 -13.51
C CYS A 95 13.68 -7.47 -13.83
N SER A 96 14.30 -8.01 -12.80
CA SER A 96 15.58 -8.67 -12.95
C SER A 96 15.40 -9.97 -13.74
N LYS A 97 14.17 -10.47 -13.71
CA LYS A 97 13.86 -11.70 -14.43
C LYS A 97 13.42 -11.36 -15.86
N TYR A 98 12.76 -10.22 -15.98
CA TYR A 98 12.28 -9.77 -17.27
C TYR A 98 12.88 -8.41 -17.64
N ILE A 99 13.59 -8.39 -18.76
CA ILE A 99 14.22 -7.17 -19.22
C ILE A 99 13.15 -6.26 -19.83
N ASP A 100 13.33 -4.97 -19.61
CA ASP A 100 12.39 -3.98 -20.13
C ASP A 100 12.93 -3.43 -21.46
N ASP A 101 12.36 -3.91 -22.55
CA ASP A 101 12.78 -3.48 -23.87
C ASP A 101 11.86 -2.35 -24.34
N GLU A 16 -11.90 -7.99 -7.33
CA GLU A 16 -11.69 -6.57 -7.06
C GLU A 16 -11.65 -6.33 -5.55
N ASP A 17 -10.49 -5.84 -5.09
CA ASP A 17 -10.30 -5.57 -3.67
C ASP A 17 -10.35 -4.05 -3.45
N GLN A 18 -11.46 -3.61 -2.88
CA GLN A 18 -11.63 -2.20 -2.60
C GLN A 18 -10.47 -1.66 -1.76
N GLU A 19 -10.22 -2.35 -0.65
CA GLU A 19 -9.14 -1.96 0.24
C GLU A 19 -7.84 -1.80 -0.54
N GLN A 20 -7.69 -2.62 -1.58
CA GLN A 20 -6.51 -2.57 -2.41
C GLN A 20 -6.47 -1.27 -3.21
N TRP A 21 -7.66 -0.79 -3.55
CA TRP A 21 -7.77 0.45 -4.31
C TRP A 21 -7.27 1.60 -3.43
N ALA A 22 -7.51 1.45 -2.14
CA ALA A 22 -7.09 2.47 -1.18
C ALA A 22 -5.58 2.66 -1.27
N MET A 23 -4.89 1.54 -1.53
CA MET A 23 -3.44 1.58 -1.64
C MET A 23 -2.99 2.67 -2.61
N GLN A 24 -3.88 3.00 -3.52
CA GLN A 24 -3.59 4.02 -4.52
C GLN A 24 -2.80 5.17 -3.88
N THR A 25 -3.53 6.02 -3.17
CA THR A 25 -2.90 7.15 -2.50
C THR A 25 -2.03 6.68 -1.34
N LEU A 26 -2.67 6.00 -0.40
CA LEU A 26 -1.98 5.48 0.76
C LEU A 26 -0.58 5.02 0.35
N MET A 27 -0.55 3.99 -0.48
CA MET A 27 0.70 3.44 -0.95
C MET A 27 1.36 4.37 -1.97
N GLY A 28 0.53 5.21 -2.58
CA GLY A 28 1.02 6.15 -3.56
C GLY A 28 1.79 7.29 -2.90
N SER A 29 1.74 7.31 -1.58
CA SER A 29 2.42 8.34 -0.81
C SER A 29 3.94 8.24 -1.05
N GLY A 30 4.33 7.15 -1.68
CA GLY A 30 5.74 6.93 -1.97
C GLY A 30 6.38 6.02 -0.92
N VAL A 31 5.54 5.50 -0.05
CA VAL A 31 6.00 4.62 1.00
C VAL A 31 6.36 3.25 0.40
N LEU A 32 5.46 2.76 -0.43
CA LEU A 32 5.67 1.48 -1.08
C LEU A 32 6.16 1.71 -2.51
N ALA A 33 6.42 0.60 -3.19
CA ALA A 33 6.92 0.67 -4.56
C ALA A 33 6.02 -0.20 -5.45
N ARG A 34 5.59 0.39 -6.57
CA ARG A 34 4.74 -0.32 -7.50
C ARG A 34 5.36 -0.29 -8.90
N CYS A 35 5.01 -1.31 -9.69
CA CYS A 35 5.52 -1.42 -11.04
C CYS A 35 4.65 -0.56 -11.95
N ARG A 36 5.32 0.16 -12.85
CA ARG A 36 4.62 1.03 -13.78
C ARG A 36 3.72 0.20 -14.71
N ILE A 37 3.93 -1.11 -14.67
CA ILE A 37 3.16 -2.02 -15.50
C ILE A 37 2.15 -2.76 -14.62
N HIS A 38 2.41 -2.72 -13.32
CA HIS A 38 1.53 -3.39 -12.36
C HIS A 38 1.07 -2.38 -11.31
N ASN A 39 -0.23 -2.13 -11.31
CA ASN A 39 -0.81 -1.19 -10.35
C ASN A 39 -1.40 -1.97 -9.18
N ASP A 40 -1.44 -3.28 -9.34
CA ASP A 40 -1.97 -4.15 -8.30
C ASP A 40 -0.81 -4.77 -7.51
N VAL A 41 0.40 -4.47 -7.96
CA VAL A 41 1.59 -4.98 -7.30
C VAL A 41 2.06 -3.98 -6.25
N ILE A 42 2.47 -4.52 -5.11
CA ILE A 42 2.95 -3.68 -4.01
C ILE A 42 4.35 -4.14 -3.61
N LEU A 43 5.25 -3.18 -3.50
CA LEU A 43 6.61 -3.47 -3.12
C LEU A 43 7.00 -2.62 -1.90
N ASP A 44 8.07 -3.04 -1.24
CA ASP A 44 8.54 -2.32 -0.07
C ASP A 44 9.64 -1.33 -0.49
N SER A 45 9.47 -0.09 -0.05
CA SER A 45 10.43 0.95 -0.37
C SER A 45 11.47 1.06 0.74
N GLY A 46 10.98 1.16 1.97
CA GLY A 46 11.86 1.27 3.12
C GLY A 46 11.93 2.71 3.62
N ASN A 47 10.80 3.40 3.54
CA ASN A 47 10.72 4.77 3.97
C ASN A 47 9.66 4.90 5.08
N ASP A 48 9.64 6.08 5.69
CA ASP A 48 8.68 6.33 6.76
C ASP A 48 7.28 5.91 6.30
N ALA A 49 6.88 4.73 6.77
CA ALA A 49 5.57 4.21 6.41
C ALA A 49 4.50 4.93 7.24
N SER A 50 4.95 5.61 8.28
CA SER A 50 4.04 6.35 9.14
C SER A 50 3.16 7.27 8.30
N SER A 51 3.77 7.85 7.29
CA SER A 51 3.05 8.76 6.40
C SER A 51 2.01 7.98 5.58
N ALA A 52 2.33 6.72 5.33
CA ALA A 52 1.44 5.86 4.57
C ALA A 52 0.22 5.51 5.43
N TYR A 53 0.50 5.18 6.68
CA TYR A 53 -0.55 4.83 7.61
C TYR A 53 -1.53 5.99 7.83
N LYS A 54 -0.95 7.16 8.06
CA LYS A 54 -1.75 8.35 8.28
C LYS A 54 -2.53 8.67 7.00
N LEU A 55 -1.81 8.70 5.89
CA LEU A 55 -2.43 9.00 4.61
C LEU A 55 -3.54 7.98 4.33
N GLY A 56 -3.27 6.74 4.72
CA GLY A 56 -4.23 5.67 4.52
C GLY A 56 -5.44 5.85 5.43
N THR A 57 -5.16 6.25 6.66
CA THR A 57 -6.22 6.45 7.64
C THR A 57 -7.23 7.47 7.11
N TYR A 58 -6.71 8.58 6.62
CA TYR A 58 -7.55 9.64 6.08
C TYR A 58 -8.17 9.22 4.75
N LEU A 59 -7.42 8.41 4.01
CA LEU A 59 -7.87 7.94 2.72
C LEU A 59 -8.92 6.84 2.92
N TYR A 60 -8.84 6.20 4.07
CA TYR A 60 -9.78 5.14 4.40
C TYR A 60 -11.00 5.68 5.14
N GLN A 61 -10.75 6.72 5.94
CA GLN A 61 -11.82 7.34 6.70
C GLN A 61 -12.59 8.33 5.82
N LYS A 62 -11.85 9.03 4.98
CA LYS A 62 -12.45 10.00 4.08
C LYS A 62 -13.55 10.77 4.84
N ASP A 63 -13.28 11.02 6.11
CA ASP A 63 -14.22 11.74 6.95
C ASP A 63 -15.61 11.12 6.80
N ASN A 64 -15.66 9.80 6.97
CA ASN A 64 -16.90 9.06 6.85
C ASN A 64 -16.70 7.63 7.33
N SER A 65 -17.80 6.90 7.39
CA SER A 65 -17.75 5.51 7.83
C SER A 65 -17.07 5.42 9.20
N CYS A 66 -17.49 6.29 10.10
CA CYS A 66 -16.93 6.33 11.43
C CYS A 66 -17.95 5.67 12.38
N ASN A 67 -19.19 5.64 11.94
CA ASN A 67 -20.25 5.05 12.73
C ASN A 67 -20.64 3.70 12.14
N LEU A 68 -20.06 3.40 10.98
CA LEU A 68 -20.34 2.15 10.30
C LEU A 68 -19.47 1.05 10.89
N PHE A 69 -19.68 -0.16 10.39
CA PHE A 69 -18.93 -1.31 10.86
C PHE A 69 -17.47 -1.22 10.41
N ASN A 70 -17.20 -0.27 9.53
CA ASN A 70 -15.86 -0.08 9.02
C ASN A 70 -14.94 0.34 10.16
N THR A 71 -13.80 -0.35 10.25
CA THR A 71 -12.83 -0.06 11.28
C THR A 71 -11.47 0.28 10.66
N LEU A 72 -10.74 1.14 11.35
CA LEU A 72 -9.43 1.56 10.89
C LEU A 72 -8.46 0.39 11.02
N THR A 73 -8.71 -0.44 12.02
CA THR A 73 -7.86 -1.61 12.26
C THR A 73 -7.69 -2.42 10.98
N GLU A 74 -8.74 -2.42 10.18
CA GLU A 74 -8.74 -3.16 8.92
C GLU A 74 -7.73 -2.54 7.96
N ALA A 75 -7.77 -1.21 7.88
CA ALA A 75 -6.88 -0.48 7.00
C ALA A 75 -5.43 -0.68 7.47
N ARG A 76 -5.22 -0.43 8.75
CA ARG A 76 -3.90 -0.57 9.33
C ARG A 76 -3.36 -1.98 9.08
N ASP A 77 -4.26 -2.95 9.15
CA ASP A 77 -3.89 -4.33 8.94
C ASP A 77 -3.71 -4.58 7.44
N ALA A 78 -4.46 -3.83 6.64
CA ALA A 78 -4.40 -3.95 5.20
C ALA A 78 -2.98 -3.65 4.73
N ILE A 79 -2.48 -2.50 5.17
CA ILE A 79 -1.14 -2.08 4.80
C ILE A 79 -0.12 -3.01 5.47
N LYS A 80 -0.26 -3.14 6.77
CA LYS A 80 0.64 -4.00 7.53
C LYS A 80 0.64 -5.40 6.93
N ASP A 81 -0.48 -5.74 6.32
CA ASP A 81 -0.63 -7.05 5.71
C ASP A 81 0.19 -7.10 4.41
N ALA A 82 0.08 -6.02 3.64
CA ALA A 82 0.79 -5.93 2.38
C ALA A 82 2.30 -5.86 2.66
N TYR A 83 2.64 -5.11 3.71
CA TYR A 83 4.02 -4.95 4.09
C TYR A 83 4.62 -6.27 4.57
N GLU A 84 3.87 -6.94 5.45
CA GLU A 84 4.31 -8.21 5.99
C GLU A 84 4.13 -9.32 4.94
N SER A 85 3.21 -9.08 4.02
CA SER A 85 2.93 -10.04 2.98
C SER A 85 4.10 -10.10 1.99
N TYR A 86 4.54 -8.92 1.57
CA TYR A 86 5.65 -8.82 0.64
C TYR A 86 6.93 -8.40 1.35
N CYS A 87 6.83 -8.30 2.67
CA CYS A 87 7.98 -7.90 3.48
C CYS A 87 9.20 -8.68 2.99
N GLY A 88 10.22 -7.94 2.60
CA GLY A 88 11.45 -8.54 2.11
C GLY A 88 11.54 -8.46 0.59
N ILE A 89 10.54 -7.81 0.00
CA ILE A 89 10.50 -7.64 -1.44
C ILE A 89 10.70 -6.16 -1.78
N ASP A 90 11.81 -5.89 -2.43
CA ASP A 90 12.13 -4.52 -2.83
C ASP A 90 12.18 -4.44 -4.35
N ASP A 91 12.09 -5.60 -4.97
CA ASP A 91 12.13 -5.68 -6.43
C ASP A 91 10.83 -6.31 -6.93
N CYS A 92 10.39 -5.84 -8.08
CA CYS A 92 9.16 -6.35 -8.68
C CYS A 92 9.37 -7.84 -8.98
N PRO A 93 8.62 -8.69 -8.22
CA PRO A 93 8.71 -10.13 -8.39
C PRO A 93 7.98 -10.58 -9.65
N GLN A 94 6.96 -9.81 -10.01
CA GLN A 94 6.17 -10.12 -11.19
C GLN A 94 7.03 -9.97 -12.45
N CYS A 95 7.98 -9.05 -12.38
CA CYS A 95 8.86 -8.80 -13.50
C CYS A 95 9.82 -9.98 -13.63
N SER A 96 10.16 -10.55 -12.48
CA SER A 96 11.06 -11.69 -12.46
C SER A 96 10.31 -12.97 -12.83
N LYS A 97 9.02 -12.98 -12.50
CA LYS A 97 8.19 -14.13 -12.79
C LYS A 97 7.83 -14.13 -14.28
N TYR A 98 7.70 -12.93 -14.82
CA TYR A 98 7.36 -12.77 -16.22
C TYR A 98 8.60 -12.44 -17.05
N ILE A 99 8.93 -13.35 -17.96
CA ILE A 99 10.08 -13.17 -18.82
C ILE A 99 9.71 -12.26 -20.00
N ASP A 100 10.74 -11.69 -20.62
CA ASP A 100 10.52 -10.81 -21.74
C ASP A 100 10.68 -11.60 -23.05
N ASP A 101 9.54 -11.91 -23.64
CA ASP A 101 9.52 -12.66 -24.89
C ASP A 101 10.45 -11.99 -25.89
N GLU A 16 -10.21 -5.35 -8.42
CA GLU A 16 -11.62 -5.05 -8.48
C GLU A 16 -12.16 -4.79 -7.06
N ASP A 17 -11.23 -4.69 -6.13
CA ASP A 17 -11.60 -4.44 -4.74
C ASP A 17 -11.43 -2.96 -4.43
N GLN A 18 -12.22 -2.48 -3.49
CA GLN A 18 -12.16 -1.08 -3.09
C GLN A 18 -10.91 -0.82 -2.27
N GLU A 19 -10.51 -1.82 -1.51
CA GLU A 19 -9.33 -1.71 -0.67
C GLU A 19 -8.13 -1.26 -1.51
N GLN A 20 -7.98 -1.89 -2.66
CA GLN A 20 -6.88 -1.57 -3.56
C GLN A 20 -7.00 -0.11 -4.02
N TRP A 21 -8.22 0.34 -4.16
CA TRP A 21 -8.47 1.71 -4.58
C TRP A 21 -7.94 2.66 -3.51
N ALA A 22 -8.04 2.19 -2.27
CA ALA A 22 -7.57 2.97 -1.14
C ALA A 22 -6.04 3.04 -1.17
N MET A 23 -5.43 1.88 -1.33
CA MET A 23 -3.98 1.79 -1.37
C MET A 23 -3.40 2.79 -2.37
N GLN A 24 -4.25 3.21 -3.30
CA GLN A 24 -3.85 4.14 -4.33
C GLN A 24 -3.02 5.28 -3.71
N THR A 25 -3.71 6.19 -3.05
CA THR A 25 -3.07 7.32 -2.41
C THR A 25 -2.19 6.85 -1.25
N LEU A 26 -2.83 6.15 -0.32
CA LEU A 26 -2.13 5.64 0.84
C LEU A 26 -0.72 5.19 0.43
N MET A 27 -0.69 4.13 -0.37
CA MET A 27 0.59 3.60 -0.85
C MET A 27 1.20 4.52 -1.90
N GLY A 28 0.34 5.31 -2.53
CA GLY A 28 0.79 6.23 -3.56
C GLY A 28 1.59 7.39 -2.96
N SER A 29 1.57 7.44 -1.62
CA SER A 29 2.29 8.49 -0.91
C SER A 29 3.79 8.36 -1.18
N GLY A 30 4.16 7.26 -1.81
CA GLY A 30 5.56 7.02 -2.13
C GLY A 30 6.19 6.07 -1.12
N VAL A 31 5.34 5.53 -0.25
CA VAL A 31 5.80 4.61 0.78
C VAL A 31 6.15 3.27 0.13
N LEU A 32 5.24 2.80 -0.71
CA LEU A 32 5.43 1.53 -1.40
C LEU A 32 5.86 1.80 -2.84
N ALA A 33 6.11 0.71 -3.56
CA ALA A 33 6.52 0.82 -4.95
C ALA A 33 5.58 0.00 -5.82
N ARG A 34 5.10 0.62 -6.88
CA ARG A 34 4.19 -0.04 -7.80
C ARG A 34 4.95 -0.56 -9.02
N CYS A 35 4.72 -1.82 -9.34
CA CYS A 35 5.37 -2.44 -10.48
C CYS A 35 4.49 -2.24 -11.71
N ARG A 36 5.09 -1.64 -12.73
CA ARG A 36 4.37 -1.39 -13.97
C ARG A 36 4.19 -2.69 -14.75
N ILE A 37 4.73 -3.76 -14.19
CA ILE A 37 4.64 -5.06 -14.83
C ILE A 37 3.61 -5.92 -14.08
N HIS A 38 3.35 -5.51 -12.85
CA HIS A 38 2.39 -6.23 -12.02
C HIS A 38 1.87 -5.30 -10.92
N ASN A 39 0.56 -5.39 -10.68
CA ASN A 39 -0.07 -4.57 -9.67
C ASN A 39 -0.21 -5.39 -8.38
N ASP A 40 0.03 -6.68 -8.50
CA ASP A 40 -0.08 -7.58 -7.36
C ASP A 40 1.30 -7.72 -6.72
N VAL A 41 2.22 -6.88 -7.15
CA VAL A 41 3.58 -6.91 -6.63
C VAL A 41 3.94 -5.51 -6.09
N ILE A 42 4.18 -5.46 -4.79
CA ILE A 42 4.54 -4.22 -4.14
C ILE A 42 5.98 -4.30 -3.64
N LEU A 43 6.68 -3.19 -3.77
CA LEU A 43 8.07 -3.12 -3.34
C LEU A 43 8.19 -2.14 -2.18
N ASP A 44 9.06 -2.47 -1.24
CA ASP A 44 9.29 -1.62 -0.08
C ASP A 44 10.33 -0.56 -0.42
N SER A 45 9.87 0.69 -0.39
CA SER A 45 10.75 1.82 -0.70
C SER A 45 11.84 1.92 0.35
N GLY A 46 11.44 1.79 1.61
CA GLY A 46 12.37 1.87 2.71
C GLY A 46 12.29 3.24 3.41
N ASN A 47 11.15 3.89 3.22
CA ASN A 47 10.93 5.19 3.81
C ASN A 47 9.88 5.07 4.91
N ASP A 48 9.72 6.16 5.67
CA ASP A 48 8.76 6.18 6.75
C ASP A 48 7.40 5.72 6.24
N ALA A 49 6.98 4.56 6.71
CA ALA A 49 5.71 3.99 6.30
C ALA A 49 4.58 4.72 7.03
N SER A 50 4.94 5.35 8.13
CA SER A 50 3.97 6.08 8.93
C SER A 50 3.22 7.08 8.05
N SER A 51 3.95 7.63 7.09
CA SER A 51 3.37 8.60 6.18
C SER A 51 2.18 7.97 5.43
N ALA A 52 2.41 6.79 4.92
CA ALA A 52 1.37 6.07 4.19
C ALA A 52 0.23 5.73 5.13
N TYR A 53 0.61 5.35 6.35
CA TYR A 53 -0.38 5.00 7.36
C TYR A 53 -1.31 6.18 7.65
N LYS A 54 -0.71 7.34 7.85
CA LYS A 54 -1.46 8.54 8.13
C LYS A 54 -2.41 8.83 6.97
N LEU A 55 -1.86 8.81 5.77
CA LEU A 55 -2.64 9.07 4.58
C LEU A 55 -3.67 7.95 4.40
N GLY A 56 -3.31 6.78 4.90
CA GLY A 56 -4.20 5.63 4.81
C GLY A 56 -5.43 5.81 5.68
N THR A 57 -5.18 6.15 6.94
CA THR A 57 -6.26 6.36 7.89
C THR A 57 -7.14 7.54 7.45
N TYR A 58 -6.50 8.52 6.84
CA TYR A 58 -7.20 9.70 6.37
C TYR A 58 -8.18 9.35 5.26
N LEU A 59 -7.67 8.66 4.25
CA LEU A 59 -8.48 8.25 3.13
C LEU A 59 -9.54 7.25 3.60
N TYR A 60 -9.08 6.25 4.34
CA TYR A 60 -9.97 5.24 4.86
C TYR A 60 -10.99 5.83 5.83
N GLN A 61 -10.57 6.92 6.47
CA GLN A 61 -11.44 7.60 7.43
C GLN A 61 -11.13 9.11 7.43
N LYS A 62 -12.18 9.87 7.14
CA LYS A 62 -12.04 11.33 7.11
C LYS A 62 -12.01 11.86 8.54
N ASP A 63 -12.58 11.08 9.45
CA ASP A 63 -12.61 11.46 10.85
C ASP A 63 -12.71 10.20 11.72
N ASN A 64 -11.83 10.14 12.70
CA ASN A 64 -11.80 9.00 13.61
C ASN A 64 -13.13 8.92 14.37
N SER A 65 -13.80 7.78 14.20
CA SER A 65 -15.08 7.58 14.86
C SER A 65 -15.48 6.10 14.75
N CYS A 66 -16.49 5.75 15.53
CA CYS A 66 -16.99 4.37 15.53
C CYS A 66 -18.42 4.38 14.98
N ASN A 67 -18.78 5.50 14.38
CA ASN A 67 -20.12 5.65 13.83
C ASN A 67 -20.12 5.10 12.40
N LEU A 68 -19.01 4.48 12.02
CA LEU A 68 -18.87 3.90 10.70
C LEU A 68 -18.50 2.43 10.83
N PHE A 69 -19.40 1.57 10.37
CA PHE A 69 -19.17 0.15 10.42
C PHE A 69 -17.72 -0.20 10.09
N ASN A 70 -17.22 0.45 9.05
CA ASN A 70 -15.85 0.22 8.63
C ASN A 70 -14.90 0.53 9.79
N THR A 71 -14.00 -0.40 10.02
CA THR A 71 -13.03 -0.25 11.11
C THR A 71 -11.67 0.14 10.54
N LEU A 72 -10.92 0.91 11.34
CA LEU A 72 -9.60 1.36 10.94
C LEU A 72 -8.64 0.17 10.94
N THR A 73 -8.90 -0.77 11.83
CA THR A 73 -8.07 -1.95 11.94
C THR A 73 -7.93 -2.63 10.58
N GLU A 74 -8.98 -2.51 9.77
CA GLU A 74 -8.98 -3.10 8.45
C GLU A 74 -7.98 -2.39 7.55
N ALA A 75 -7.90 -1.08 7.71
CA ALA A 75 -6.99 -0.27 6.93
C ALA A 75 -5.55 -0.52 7.41
N ARG A 76 -5.37 -0.38 8.71
CA ARG A 76 -4.05 -0.58 9.31
C ARG A 76 -3.56 -2.01 9.03
N ASP A 77 -4.50 -2.94 9.09
CA ASP A 77 -4.18 -4.34 8.86
C ASP A 77 -3.99 -4.57 7.37
N ALA A 78 -4.70 -3.77 6.58
CA ALA A 78 -4.61 -3.87 5.13
C ALA A 78 -3.18 -3.60 4.68
N ILE A 79 -2.65 -2.47 5.15
CA ILE A 79 -1.30 -2.08 4.80
C ILE A 79 -0.32 -3.00 5.52
N LYS A 80 -0.69 -3.39 6.73
CA LYS A 80 0.15 -4.28 7.52
C LYS A 80 0.18 -5.66 6.88
N ASP A 81 -0.89 -5.98 6.19
CA ASP A 81 -1.00 -7.27 5.53
C ASP A 81 -0.13 -7.27 4.28
N ALA A 82 -0.32 -6.24 3.46
CA ALA A 82 0.44 -6.10 2.23
C ALA A 82 1.93 -5.98 2.56
N TYR A 83 2.22 -5.13 3.54
CA TYR A 83 3.59 -4.91 3.97
C TYR A 83 4.21 -6.20 4.51
N GLU A 84 3.40 -6.92 5.28
CA GLU A 84 3.86 -8.17 5.87
C GLU A 84 3.98 -9.25 4.79
N SER A 85 3.23 -9.06 3.72
CA SER A 85 3.24 -10.01 2.62
C SER A 85 4.49 -9.79 1.76
N TYR A 86 4.74 -8.53 1.43
CA TYR A 86 5.88 -8.17 0.62
C TYR A 86 7.06 -7.75 1.50
N CYS A 87 6.86 -7.88 2.80
CA CYS A 87 7.90 -7.51 3.75
C CYS A 87 9.20 -8.22 3.35
N GLY A 88 10.30 -7.51 3.52
CA GLY A 88 11.61 -8.05 3.17
C GLY A 88 11.95 -7.76 1.71
N ILE A 89 10.95 -7.29 0.98
CA ILE A 89 11.14 -6.97 -0.43
C ILE A 89 11.16 -5.45 -0.61
N ASP A 90 12.33 -4.95 -0.99
CA ASP A 90 12.51 -3.53 -1.19
C ASP A 90 12.95 -3.28 -2.64
N ASP A 91 13.10 -4.37 -3.37
CA ASP A 91 13.52 -4.28 -4.76
C ASP A 91 12.87 -5.41 -5.56
N CYS A 92 12.63 -5.14 -6.83
CA CYS A 92 12.02 -6.12 -7.71
C CYS A 92 13.10 -6.69 -8.63
N PRO A 93 13.51 -7.96 -8.33
CA PRO A 93 14.53 -8.62 -9.12
C PRO A 93 13.97 -9.09 -10.47
N GLN A 94 12.67 -9.29 -10.48
CA GLN A 94 12.00 -9.73 -11.69
C GLN A 94 11.93 -8.59 -12.72
N CYS A 95 11.65 -7.40 -12.21
CA CYS A 95 11.57 -6.23 -13.07
C CYS A 95 12.93 -6.02 -13.73
N SER A 96 13.98 -6.34 -12.99
CA SER A 96 15.34 -6.20 -13.49
C SER A 96 15.73 -7.44 -14.29
N LYS A 97 15.10 -8.55 -13.95
CA LYS A 97 15.38 -9.81 -14.62
C LYS A 97 14.78 -9.76 -16.04
N TYR A 98 13.69 -9.01 -16.15
CA TYR A 98 13.01 -8.88 -17.43
C TYR A 98 13.69 -7.82 -18.31
N ILE A 99 14.35 -8.30 -19.35
CA ILE A 99 15.04 -7.41 -20.26
C ILE A 99 14.05 -6.85 -21.28
N ASP A 100 14.36 -5.67 -21.80
CA ASP A 100 13.50 -5.03 -22.78
C ASP A 100 14.02 -5.35 -24.19
N ASP A 101 13.34 -6.28 -24.84
CA ASP A 101 13.70 -6.68 -26.18
C ASP A 101 13.22 -5.63 -27.18
N GLU A 16 -12.56 -8.75 -5.44
CA GLU A 16 -12.87 -7.32 -5.51
C GLU A 16 -11.59 -6.50 -5.44
N ASP A 17 -10.82 -6.75 -4.39
CA ASP A 17 -9.57 -6.03 -4.19
C ASP A 17 -9.84 -4.52 -4.16
N GLN A 18 -10.93 -4.17 -3.48
CA GLN A 18 -11.31 -2.77 -3.37
C GLN A 18 -10.25 -1.99 -2.58
N GLU A 19 -9.65 -2.67 -1.62
CA GLU A 19 -8.62 -2.07 -0.80
C GLU A 19 -7.41 -1.66 -1.65
N GLN A 20 -7.18 -2.47 -2.69
CA GLN A 20 -6.07 -2.20 -3.59
C GLN A 20 -6.18 -0.79 -4.18
N TRP A 21 -7.41 -0.40 -4.46
CA TRP A 21 -7.67 0.92 -5.02
C TRP A 21 -7.33 1.96 -3.96
N ALA A 22 -7.82 1.72 -2.76
CA ALA A 22 -7.58 2.63 -1.65
C ALA A 22 -6.07 2.69 -1.37
N MET A 23 -5.40 1.58 -1.63
CA MET A 23 -3.97 1.50 -1.42
C MET A 23 -3.22 2.35 -2.45
N GLN A 24 -3.95 2.79 -3.46
CA GLN A 24 -3.36 3.61 -4.51
C GLN A 24 -2.61 4.79 -3.88
N THR A 25 -3.39 5.76 -3.41
CA THR A 25 -2.81 6.94 -2.79
C THR A 25 -1.93 6.55 -1.61
N LEU A 26 -2.52 5.84 -0.68
CA LEU A 26 -1.80 5.39 0.50
C LEU A 26 -0.36 5.03 0.11
N MET A 27 -0.25 4.03 -0.76
CA MET A 27 1.05 3.58 -1.22
C MET A 27 1.67 4.60 -2.18
N GLY A 28 0.81 5.40 -2.79
CA GLY A 28 1.26 6.41 -3.73
C GLY A 28 1.95 7.56 -3.00
N SER A 29 1.84 7.54 -1.68
CA SER A 29 2.44 8.58 -0.86
C SER A 29 3.97 8.55 -1.02
N GLY A 30 4.45 7.49 -1.67
CA GLY A 30 5.87 7.34 -1.90
C GLY A 30 6.49 6.42 -0.86
N VAL A 31 5.64 5.86 -0.01
CA VAL A 31 6.08 4.96 1.03
C VAL A 31 6.48 3.61 0.42
N LEU A 32 5.61 3.12 -0.46
CA LEU A 32 5.85 1.86 -1.13
C LEU A 32 6.42 2.13 -2.52
N ALA A 33 6.73 1.04 -3.21
CA ALA A 33 7.28 1.14 -4.55
C ALA A 33 6.43 0.31 -5.52
N ARG A 34 6.12 0.91 -6.66
CA ARG A 34 5.31 0.25 -7.66
C ARG A 34 6.08 0.16 -8.98
N CYS A 35 5.97 -1.00 -9.62
CA CYS A 35 6.65 -1.21 -10.89
C CYS A 35 5.81 -0.57 -12.00
N ARG A 36 6.51 0.07 -12.92
CA ARG A 36 5.84 0.72 -14.04
C ARG A 36 5.18 -0.31 -14.94
N ILE A 37 5.51 -1.57 -14.69
CA ILE A 37 4.96 -2.66 -15.47
C ILE A 37 3.82 -3.32 -14.69
N HIS A 38 3.68 -2.90 -13.44
CA HIS A 38 2.63 -3.44 -12.59
C HIS A 38 2.17 -2.36 -11.61
N ASN A 39 0.93 -1.95 -11.79
CA ASN A 39 0.35 -0.92 -10.93
C ASN A 39 -0.49 -1.59 -9.84
N ASP A 40 -0.66 -2.90 -9.99
CA ASP A 40 -1.44 -3.66 -9.03
C ASP A 40 -0.49 -4.38 -8.07
N VAL A 41 0.80 -4.22 -8.34
CA VAL A 41 1.82 -4.84 -7.51
C VAL A 41 2.31 -3.84 -6.47
N ILE A 42 2.62 -4.36 -5.29
CA ILE A 42 3.09 -3.53 -4.20
C ILE A 42 4.42 -4.09 -3.67
N LEU A 43 5.43 -3.23 -3.70
CA LEU A 43 6.75 -3.62 -3.23
C LEU A 43 7.09 -2.83 -1.96
N ASP A 44 7.65 -3.54 -0.99
CA ASP A 44 8.03 -2.92 0.27
C ASP A 44 9.38 -2.21 0.09
N SER A 45 9.32 -0.89 0.15
CA SER A 45 10.52 -0.09 -0.01
C SER A 45 11.25 0.02 1.33
N GLY A 46 10.47 0.15 2.39
CA GLY A 46 11.03 0.27 3.73
C GLY A 46 11.02 1.71 4.21
N ASN A 47 10.15 2.50 3.60
CA ASN A 47 10.03 3.91 3.95
C ASN A 47 9.07 4.04 5.13
N ASP A 48 8.90 5.29 5.58
CA ASP A 48 8.02 5.57 6.70
C ASP A 48 6.66 4.91 6.44
N ALA A 49 6.51 3.71 6.99
CA ALA A 49 5.27 2.97 6.83
C ALA A 49 4.14 3.72 7.53
N SER A 50 4.52 4.55 8.49
CA SER A 50 3.55 5.34 9.24
C SER A 50 2.89 6.36 8.31
N SER A 51 3.65 6.83 7.34
CA SER A 51 3.14 7.80 6.39
C SER A 51 2.03 7.18 5.53
N ALA A 52 2.29 5.96 5.09
CA ALA A 52 1.33 5.24 4.26
C ALA A 52 0.09 4.92 5.10
N TYR A 53 0.33 4.35 6.27
CA TYR A 53 -0.75 3.99 7.17
C TYR A 53 -1.67 5.19 7.42
N LYS A 54 -1.04 6.32 7.71
CA LYS A 54 -1.80 7.53 7.98
C LYS A 54 -2.62 7.90 6.74
N LEU A 55 -1.95 7.87 5.59
CA LEU A 55 -2.62 8.19 4.34
C LEU A 55 -3.72 7.17 4.07
N GLY A 56 -3.52 5.97 4.60
CA GLY A 56 -4.48 4.90 4.42
C GLY A 56 -5.80 5.23 5.14
N THR A 57 -5.67 5.50 6.43
CA THR A 57 -6.84 5.82 7.24
C THR A 57 -7.56 7.05 6.67
N TYR A 58 -6.77 8.02 6.27
CA TYR A 58 -7.32 9.24 5.70
C TYR A 58 -8.08 8.95 4.41
N LEU A 59 -7.49 8.09 3.59
CA LEU A 59 -8.10 7.72 2.33
C LEU A 59 -9.24 6.74 2.58
N TYR A 60 -9.14 6.05 3.70
CA TYR A 60 -10.16 5.08 4.07
C TYR A 60 -11.37 5.77 4.72
N GLN A 61 -11.09 6.89 5.36
CA GLN A 61 -12.14 7.65 6.01
C GLN A 61 -11.69 9.10 6.24
N LYS A 62 -12.66 9.99 6.30
CA LYS A 62 -12.38 11.40 6.51
C LYS A 62 -12.90 11.82 7.88
N ASP A 63 -14.04 11.25 8.25
CA ASP A 63 -14.65 11.55 9.54
C ASP A 63 -13.84 10.90 10.65
N ASN A 64 -14.27 11.15 11.88
CA ASN A 64 -13.60 10.59 13.04
C ASN A 64 -13.77 9.06 13.04
N SER A 65 -13.00 8.42 13.90
CA SER A 65 -13.06 6.97 14.02
C SER A 65 -14.13 6.57 15.02
N CYS A 66 -14.30 5.25 15.17
CA CYS A 66 -15.29 4.73 16.09
C CYS A 66 -16.67 5.14 15.61
N ASN A 67 -16.83 5.16 14.29
CA ASN A 67 -18.10 5.55 13.69
C ASN A 67 -18.93 4.28 13.44
N LEU A 68 -18.27 3.27 12.89
CA LEU A 68 -18.94 2.02 12.59
C LEU A 68 -18.24 0.88 13.35
N PHE A 69 -18.79 -0.31 13.19
CA PHE A 69 -18.24 -1.48 13.85
C PHE A 69 -16.80 -1.74 13.39
N ASN A 70 -16.45 -1.10 12.28
CA ASN A 70 -15.12 -1.26 11.72
C ASN A 70 -14.15 -0.32 12.45
N THR A 71 -13.02 -0.88 12.86
CA THR A 71 -12.01 -0.10 13.57
C THR A 71 -10.87 0.26 12.62
N LEU A 72 -10.27 1.42 12.90
CA LEU A 72 -9.16 1.89 12.08
C LEU A 72 -8.05 0.83 12.05
N THR A 73 -8.00 0.06 13.12
CA THR A 73 -7.00 -0.99 13.24
C THR A 73 -7.03 -1.89 11.99
N GLU A 74 -8.23 -2.05 11.45
CA GLU A 74 -8.40 -2.87 10.26
C GLU A 74 -7.57 -2.31 9.10
N ALA A 75 -7.75 -1.02 8.86
CA ALA A 75 -7.03 -0.36 7.79
C ALA A 75 -5.52 -0.48 8.03
N ARG A 76 -5.12 -0.10 9.24
CA ARG A 76 -3.71 -0.16 9.61
C ARG A 76 -3.16 -1.56 9.34
N ASP A 77 -4.02 -2.55 9.55
CA ASP A 77 -3.64 -3.94 9.35
C ASP A 77 -3.58 -4.23 7.85
N ALA A 78 -4.43 -3.53 7.11
CA ALA A 78 -4.50 -3.70 5.67
C ALA A 78 -3.17 -3.26 5.05
N ILE A 79 -2.64 -2.15 5.56
CA ILE A 79 -1.39 -1.62 5.07
C ILE A 79 -0.23 -2.46 5.62
N LYS A 80 -0.29 -2.69 6.92
CA LYS A 80 0.74 -3.47 7.58
C LYS A 80 0.74 -4.89 7.02
N ASP A 81 -0.43 -5.32 6.57
CA ASP A 81 -0.58 -6.65 6.01
C ASP A 81 0.06 -6.69 4.62
N ALA A 82 -0.29 -5.70 3.81
CA ALA A 82 0.25 -5.60 2.47
C ALA A 82 1.77 -5.48 2.52
N TYR A 83 2.22 -4.64 3.44
CA TYR A 83 3.65 -4.43 3.61
C TYR A 83 4.35 -5.71 4.06
N GLU A 84 3.73 -6.39 5.01
CA GLU A 84 4.27 -7.63 5.53
C GLU A 84 4.07 -8.77 4.52
N SER A 85 3.07 -8.58 3.66
CA SER A 85 2.75 -9.57 2.65
C SER A 85 3.71 -9.41 1.47
N TYR A 86 4.09 -8.18 1.21
CA TYR A 86 4.99 -7.88 0.11
C TYR A 86 6.37 -7.47 0.62
N CYS A 87 6.53 -7.56 1.93
CA CYS A 87 7.78 -7.20 2.56
C CYS A 87 8.86 -8.19 2.10
N GLY A 88 10.05 -7.67 1.87
CA GLY A 88 11.16 -8.49 1.42
C GLY A 88 11.49 -8.23 -0.04
N ILE A 89 10.53 -7.62 -0.73
CA ILE A 89 10.71 -7.31 -2.14
C ILE A 89 10.41 -5.83 -2.36
N ASP A 90 11.42 -5.12 -2.86
CA ASP A 90 11.29 -3.70 -3.13
C ASP A 90 11.37 -3.46 -4.64
N ASP A 91 11.83 -4.48 -5.34
CA ASP A 91 11.96 -4.39 -6.78
C ASP A 91 12.00 -5.80 -7.38
N CYS A 92 11.51 -5.90 -8.61
CA CYS A 92 11.49 -7.18 -9.30
C CYS A 92 12.92 -7.55 -9.69
N PRO A 93 13.22 -8.87 -9.61
CA PRO A 93 14.54 -9.36 -9.95
C PRO A 93 14.75 -9.37 -11.47
N GLN A 94 13.65 -9.57 -12.17
CA GLN A 94 13.69 -9.60 -13.63
C GLN A 94 13.77 -8.18 -14.19
N CYS A 95 12.88 -7.33 -13.69
CA CYS A 95 12.82 -5.95 -14.13
C CYS A 95 14.19 -5.32 -13.90
N SER A 96 14.85 -5.78 -12.84
CA SER A 96 16.16 -5.27 -12.49
C SER A 96 17.24 -6.04 -13.25
N LYS A 97 17.00 -7.33 -13.40
CA LYS A 97 17.93 -8.20 -14.10
C LYS A 97 17.90 -7.87 -15.60
N TYR A 98 16.90 -7.09 -15.98
CA TYR A 98 16.75 -6.70 -17.37
C TYR A 98 17.02 -5.20 -17.55
N ILE A 99 16.88 -4.75 -18.79
CA ILE A 99 17.10 -3.35 -19.11
C ILE A 99 16.17 -2.48 -18.25
N ASP A 100 16.78 -1.55 -17.55
CA ASP A 100 16.03 -0.64 -16.69
C ASP A 100 15.73 0.65 -17.45
N ASP A 101 14.50 0.76 -17.92
CA ASP A 101 14.09 1.95 -18.66
C ASP A 101 14.28 3.18 -17.78
N GLU A 16 -9.88 -8.53 -7.86
CA GLU A 16 -9.67 -7.17 -7.40
C GLU A 16 -10.43 -6.94 -6.09
N ASP A 17 -9.81 -6.14 -5.21
CA ASP A 17 -10.42 -5.83 -3.93
C ASP A 17 -10.65 -4.32 -3.84
N GLN A 18 -11.71 -3.97 -3.13
CA GLN A 18 -12.06 -2.57 -2.95
C GLN A 18 -11.10 -1.90 -1.98
N GLU A 19 -10.65 -2.69 -1.00
CA GLU A 19 -9.72 -2.18 0.00
C GLU A 19 -8.35 -1.94 -0.62
N GLN A 20 -7.89 -2.95 -1.36
CA GLN A 20 -6.59 -2.85 -2.02
C GLN A 20 -6.57 -1.70 -3.01
N TRP A 21 -7.75 -1.44 -3.58
CA TRP A 21 -7.87 -0.36 -4.55
C TRP A 21 -7.64 0.97 -3.83
N ALA A 22 -8.14 1.03 -2.60
CA ALA A 22 -8.00 2.22 -1.80
C ALA A 22 -6.51 2.48 -1.53
N MET A 23 -5.76 1.39 -1.52
CA MET A 23 -4.32 1.48 -1.28
C MET A 23 -3.65 2.39 -2.32
N GLN A 24 -4.38 2.66 -3.38
CA GLN A 24 -3.88 3.52 -4.44
C GLN A 24 -3.04 4.65 -3.86
N THR A 25 -3.74 5.70 -3.46
CA THR A 25 -3.09 6.87 -2.88
C THR A 25 -2.31 6.47 -1.63
N LEU A 26 -3.03 5.88 -0.68
CA LEU A 26 -2.43 5.44 0.56
C LEU A 26 -0.97 5.05 0.31
N MET A 27 -0.81 3.93 -0.39
CA MET A 27 0.51 3.43 -0.71
C MET A 27 1.17 4.26 -1.80
N GLY A 28 0.33 4.94 -2.57
CA GLY A 28 0.81 5.78 -3.64
C GLY A 28 1.58 6.99 -3.10
N SER A 29 1.51 7.14 -1.79
CA SER A 29 2.19 8.25 -1.13
C SER A 29 3.70 8.13 -1.33
N GLY A 30 4.11 6.98 -1.85
CA GLY A 30 5.51 6.72 -2.10
C GLY A 30 6.13 5.89 -0.96
N VAL A 31 5.25 5.32 -0.14
CA VAL A 31 5.69 4.51 0.97
C VAL A 31 6.22 3.18 0.45
N LEU A 32 5.44 2.57 -0.44
CA LEU A 32 5.81 1.30 -1.02
C LEU A 32 6.51 1.53 -2.36
N ALA A 33 6.94 0.44 -2.97
CA ALA A 33 7.62 0.51 -4.25
C ALA A 33 6.85 -0.32 -5.27
N ARG A 34 6.60 0.30 -6.43
CA ARG A 34 5.89 -0.37 -7.49
C ARG A 34 6.70 -0.33 -8.79
N CYS A 35 6.62 -1.43 -9.53
CA CYS A 35 7.34 -1.52 -10.79
C CYS A 35 6.67 -0.59 -11.80
N ARG A 36 7.52 0.09 -12.56
CA ARG A 36 7.03 1.03 -13.56
C ARG A 36 6.10 0.31 -14.55
N ILE A 37 6.18 -1.02 -14.54
CA ILE A 37 5.36 -1.83 -15.42
C ILE A 37 4.21 -2.43 -14.62
N HIS A 38 4.39 -2.44 -13.31
CA HIS A 38 3.38 -2.99 -12.41
C HIS A 38 3.06 -1.98 -11.32
N ASN A 39 1.83 -1.48 -11.36
CA ASN A 39 1.38 -0.50 -10.37
C ASN A 39 0.62 -1.21 -9.26
N ASP A 40 0.36 -2.50 -9.49
CA ASP A 40 -0.35 -3.31 -8.52
C ASP A 40 0.65 -4.13 -7.71
N VAL A 41 1.92 -3.80 -7.89
CA VAL A 41 2.97 -4.49 -7.18
C VAL A 41 3.40 -3.67 -5.96
N ILE A 42 3.86 -4.37 -4.94
CA ILE A 42 4.28 -3.72 -3.72
C ILE A 42 5.70 -4.18 -3.38
N LEU A 43 6.58 -3.20 -3.17
CA LEU A 43 7.96 -3.48 -2.84
C LEU A 43 8.34 -2.75 -1.54
N ASP A 44 9.03 -3.47 -0.68
CA ASP A 44 9.46 -2.91 0.59
C ASP A 44 10.67 -2.02 0.36
N SER A 45 10.49 -0.73 0.63
CA SER A 45 11.56 0.24 0.47
C SER A 45 12.26 0.48 1.81
N GLY A 46 11.45 0.54 2.85
CA GLY A 46 11.95 0.78 4.20
C GLY A 46 11.87 2.26 4.56
N ASN A 47 10.89 2.92 3.97
CA ASN A 47 10.69 4.34 4.23
C ASN A 47 9.57 4.51 5.25
N ASP A 48 9.42 5.75 5.72
CA ASP A 48 8.40 6.06 6.70
C ASP A 48 7.04 5.58 6.19
N ALA A 49 6.60 4.45 6.75
CA ALA A 49 5.33 3.87 6.36
C ALA A 49 4.19 4.68 6.99
N SER A 50 4.54 5.44 8.03
CA SER A 50 3.57 6.25 8.72
C SER A 50 2.87 7.20 7.74
N SER A 51 3.62 7.60 6.73
CA SER A 51 3.10 8.50 5.71
C SER A 51 1.90 7.85 5.01
N ALA A 52 2.12 6.63 4.55
CA ALA A 52 1.07 5.88 3.86
C ALA A 52 -0.07 5.60 4.84
N TYR A 53 0.30 5.31 6.08
CA TYR A 53 -0.68 5.03 7.10
C TYR A 53 -1.52 6.27 7.43
N LYS A 54 -0.86 7.42 7.35
CA LYS A 54 -1.52 8.68 7.64
C LYS A 54 -2.55 8.96 6.54
N LEU A 55 -2.10 8.86 5.30
CA LEU A 55 -2.97 9.11 4.16
C LEU A 55 -3.97 7.96 4.04
N GLY A 56 -3.55 6.79 4.52
CA GLY A 56 -4.41 5.62 4.47
C GLY A 56 -5.58 5.75 5.44
N THR A 57 -5.25 6.08 6.68
CA THR A 57 -6.25 6.24 7.72
C THR A 57 -7.21 7.39 7.36
N TYR A 58 -6.62 8.47 6.88
CA TYR A 58 -7.40 9.63 6.50
C TYR A 58 -8.36 9.30 5.35
N LEU A 59 -7.85 8.55 4.39
CA LEU A 59 -8.64 8.15 3.25
C LEU A 59 -9.60 7.03 3.65
N TYR A 60 -9.17 6.27 4.65
CA TYR A 60 -9.98 5.17 5.14
C TYR A 60 -11.09 5.67 6.06
N GLN A 61 -10.82 6.80 6.69
CA GLN A 61 -11.78 7.39 7.61
C GLN A 61 -12.27 8.73 7.07
N LYS A 62 -13.55 8.78 6.77
CA LYS A 62 -14.16 10.00 6.24
C LYS A 62 -14.02 11.12 7.27
N ASP A 63 -14.15 10.74 8.54
CA ASP A 63 -14.04 11.70 9.61
C ASP A 63 -12.81 11.38 10.46
N ASN A 64 -12.48 12.29 11.36
CA ASN A 64 -11.33 12.12 12.22
C ASN A 64 -11.78 12.14 13.68
N SER A 65 -11.65 10.99 14.32
CA SER A 65 -12.04 10.85 15.72
C SER A 65 -11.17 9.80 16.41
N CYS A 66 -11.34 9.71 17.72
CA CYS A 66 -10.58 8.76 18.50
C CYS A 66 -11.11 7.36 18.21
N ASN A 67 -12.40 7.19 18.43
CA ASN A 67 -13.05 5.91 18.18
C ASN A 67 -14.20 6.10 17.19
N LEU A 68 -14.55 5.01 16.53
CA LEU A 68 -15.63 5.04 15.55
C LEU A 68 -16.09 3.61 15.26
N PHE A 69 -17.33 3.51 14.80
CA PHE A 69 -17.90 2.21 14.48
C PHE A 69 -16.93 1.38 13.64
N ASN A 70 -16.23 2.06 12.75
CA ASN A 70 -15.27 1.40 11.88
C ASN A 70 -13.91 1.37 12.57
N THR A 71 -13.38 0.16 12.74
CA THR A 71 -12.09 -0.01 13.37
C THR A 71 -10.96 0.37 12.40
N LEU A 72 -10.14 1.30 12.85
CA LEU A 72 -9.02 1.76 12.03
C LEU A 72 -7.99 0.64 11.91
N THR A 73 -7.98 -0.22 12.92
CA THR A 73 -7.05 -1.34 12.93
C THR A 73 -7.15 -2.13 11.63
N GLU A 74 -8.35 -2.16 11.08
CA GLU A 74 -8.59 -2.88 9.84
C GLU A 74 -7.73 -2.29 8.72
N ALA A 75 -7.71 -0.97 8.66
CA ALA A 75 -6.94 -0.28 7.64
C ALA A 75 -5.44 -0.52 7.89
N ARG A 76 -5.04 -0.26 9.12
CA ARG A 76 -3.65 -0.44 9.51
C ARG A 76 -3.20 -1.88 9.19
N ASP A 77 -4.12 -2.81 9.39
CA ASP A 77 -3.83 -4.21 9.15
C ASP A 77 -3.84 -4.47 7.64
N ALA A 78 -4.67 -3.70 6.94
CA ALA A 78 -4.78 -3.83 5.50
C ALA A 78 -3.45 -3.45 4.85
N ILE A 79 -2.87 -2.37 5.35
CA ILE A 79 -1.60 -1.88 4.82
C ILE A 79 -0.48 -2.83 5.28
N LYS A 80 -0.48 -3.10 6.57
CA LYS A 80 0.53 -3.98 7.14
C LYS A 80 0.40 -5.37 6.52
N ASP A 81 -0.82 -5.70 6.12
CA ASP A 81 -1.09 -6.99 5.51
C ASP A 81 -0.43 -7.03 4.13
N ALA A 82 -0.70 -6.01 3.33
CA ALA A 82 -0.15 -5.93 2.00
C ALA A 82 1.38 -5.76 2.09
N TYR A 83 1.80 -5.07 3.13
CA TYR A 83 3.22 -4.83 3.35
C TYR A 83 3.95 -6.15 3.63
N GLU A 84 3.44 -6.88 4.62
CA GLU A 84 4.03 -8.15 5.00
C GLU A 84 3.82 -9.19 3.89
N SER A 85 2.69 -9.06 3.21
CA SER A 85 2.36 -9.97 2.12
C SER A 85 3.43 -9.90 1.03
N TYR A 86 3.76 -8.67 0.66
CA TYR A 86 4.77 -8.45 -0.37
C TYR A 86 6.16 -8.29 0.25
N CYS A 87 6.17 -8.12 1.56
CA CYS A 87 7.42 -7.94 2.29
C CYS A 87 8.40 -9.01 1.82
N GLY A 88 9.66 -8.62 1.71
CA GLY A 88 10.70 -9.53 1.27
C GLY A 88 11.10 -9.25 -0.18
N ILE A 89 10.43 -8.27 -0.77
CA ILE A 89 10.71 -7.90 -2.14
C ILE A 89 10.99 -6.39 -2.22
N ASP A 90 12.27 -6.07 -2.31
CA ASP A 90 12.68 -4.67 -2.38
C ASP A 90 12.95 -4.31 -3.84
N ASP A 91 12.97 -5.33 -4.69
CA ASP A 91 13.21 -5.13 -6.11
C ASP A 91 12.34 -6.09 -6.91
N CYS A 92 11.78 -5.57 -7.99
CA CYS A 92 10.93 -6.37 -8.85
C CYS A 92 11.69 -7.65 -9.22
N PRO A 93 11.23 -8.79 -8.62
CA PRO A 93 11.86 -10.07 -8.88
C PRO A 93 11.47 -10.60 -10.26
N GLN A 94 10.20 -10.42 -10.58
CA GLN A 94 9.68 -10.88 -11.86
C GLN A 94 10.48 -10.26 -13.00
N CYS A 95 10.89 -9.02 -12.79
CA CYS A 95 11.66 -8.30 -13.80
C CYS A 95 13.09 -8.84 -13.78
N SER A 96 13.54 -9.19 -12.59
CA SER A 96 14.88 -9.73 -12.42
C SER A 96 14.91 -11.21 -12.80
N LYS A 97 13.72 -11.76 -12.98
CA LYS A 97 13.60 -13.17 -13.33
C LYS A 97 13.32 -13.28 -14.83
N TYR A 98 12.70 -12.24 -15.37
CA TYR A 98 12.37 -12.21 -16.79
C TYR A 98 12.52 -10.79 -17.35
N ILE A 99 12.82 -10.73 -18.64
CA ILE A 99 12.99 -9.45 -19.31
C ILE A 99 12.12 -9.43 -20.57
N ASP A 100 11.39 -8.32 -20.73
CA ASP A 100 10.52 -8.16 -21.88
C ASP A 100 11.26 -7.37 -22.96
N ASP A 101 11.73 -8.09 -23.96
CA ASP A 101 12.45 -7.47 -25.06
C ASP A 101 11.45 -6.90 -26.06
N GLU A 16 -12.55 -8.31 0.38
CA GLU A 16 -12.68 -6.99 -0.22
C GLU A 16 -11.48 -6.69 -1.13
N ASP A 17 -11.79 -6.35 -2.37
CA ASP A 17 -10.76 -6.04 -3.35
C ASP A 17 -10.64 -4.53 -3.50
N GLN A 18 -11.75 -3.85 -3.20
CA GLN A 18 -11.79 -2.40 -3.31
C GLN A 18 -10.81 -1.77 -2.33
N GLU A 19 -10.65 -2.43 -1.19
CA GLU A 19 -9.75 -1.95 -0.16
C GLU A 19 -8.35 -1.75 -0.73
N GLN A 20 -7.94 -2.69 -1.57
CA GLN A 20 -6.63 -2.63 -2.19
C GLN A 20 -6.47 -1.32 -2.96
N TRP A 21 -7.52 -0.98 -3.70
CA TRP A 21 -7.51 0.24 -4.49
C TRP A 21 -7.15 1.40 -3.56
N ALA A 22 -7.57 1.27 -2.31
CA ALA A 22 -7.31 2.30 -1.32
C ALA A 22 -5.80 2.52 -1.21
N MET A 23 -5.07 1.43 -1.33
CA MET A 23 -3.62 1.48 -1.25
C MET A 23 -3.04 2.37 -2.36
N GLN A 24 -3.89 2.70 -3.31
CA GLN A 24 -3.48 3.54 -4.43
C GLN A 24 -2.67 4.74 -3.91
N THR A 25 -3.39 5.67 -3.29
CA THR A 25 -2.75 6.86 -2.75
C THR A 25 -1.92 6.51 -1.53
N LEU A 26 -2.56 5.85 -0.58
CA LEU A 26 -1.90 5.45 0.64
C LEU A 26 -0.45 5.05 0.33
N MET A 27 -0.32 4.05 -0.52
CA MET A 27 0.99 3.57 -0.91
C MET A 27 1.69 4.56 -1.85
N GLY A 28 0.87 5.26 -2.63
CA GLY A 28 1.39 6.24 -3.56
C GLY A 28 2.03 7.42 -2.83
N SER A 29 1.83 7.43 -1.52
CA SER A 29 2.37 8.49 -0.69
C SER A 29 3.90 8.41 -0.68
N GLY A 30 4.42 7.35 -1.30
CA GLY A 30 5.85 7.15 -1.36
C GLY A 30 6.33 6.18 -0.28
N VAL A 31 5.36 5.61 0.42
CA VAL A 31 5.65 4.66 1.48
C VAL A 31 6.10 3.34 0.87
N LEU A 32 5.35 2.90 -0.13
CA LEU A 32 5.66 1.65 -0.81
C LEU A 32 6.31 1.96 -2.17
N ALA A 33 6.66 0.90 -2.88
CA ALA A 33 7.28 1.05 -4.18
C ALA A 33 6.54 0.16 -5.19
N ARG A 34 6.32 0.71 -6.37
CA ARG A 34 5.63 -0.01 -7.43
C ARG A 34 6.48 -0.03 -8.70
N CYS A 35 6.43 -1.17 -9.38
CA CYS A 35 7.19 -1.33 -10.61
C CYS A 35 6.55 -0.46 -11.69
N ARG A 36 7.41 0.18 -12.47
CA ARG A 36 6.95 1.06 -13.53
C ARG A 36 6.02 0.29 -14.47
N ILE A 37 6.11 -1.03 -14.40
CA ILE A 37 5.30 -1.90 -15.23
C ILE A 37 4.15 -2.47 -14.40
N HIS A 38 4.35 -2.45 -13.09
CA HIS A 38 3.35 -2.97 -12.17
C HIS A 38 2.86 -1.85 -11.26
N ASN A 39 1.65 -1.36 -11.55
CA ASN A 39 1.06 -0.30 -10.77
C ASN A 39 0.09 -0.90 -9.74
N ASP A 40 -0.35 -2.12 -10.04
CA ASP A 40 -1.27 -2.81 -9.15
C ASP A 40 -0.47 -3.62 -8.13
N VAL A 41 0.82 -3.77 -8.42
CA VAL A 41 1.69 -4.52 -7.53
C VAL A 41 2.23 -3.60 -6.44
N ILE A 42 2.61 -4.21 -5.33
CA ILE A 42 3.14 -3.45 -4.21
C ILE A 42 4.51 -4.01 -3.82
N LEU A 43 5.42 -3.10 -3.52
CA LEU A 43 6.77 -3.49 -3.15
C LEU A 43 7.15 -2.77 -1.86
N ASP A 44 7.78 -3.52 -0.96
CA ASP A 44 8.20 -2.97 0.32
C ASP A 44 9.47 -2.16 0.11
N SER A 45 9.41 -0.91 0.57
CA SER A 45 10.56 -0.01 0.44
C SER A 45 11.29 0.09 1.78
N GLY A 46 10.51 0.07 2.85
CA GLY A 46 11.07 0.15 4.19
C GLY A 46 11.10 1.60 4.67
N ASN A 47 10.14 2.38 4.20
CA ASN A 47 10.05 3.78 4.57
C ASN A 47 9.00 3.95 5.67
N ASP A 48 8.93 5.16 6.20
CA ASP A 48 7.97 5.46 7.25
C ASP A 48 6.56 5.13 6.75
N ALA A 49 5.99 4.09 7.35
CA ALA A 49 4.65 3.65 6.98
C ALA A 49 3.63 4.65 7.55
N SER A 50 4.12 5.52 8.42
CA SER A 50 3.26 6.51 9.04
C SER A 50 2.52 7.30 7.96
N SER A 51 3.17 7.46 6.82
CA SER A 51 2.58 8.18 5.71
C SER A 51 1.39 7.40 5.14
N ALA A 52 1.61 6.11 4.95
CA ALA A 52 0.56 5.25 4.42
C ALA A 52 -0.54 5.08 5.47
N TYR A 53 -0.12 5.16 6.73
CA TYR A 53 -1.05 5.02 7.84
C TYR A 53 -1.96 6.24 7.96
N LYS A 54 -1.34 7.41 7.90
CA LYS A 54 -2.08 8.65 7.99
C LYS A 54 -2.92 8.85 6.72
N LEU A 55 -2.26 8.69 5.58
CA LEU A 55 -2.93 8.84 4.31
C LEU A 55 -3.94 7.71 4.13
N GLY A 56 -3.54 6.53 4.57
CA GLY A 56 -4.40 5.36 4.47
C GLY A 56 -5.71 5.56 5.24
N THR A 57 -5.56 5.97 6.50
CA THR A 57 -6.71 6.21 7.35
C THR A 57 -7.52 7.39 6.82
N TYR A 58 -6.80 8.36 6.26
CA TYR A 58 -7.44 9.54 5.71
C TYR A 58 -8.46 9.17 4.62
N LEU A 59 -7.97 8.39 3.66
CA LEU A 59 -8.82 7.95 2.56
C LEU A 59 -9.83 6.92 3.07
N TYR A 60 -9.32 5.95 3.80
CA TYR A 60 -10.16 4.90 4.34
C TYR A 60 -11.34 5.49 5.12
N GLN A 61 -11.08 6.64 5.73
CA GLN A 61 -12.11 7.33 6.51
C GLN A 61 -12.13 8.81 6.16
N LYS A 62 -13.22 9.21 5.51
CA LYS A 62 -13.38 10.60 5.11
C LYS A 62 -14.32 11.30 6.09
N ASP A 63 -14.49 12.60 5.88
CA ASP A 63 -15.35 13.39 6.74
C ASP A 63 -16.81 13.08 6.42
N ASN A 64 -17.39 12.20 7.24
CA ASN A 64 -18.77 11.81 7.05
C ASN A 64 -19.63 12.41 8.17
N SER A 65 -19.07 12.36 9.37
CA SER A 65 -19.77 12.88 10.55
C SER A 65 -21.02 12.06 10.82
N CYS A 66 -20.96 10.80 10.39
CA CYS A 66 -22.08 9.89 10.60
C CYS A 66 -21.72 8.92 11.73
N ASN A 67 -20.47 8.49 11.72
CA ASN A 67 -19.99 7.57 12.73
C ASN A 67 -19.21 8.35 13.79
N LEU A 68 -18.74 7.62 14.80
CA LEU A 68 -17.99 8.23 15.88
C LEU A 68 -16.49 8.19 15.54
N PHE A 69 -15.98 6.98 15.43
CA PHE A 69 -14.57 6.79 15.11
C PHE A 69 -14.33 5.40 14.52
N ASN A 70 -13.70 5.39 13.35
CA ASN A 70 -13.40 4.15 12.67
C ASN A 70 -12.05 3.61 13.17
N THR A 71 -11.97 2.29 13.24
CA THR A 71 -10.74 1.66 13.70
C THR A 71 -9.67 1.71 12.61
N LEU A 72 -8.56 2.35 12.94
CA LEU A 72 -7.47 2.48 12.00
C LEU A 72 -6.75 1.13 11.86
N THR A 73 -6.95 0.29 12.86
CA THR A 73 -6.35 -1.03 12.86
C THR A 73 -6.64 -1.76 11.54
N GLU A 74 -7.83 -1.51 11.03
CA GLU A 74 -8.24 -2.13 9.77
C GLU A 74 -7.32 -1.68 8.64
N ALA A 75 -7.16 -0.37 8.53
CA ALA A 75 -6.31 0.20 7.50
C ALA A 75 -4.88 -0.29 7.68
N ARG A 76 -4.38 -0.12 8.91
CA ARG A 76 -3.03 -0.55 9.24
C ARG A 76 -2.88 -2.06 9.03
N ASP A 77 -3.98 -2.76 9.23
CA ASP A 77 -3.99 -4.21 9.08
C ASP A 77 -3.88 -4.56 7.60
N ALA A 78 -4.49 -3.72 6.78
CA ALA A 78 -4.47 -3.93 5.34
C ALA A 78 -3.04 -3.75 4.82
N ILE A 79 -2.45 -2.62 5.20
CA ILE A 79 -1.09 -2.31 4.78
C ILE A 79 -0.12 -3.24 5.52
N LYS A 80 -0.51 -3.61 6.72
CA LYS A 80 0.32 -4.49 7.53
C LYS A 80 0.39 -5.87 6.87
N ASP A 81 -0.75 -6.30 6.33
CA ASP A 81 -0.82 -7.58 5.67
C ASP A 81 -0.14 -7.49 4.31
N ALA A 82 -0.45 -6.43 3.59
CA ALA A 82 0.12 -6.21 2.27
C ALA A 82 1.65 -6.15 2.38
N TYR A 83 2.10 -5.31 3.31
CA TYR A 83 3.52 -5.16 3.54
C TYR A 83 4.17 -6.49 3.92
N GLU A 84 3.52 -7.19 4.82
CA GLU A 84 4.02 -8.47 5.28
C GLU A 84 3.85 -9.53 4.19
N SER A 85 2.90 -9.27 3.30
CA SER A 85 2.63 -10.18 2.20
C SER A 85 3.66 -9.98 1.09
N TYR A 86 4.07 -8.73 0.92
CA TYR A 86 5.03 -8.41 -0.11
C TYR A 86 6.42 -8.16 0.50
N CYS A 87 6.47 -8.29 1.82
CA CYS A 87 7.72 -8.09 2.55
C CYS A 87 8.82 -8.86 1.83
N GLY A 88 9.95 -8.20 1.65
CA GLY A 88 11.09 -8.81 0.98
C GLY A 88 11.03 -8.57 -0.53
N ILE A 89 9.98 -7.90 -0.94
CA ILE A 89 9.78 -7.59 -2.35
C ILE A 89 9.75 -6.08 -2.55
N ASP A 90 10.91 -5.52 -2.86
CA ASP A 90 11.02 -4.09 -3.07
C ASP A 90 11.27 -3.81 -4.56
N ASP A 91 11.73 -4.84 -5.25
CA ASP A 91 12.01 -4.73 -6.67
C ASP A 91 11.99 -6.12 -7.31
N CYS A 92 11.62 -6.16 -8.57
CA CYS A 92 11.56 -7.41 -9.30
C CYS A 92 13.00 -7.82 -9.67
N PRO A 93 13.24 -9.16 -9.61
CA PRO A 93 14.56 -9.68 -9.93
C PRO A 93 14.80 -9.68 -11.44
N GLN A 94 13.71 -9.82 -12.18
CA GLN A 94 13.77 -9.84 -13.63
C GLN A 94 13.90 -8.41 -14.17
N CYS A 95 13.02 -7.56 -13.69
CA CYS A 95 13.02 -6.17 -14.11
C CYS A 95 14.40 -5.58 -13.83
N SER A 96 15.01 -6.07 -12.77
CA SER A 96 16.33 -5.60 -12.38
C SER A 96 17.41 -6.41 -13.12
N LYS A 97 17.06 -7.65 -13.43
CA LYS A 97 17.98 -8.52 -14.13
C LYS A 97 17.90 -8.24 -15.63
N TYR A 98 16.97 -7.38 -15.99
CA TYR A 98 16.77 -7.01 -17.39
C TYR A 98 17.81 -5.97 -17.84
N ILE A 99 17.69 -5.56 -19.09
CA ILE A 99 18.60 -4.56 -19.64
C ILE A 99 18.23 -3.19 -19.10
N ASP A 100 19.25 -2.46 -18.66
CA ASP A 100 19.04 -1.13 -18.12
C ASP A 100 19.29 -0.09 -19.22
N ASP A 101 18.20 0.42 -19.75
CA ASP A 101 18.28 1.41 -20.81
C ASP A 101 18.69 2.76 -20.21
N GLU A 16 -7.55 -4.82 -8.10
CA GLU A 16 -8.82 -5.29 -8.65
C GLU A 16 -9.87 -5.38 -7.55
N ASP A 17 -9.50 -4.90 -6.37
CA ASP A 17 -10.40 -4.92 -5.23
C ASP A 17 -10.67 -3.49 -4.78
N GLN A 18 -11.68 -3.35 -3.93
CA GLN A 18 -12.05 -2.04 -3.41
C GLN A 18 -10.97 -1.52 -2.46
N GLU A 19 -10.41 -2.45 -1.69
CA GLU A 19 -9.37 -2.11 -0.73
C GLU A 19 -8.09 -1.69 -1.47
N GLN A 20 -7.72 -2.51 -2.45
CA GLN A 20 -6.53 -2.24 -3.24
C GLN A 20 -6.60 -0.84 -3.86
N TRP A 21 -7.83 -0.44 -4.17
CA TRP A 21 -8.05 0.87 -4.78
C TRP A 21 -7.56 1.93 -3.79
N ALA A 22 -7.69 1.62 -2.52
CA ALA A 22 -7.27 2.54 -1.47
C ALA A 22 -5.74 2.53 -1.39
N MET A 23 -5.18 1.33 -1.41
CA MET A 23 -3.73 1.17 -1.34
C MET A 23 -3.04 2.01 -2.41
N GLN A 24 -3.68 2.08 -3.57
CA GLN A 24 -3.14 2.83 -4.69
C GLN A 24 -2.46 4.12 -4.18
N THR A 25 -3.30 5.08 -3.82
CA THR A 25 -2.80 6.35 -3.30
C THR A 25 -1.90 6.12 -2.09
N LEU A 26 -2.35 5.23 -1.22
CA LEU A 26 -1.61 4.91 -0.01
C LEU A 26 -0.12 4.90 -0.32
N MET A 27 0.32 3.81 -0.94
CA MET A 27 1.72 3.65 -1.30
C MET A 27 2.16 4.75 -2.28
N GLY A 28 1.18 5.25 -3.03
CA GLY A 28 1.45 6.30 -4.00
C GLY A 28 2.06 7.53 -3.32
N SER A 29 1.80 7.64 -2.03
CA SER A 29 2.32 8.76 -1.26
C SER A 29 3.85 8.72 -1.24
N GLY A 30 4.38 7.61 -1.74
CA GLY A 30 5.83 7.43 -1.78
C GLY A 30 6.30 6.58 -0.60
N VAL A 31 5.35 5.96 0.07
CA VAL A 31 5.66 5.11 1.20
C VAL A 31 6.27 3.80 0.70
N LEU A 32 5.61 3.22 -0.28
CA LEU A 32 6.08 1.97 -0.86
C LEU A 32 6.69 2.24 -2.24
N ALA A 33 7.18 1.16 -2.85
CA ALA A 33 7.79 1.27 -4.16
C ALA A 33 6.96 0.48 -5.17
N ARG A 34 6.67 1.14 -6.29
CA ARG A 34 5.89 0.51 -7.34
C ARG A 34 6.64 0.57 -8.67
N CYS A 35 6.42 -0.46 -9.49
CA CYS A 35 7.06 -0.54 -10.78
C CYS A 35 6.17 0.16 -11.82
N ARG A 36 6.78 1.01 -12.61
CA ARG A 36 6.06 1.74 -13.64
C ARG A 36 5.32 0.77 -14.55
N ILE A 37 5.87 -0.44 -14.66
CA ILE A 37 5.28 -1.46 -15.50
C ILE A 37 4.32 -2.30 -14.67
N HIS A 38 4.50 -2.24 -13.36
CA HIS A 38 3.66 -2.98 -12.44
C HIS A 38 2.88 -2.01 -11.56
N ASN A 39 1.60 -1.86 -11.88
CA ASN A 39 0.73 -0.96 -11.12
C ASN A 39 -0.05 -1.78 -10.09
N ASP A 40 -0.22 -3.05 -10.40
CA ASP A 40 -0.95 -3.94 -9.50
C ASP A 40 0.04 -4.73 -8.64
N VAL A 41 1.24 -4.17 -8.52
CA VAL A 41 2.28 -4.80 -7.73
C VAL A 41 2.73 -3.83 -6.63
N ILE A 42 3.06 -4.41 -5.48
CA ILE A 42 3.49 -3.61 -4.34
C ILE A 42 4.84 -4.16 -3.85
N LEU A 43 5.84 -3.30 -3.91
CA LEU A 43 7.18 -3.67 -3.47
C LEU A 43 7.52 -2.92 -2.18
N ASP A 44 8.10 -3.65 -1.25
CA ASP A 44 8.48 -3.08 0.03
C ASP A 44 9.59 -2.04 -0.19
N SER A 45 9.31 -0.82 0.23
CA SER A 45 10.27 0.26 0.08
C SER A 45 11.01 0.49 1.39
N GLY A 46 10.34 0.14 2.48
CA GLY A 46 10.92 0.29 3.80
C GLY A 46 10.94 1.77 4.23
N ASN A 47 10.12 2.55 3.55
CA ASN A 47 10.03 3.97 3.84
C ASN A 47 9.12 4.18 5.05
N ASP A 48 8.99 5.45 5.44
CA ASP A 48 8.15 5.80 6.58
C ASP A 48 6.74 5.27 6.34
N ALA A 49 6.41 4.20 7.06
CA ALA A 49 5.10 3.59 6.95
C ALA A 49 4.05 4.54 7.54
N SER A 50 4.54 5.55 8.23
CA SER A 50 3.67 6.52 8.85
C SER A 50 2.89 7.30 7.78
N SER A 51 3.64 7.83 6.83
CA SER A 51 3.06 8.59 5.74
C SER A 51 1.94 7.78 5.08
N ALA A 52 2.21 6.50 4.91
CA ALA A 52 1.24 5.61 4.29
C ALA A 52 0.04 5.44 5.22
N TYR A 53 0.35 5.13 6.47
CA TYR A 53 -0.70 4.94 7.47
C TYR A 53 -1.58 6.18 7.58
N LYS A 54 -0.97 7.33 7.37
CA LYS A 54 -1.69 8.59 7.44
C LYS A 54 -2.63 8.71 6.23
N LEU A 55 -2.06 8.45 5.06
CA LEU A 55 -2.84 8.52 3.84
C LEU A 55 -3.91 7.43 3.85
N GLY A 56 -3.61 6.35 4.56
CA GLY A 56 -4.55 5.25 4.67
C GLY A 56 -5.68 5.57 5.64
N THR A 57 -5.30 6.14 6.77
CA THR A 57 -6.26 6.51 7.80
C THR A 57 -7.23 7.57 7.26
N TYR A 58 -6.70 8.45 6.42
CA TYR A 58 -7.49 9.50 5.83
C TYR A 58 -8.44 8.95 4.75
N LEU A 59 -7.86 8.20 3.83
CA LEU A 59 -8.63 7.60 2.75
C LEU A 59 -9.70 6.69 3.35
N TYR A 60 -9.27 5.83 4.25
CA TYR A 60 -10.17 4.90 4.90
C TYR A 60 -11.24 5.64 5.70
N GLN A 61 -10.82 6.71 6.36
CA GLN A 61 -11.72 7.51 7.16
C GLN A 61 -12.62 8.35 6.24
N LYS A 62 -13.55 9.06 6.88
CA LYS A 62 -14.47 9.90 6.14
C LYS A 62 -15.13 9.09 5.02
N ASP A 63 -15.55 7.88 5.38
CA ASP A 63 -16.19 7.00 4.42
C ASP A 63 -17.67 7.35 4.33
N ASN A 64 -18.19 7.23 3.11
CA ASN A 64 -19.60 7.53 2.88
C ASN A 64 -20.45 6.86 3.96
N SER A 65 -20.01 5.68 4.37
CA SER A 65 -20.72 4.92 5.39
C SER A 65 -20.28 5.39 6.77
N CYS A 66 -20.90 4.80 7.79
CA CYS A 66 -20.58 5.14 9.17
C CYS A 66 -19.07 4.99 9.36
N ASN A 67 -18.57 5.58 10.43
CA ASN A 67 -17.16 5.52 10.74
C ASN A 67 -16.93 4.50 11.85
N LEU A 68 -18.01 4.21 12.58
CA LEU A 68 -17.93 3.26 13.68
C LEU A 68 -17.57 1.88 13.12
N PHE A 69 -18.32 1.47 12.11
CA PHE A 69 -18.08 0.18 11.48
C PHE A 69 -16.60 0.00 11.12
N ASN A 70 -16.06 1.01 10.46
CA ASN A 70 -14.66 0.98 10.06
C ASN A 70 -13.78 1.26 11.27
N THR A 71 -12.75 0.44 11.41
CA THR A 71 -11.83 0.59 12.52
C THR A 71 -10.42 0.90 12.01
N LEU A 72 -9.68 1.65 12.81
CA LEU A 72 -8.32 2.03 12.44
C LEU A 72 -7.45 0.78 12.43
N THR A 73 -7.67 -0.09 13.40
CA THR A 73 -6.92 -1.32 13.49
C THR A 73 -7.06 -2.14 12.21
N GLU A 74 -8.29 -2.22 11.74
CA GLU A 74 -8.57 -2.96 10.52
C GLU A 74 -7.75 -2.41 9.35
N ALA A 75 -7.80 -1.09 9.20
CA ALA A 75 -7.07 -0.43 8.13
C ALA A 75 -5.57 -0.74 8.28
N ARG A 76 -5.07 -0.51 9.49
CA ARG A 76 -3.67 -0.76 9.78
C ARG A 76 -3.31 -2.20 9.43
N ASP A 77 -4.27 -3.08 9.63
CA ASP A 77 -4.06 -4.49 9.34
C ASP A 77 -4.11 -4.71 7.82
N ALA A 78 -4.88 -3.88 7.15
CA ALA A 78 -5.01 -3.98 5.72
C ALA A 78 -3.68 -3.62 5.06
N ILE A 79 -3.10 -2.52 5.52
CA ILE A 79 -1.83 -2.07 4.99
C ILE A 79 -0.70 -2.92 5.59
N LYS A 80 -0.89 -3.31 6.84
CA LYS A 80 0.10 -4.12 7.54
C LYS A 80 0.13 -5.52 6.92
N ASP A 81 -1.03 -5.94 6.42
CA ASP A 81 -1.15 -7.25 5.81
C ASP A 81 -0.51 -7.22 4.42
N ALA A 82 -0.90 -6.21 3.65
CA ALA A 82 -0.38 -6.06 2.30
C ALA A 82 1.15 -5.89 2.38
N TYR A 83 1.57 -4.99 3.24
CA TYR A 83 2.99 -4.72 3.41
C TYR A 83 3.73 -5.98 3.87
N GLU A 84 3.11 -6.67 4.82
CA GLU A 84 3.69 -7.89 5.35
C GLU A 84 3.63 -9.01 4.31
N SER A 85 2.68 -8.88 3.41
CA SER A 85 2.50 -9.87 2.36
C SER A 85 3.51 -9.63 1.24
N TYR A 86 3.78 -8.35 0.97
CA TYR A 86 4.71 -7.98 -0.07
C TYR A 86 6.06 -7.57 0.54
N CYS A 87 6.15 -7.69 1.85
CA CYS A 87 7.37 -7.34 2.55
C CYS A 87 8.43 -8.39 2.23
N GLY A 88 9.66 -7.92 2.09
CA GLY A 88 10.77 -8.80 1.78
C GLY A 88 11.23 -8.61 0.33
N ILE A 89 10.50 -7.78 -0.39
CA ILE A 89 10.83 -7.51 -1.77
C ILE A 89 10.93 -5.99 -1.99
N ASP A 90 12.17 -5.52 -2.09
CA ASP A 90 12.42 -4.11 -2.28
C ASP A 90 13.20 -3.90 -3.58
N ASP A 91 13.50 -5.01 -4.23
CA ASP A 91 14.25 -4.97 -5.48
C ASP A 91 13.50 -5.77 -6.55
N CYS A 92 13.49 -5.22 -7.75
CA CYS A 92 12.81 -5.87 -8.86
C CYS A 92 13.87 -6.47 -9.78
N PRO A 93 13.95 -7.83 -9.77
CA PRO A 93 14.91 -8.53 -10.60
C PRO A 93 14.46 -8.55 -12.07
N GLN A 94 13.15 -8.59 -12.25
CA GLN A 94 12.58 -8.60 -13.59
C GLN A 94 12.92 -7.31 -14.33
N CYS A 95 12.81 -6.20 -13.60
CA CYS A 95 13.11 -4.90 -14.18
C CYS A 95 14.60 -4.85 -14.51
N SER A 96 15.38 -5.54 -13.70
CA SER A 96 16.82 -5.58 -13.90
C SER A 96 17.18 -6.70 -14.88
N LYS A 97 16.20 -7.57 -15.12
CA LYS A 97 16.40 -8.69 -16.02
C LYS A 97 15.98 -8.28 -17.43
N TYR A 98 15.14 -7.25 -17.49
CA TYR A 98 14.64 -6.75 -18.76
C TYR A 98 15.77 -6.19 -19.61
N ILE A 99 15.41 -5.67 -20.77
CA ILE A 99 16.39 -5.10 -21.68
C ILE A 99 16.43 -3.59 -21.49
N ASP A 100 17.51 -2.98 -21.95
CA ASP A 100 17.69 -1.55 -21.83
C ASP A 100 17.24 -0.88 -23.13
N ASP A 101 16.05 -0.30 -23.08
CA ASP A 101 15.49 0.38 -24.24
C ASP A 101 15.82 1.86 -24.16
#